data_9ENN
#
_entry.id   9ENN
#
_cell.length_a   84.880
_cell.length_b   132.120
_cell.length_c   107.320
_cell.angle_alpha   90.000
_cell.angle_beta   95.928
_cell.angle_gamma   90.000
#
_symmetry.space_group_name_H-M   'P 1 21 1'
#
loop_
_entity.id
_entity.type
_entity.pdbx_description
1 polymer 'L-amino acid oxidase 4'
2 non-polymer 'DIHYDROFLAVINE-ADENINE DINUCLEOTIDE'
3 non-polymer N(6)-ACETYLLYSINE
4 non-polymer 'SULFATE ION'
5 non-polymer R-1,2-PROPANEDIOL
6 non-polymer S-1,2-PROPANEDIOL
7 water water
#
_entity_poly.entity_id   1
_entity_poly.type   'polypeptide(L)'
_entity_poly.pdbx_seq_one_letter_code
;NISVPSSPPGGERVGILGAGIGGLYSALILQSLDVPFEIIEASNRVGGRLFTHKFPNGGKYDYYDVGAMRYPLPKSDDKG
NYQPGVMQRVGQLFTYLGMHKQLIPYYFKSNKSPGFQYFNGVRARIGEGSSFDAPALGINSSLIDIGVTKIVNDAVGPFA
QALFDDLQKHTTTGWDDMMKNDAYSTRSYFSFKYLPSPSFGLPSEHFSTRVINWLETFDKSTGWYDRGLTETVLEAIAFG
EVGDGEVDWRCIDGGSHVLPDTIAAFLHKKGGNAFVMNASVTAIGLENPNKEDSPMVVVAGGQKRKYSHVISTLPLPVLR
TVDLKNSKLDIVQSNALRKLQYGPSIKIGILFKEPWWTTGQDKNGEKFDLVGGQSYTDLPIRTVVYPSYGVNTNAPSNTL
IASYCWTNDAERMGSLIGTGAATYEEQLEHLVLSNLAAVHNTDYQYLKDRLVDVHSWDWNHNPLTMGAFAFFGPGDFQDL
YTSLNRPAANGKLHFAGEALSVRHAWVVGALDSAWRAVYNYLYVTDPAKLPKFFELWGKNAEWFEQPGDGKEPNSDNSLL
EK
;
_entity_poly.pdbx_strand_id   A,B,C,D
#
loop_
_chem_comp.id
_chem_comp.type
_chem_comp.name
_chem_comp.formula
FDA non-polymer 'DIHYDROFLAVINE-ADENINE DINUCLEOTIDE' 'C27 H35 N9 O15 P2'
PGO non-polymer S-1,2-PROPANEDIOL 'C3 H8 O2'
PGR non-polymer R-1,2-PROPANEDIOL 'C3 H8 O2'
SO4 non-polymer 'SULFATE ION' 'O4 S -2'
#
# COMPACT_ATOMS: atom_id res chain seq x y z
N PRO A 8 30.91 40.13 -26.37
CA PRO A 8 30.36 39.02 -25.56
C PRO A 8 30.77 39.11 -24.10
N PRO A 9 29.81 39.10 -23.18
CA PRO A 9 30.17 39.24 -21.75
C PRO A 9 31.15 38.15 -21.33
N GLY A 10 32.15 38.54 -20.54
CA GLY A 10 33.08 37.56 -20.00
C GLY A 10 32.42 36.51 -19.14
N GLY A 11 31.22 36.78 -18.64
CA GLY A 11 30.56 35.86 -17.75
C GLY A 11 29.45 35.05 -18.37
N GLU A 12 29.47 34.86 -19.69
CA GLU A 12 28.48 34.00 -20.33
C GLU A 12 28.53 32.58 -19.77
N ARG A 13 27.37 32.06 -19.40
CA ARG A 13 27.24 30.65 -19.03
C ARG A 13 25.78 30.27 -19.27
N VAL A 14 25.55 29.25 -20.09
CA VAL A 14 24.20 28.84 -20.46
C VAL A 14 23.76 27.71 -19.54
N GLY A 15 22.62 27.90 -18.88
CA GLY A 15 22.00 26.83 -18.14
C GLY A 15 21.11 25.99 -19.03
N ILE A 16 21.41 24.68 -19.12
CA ILE A 16 20.63 23.75 -19.91
C ILE A 16 19.79 22.92 -18.95
N LEU A 17 18.47 22.98 -19.11
CA LEU A 17 17.55 22.28 -18.22
C LEU A 17 17.17 20.96 -18.87
N GLY A 18 17.61 19.85 -18.25
CA GLY A 18 17.30 18.53 -18.74
C GLY A 18 18.47 17.86 -19.41
N ALA A 19 18.84 16.67 -18.93
CA ALA A 19 19.91 15.87 -19.51
C ALA A 19 19.38 14.76 -20.40
N GLY A 20 18.31 15.04 -21.15
CA GLY A 20 17.92 14.18 -22.26
C GLY A 20 18.78 14.46 -23.48
N ILE A 21 18.38 13.86 -24.60
CA ILE A 21 19.22 13.98 -25.79
C ILE A 21 19.23 15.42 -26.30
N GLY A 22 18.14 16.17 -26.09
CA GLY A 22 18.15 17.58 -26.50
C GLY A 22 19.11 18.42 -25.69
N GLY A 23 19.15 18.22 -24.37
CA GLY A 23 20.06 18.99 -23.53
C GLY A 23 21.50 18.57 -23.73
N LEU A 24 21.73 17.27 -23.90
CA LEU A 24 23.08 16.77 -24.15
C LEU A 24 23.62 17.27 -25.48
N TYR A 25 22.77 17.33 -26.50
CA TYR A 25 23.20 17.85 -27.81
C TYR A 25 23.47 19.34 -27.73
N SER A 26 22.62 20.10 -27.04
CA SER A 26 22.91 21.50 -26.78
C SER A 26 24.29 21.67 -26.14
N ALA A 27 24.58 20.85 -25.13
CA ALA A 27 25.86 20.95 -24.45
C ALA A 27 26.99 20.59 -25.41
N LEU A 28 26.78 19.56 -26.23
CA LEU A 28 27.79 19.19 -27.22
C LEU A 28 28.08 20.34 -28.18
N ILE A 29 27.05 21.02 -28.66
CA ILE A 29 27.28 22.13 -29.57
C ILE A 29 28.05 23.23 -28.85
N LEU A 30 27.59 23.61 -27.66
CA LEU A 30 28.24 24.71 -26.94
C LEU A 30 29.69 24.36 -26.60
N GLN A 31 29.94 23.12 -26.16
CA GLN A 31 31.33 22.72 -25.90
C GLN A 31 32.19 22.90 -27.14
N SER A 32 31.66 22.52 -28.31
CA SER A 32 32.41 22.63 -29.56
C SER A 32 32.72 24.09 -29.90
N LEU A 33 31.96 25.03 -29.33
CA LEU A 33 32.15 26.45 -29.57
C LEU A 33 32.78 27.18 -28.38
N ASP A 34 33.22 26.45 -27.37
CA ASP A 34 33.87 27.04 -26.20
C ASP A 34 32.94 28.02 -25.48
N VAL A 35 31.66 27.68 -25.40
CA VAL A 35 30.69 28.44 -24.62
C VAL A 35 30.42 27.70 -23.32
N PRO A 36 30.68 28.30 -22.15
CA PRO A 36 30.42 27.59 -20.89
C PRO A 36 28.94 27.30 -20.71
N PHE A 37 28.65 26.18 -20.05
CA PHE A 37 27.29 25.75 -19.81
C PHE A 37 27.26 24.92 -18.53
N GLU A 38 26.04 24.67 -18.05
CA GLU A 38 25.81 23.73 -16.96
C GLU A 38 24.48 23.03 -17.23
N ILE A 39 24.43 21.71 -17.00
CA ILE A 39 23.23 20.91 -17.20
C ILE A 39 22.60 20.61 -15.84
N ILE A 40 21.32 20.90 -15.73
CA ILE A 40 20.52 20.63 -14.54
C ILE A 40 19.54 19.52 -14.89
N GLU A 41 19.55 18.45 -14.11
CA GLU A 41 18.73 17.27 -14.37
C GLU A 41 18.00 16.87 -13.10
N ALA A 42 16.68 16.63 -13.21
CA ALA A 42 15.86 16.31 -12.05
C ALA A 42 16.20 14.95 -11.48
N SER A 43 16.52 13.98 -12.34
CA SER A 43 16.67 12.59 -11.94
C SER A 43 18.14 12.27 -11.65
N ASN A 44 18.41 10.99 -11.39
CA ASN A 44 19.75 10.50 -11.16
C ASN A 44 20.37 9.88 -12.41
N ARG A 45 19.75 10.08 -13.58
CA ARG A 45 20.20 9.44 -14.81
C ARG A 45 20.12 10.44 -15.95
N VAL A 46 20.98 10.23 -16.96
CA VAL A 46 20.93 10.99 -18.20
C VAL A 46 20.24 10.14 -19.27
N GLY A 47 19.70 10.82 -20.29
CA GLY A 47 19.13 10.16 -21.45
C GLY A 47 17.64 10.40 -21.62
N GLY A 48 16.94 10.69 -20.53
CA GLY A 48 15.53 11.00 -20.62
C GLY A 48 14.75 9.88 -21.27
N ARG A 49 14.06 10.20 -22.36
CA ARG A 49 13.25 9.21 -23.08
C ARG A 49 14.08 8.27 -23.96
N LEU A 50 15.41 8.36 -23.93
CA LEU A 50 16.26 7.24 -24.32
C LEU A 50 16.48 6.46 -23.02
N PHE A 51 15.77 5.36 -22.88
CA PHE A 51 15.66 4.64 -21.61
C PHE A 51 15.69 3.16 -21.95
N THR A 52 16.81 2.49 -21.65
CA THR A 52 17.00 1.07 -21.92
C THR A 52 16.82 0.31 -20.61
N HIS A 53 15.88 -0.63 -20.58
CA HIS A 53 15.70 -1.49 -19.42
C HIS A 53 16.41 -2.82 -19.65
N LYS A 54 17.34 -3.15 -18.75
CA LYS A 54 18.06 -4.42 -18.78
C LYS A 54 17.44 -5.37 -17.77
N PHE A 55 17.07 -6.56 -18.22
CA PHE A 55 16.53 -7.54 -17.29
C PHE A 55 17.69 -8.18 -16.54
N PRO A 56 17.74 -8.08 -15.21
CA PRO A 56 18.89 -8.65 -14.48
C PRO A 56 19.08 -10.14 -14.68
N ASN A 57 17.99 -10.91 -14.82
CA ASN A 57 18.10 -12.36 -14.94
C ASN A 57 18.48 -12.81 -16.35
N GLY A 58 18.68 -11.89 -17.28
CA GLY A 58 18.94 -12.23 -18.66
C GLY A 58 20.39 -12.11 -19.07
N GLY A 59 20.61 -12.33 -20.35
CA GLY A 59 21.93 -12.22 -20.94
C GLY A 59 22.21 -10.84 -21.50
N LYS A 60 23.29 -10.78 -22.29
CA LYS A 60 23.76 -9.51 -22.83
C LYS A 60 22.68 -8.77 -23.61
N TYR A 61 21.89 -9.49 -24.39
CA TYR A 61 20.88 -8.84 -25.23
C TYR A 61 19.48 -8.90 -24.62
N ASP A 62 19.39 -9.19 -23.33
CA ASP A 62 18.10 -9.19 -22.63
C ASP A 62 17.85 -7.83 -22.00
N TYR A 63 17.70 -6.86 -22.90
CA TYR A 63 17.24 -5.52 -22.62
C TYR A 63 16.15 -5.20 -23.63
N TYR A 64 15.40 -4.13 -23.37
CA TYR A 64 14.57 -3.52 -24.40
C TYR A 64 14.55 -2.03 -24.19
N ASP A 65 14.30 -1.30 -25.26
CA ASP A 65 14.24 0.15 -25.19
C ASP A 65 12.81 0.58 -24.89
N VAL A 66 12.65 1.24 -23.73
CA VAL A 66 11.35 1.69 -23.26
C VAL A 66 10.90 2.92 -24.02
N GLY A 67 11.85 3.75 -24.46
CA GLY A 67 11.56 4.88 -25.31
C GLY A 67 12.11 4.66 -26.70
N ALA A 68 13.00 5.55 -27.14
CA ALA A 68 13.47 5.48 -28.52
C ALA A 68 14.21 4.17 -28.77
N MET A 69 13.92 3.56 -29.92
CA MET A 69 14.50 2.26 -30.25
C MET A 69 14.90 2.09 -31.71
N ARG A 70 14.47 2.94 -32.63
CA ARG A 70 14.73 2.72 -34.05
C ARG A 70 14.92 4.04 -34.77
N TYR A 71 15.81 4.03 -35.76
CA TYR A 71 16.25 5.27 -36.41
C TYR A 71 16.24 5.08 -37.92
N PRO A 72 15.31 5.72 -38.64
CA PRO A 72 15.26 5.62 -40.10
C PRO A 72 16.23 6.62 -40.74
N LEU A 73 17.50 6.23 -40.83
CA LEU A 73 18.56 7.14 -41.22
C LEU A 73 18.72 7.20 -42.74
N PRO A 74 19.34 8.26 -43.26
CA PRO A 74 19.74 8.25 -44.66
C PRO A 74 20.80 7.20 -44.89
N LYS A 75 20.98 6.87 -46.17
CA LYS A 75 22.11 6.05 -46.57
C LYS A 75 23.39 6.74 -46.15
N SER A 76 24.42 5.95 -45.86
CA SER A 76 25.70 6.50 -45.44
C SER A 76 26.81 5.71 -46.12
N ASP A 77 27.98 6.33 -46.17
CA ASP A 77 29.14 5.67 -46.76
C ASP A 77 29.99 4.99 -45.68
N ASP A 78 31.14 4.47 -46.08
CA ASP A 78 31.99 3.69 -45.19
C ASP A 78 32.53 4.52 -44.04
N LYS A 79 32.64 5.84 -44.21
CA LYS A 79 33.16 6.72 -43.18
C LYS A 79 32.09 7.37 -42.33
N GLY A 80 30.82 7.03 -42.53
CA GLY A 80 29.80 7.68 -41.73
C GLY A 80 29.35 9.02 -42.25
N ASN A 81 29.61 9.34 -43.51
CA ASN A 81 29.01 10.50 -44.14
C ASN A 81 27.61 10.13 -44.60
N TYR A 82 26.60 10.86 -44.13
CA TYR A 82 25.21 10.55 -44.42
C TYR A 82 24.72 11.40 -45.59
N GLN A 83 23.94 10.77 -46.47
CA GLN A 83 23.25 11.50 -47.51
C GLN A 83 22.25 12.48 -46.90
N PRO A 84 21.88 13.52 -47.65
CA PRO A 84 20.84 14.42 -47.13
C PRO A 84 19.57 13.63 -46.89
N GLY A 85 18.84 14.03 -45.85
CA GLY A 85 17.64 13.32 -45.47
C GLY A 85 17.13 13.81 -44.14
N VAL A 86 15.93 13.36 -43.82
CA VAL A 86 15.23 13.83 -42.63
C VAL A 86 16.06 13.61 -41.37
N MET A 87 16.74 12.47 -41.26
CA MET A 87 17.45 12.12 -40.04
C MET A 87 18.96 12.18 -40.22
N GLN A 88 19.42 12.94 -41.22
CA GLN A 88 20.85 13.11 -41.42
C GLN A 88 21.51 13.65 -40.16
N ARG A 89 20.81 14.56 -39.46
CA ARG A 89 21.38 15.17 -38.26
C ARG A 89 21.64 14.13 -37.18
N VAL A 90 20.76 13.13 -37.08
CA VAL A 90 21.01 12.02 -36.16
C VAL A 90 22.21 11.19 -36.61
N GLY A 91 22.26 10.86 -37.90
CA GLY A 91 23.38 10.07 -38.41
C GLY A 91 24.72 10.74 -38.15
N GLN A 92 24.81 12.04 -38.44
CA GLN A 92 26.05 12.79 -38.23
CA GLN A 92 26.10 12.71 -38.24
C GLN A 92 26.45 12.81 -36.77
N LEU A 93 25.46 12.84 -35.86
CA LEU A 93 25.77 12.80 -34.43
C LEU A 93 26.43 11.48 -34.06
N PHE A 94 25.89 10.36 -34.54
CA PHE A 94 26.54 9.08 -34.32
C PHE A 94 27.98 9.12 -34.80
N THR A 95 28.20 9.61 -36.02
CA THR A 95 29.56 9.64 -36.59
C THR A 95 30.48 10.55 -35.77
N TYR A 96 29.96 11.72 -35.37
CA TYR A 96 30.75 12.64 -34.55
C TYR A 96 31.23 11.96 -33.27
N LEU A 97 30.43 11.08 -32.69
CA LEU A 97 30.73 10.41 -31.44
C LEU A 97 31.50 9.09 -31.63
N GLY A 98 31.88 8.75 -32.86
CA GLY A 98 32.58 7.50 -33.10
C GLY A 98 31.72 6.27 -33.01
N MET A 99 30.41 6.42 -33.20
CA MET A 99 29.46 5.33 -33.02
C MET A 99 28.97 4.72 -34.34
N HIS A 100 29.42 5.23 -35.49
CA HIS A 100 28.82 4.79 -36.75
C HIS A 100 28.92 3.28 -36.89
N LYS A 101 30.03 2.69 -36.45
CA LYS A 101 30.22 1.25 -36.54
C LYS A 101 29.53 0.48 -35.40
N GLN A 102 28.98 1.16 -34.39
CA GLN A 102 28.16 0.49 -33.38
C GLN A 102 26.68 0.44 -33.76
N LEU A 103 26.33 0.94 -34.95
CA LEU A 103 24.97 0.88 -35.45
C LEU A 103 24.74 -0.48 -36.11
N ILE A 104 23.62 -1.11 -35.76
CA ILE A 104 23.30 -2.44 -36.27
C ILE A 104 21.94 -2.35 -36.97
N PRO A 105 21.64 -3.31 -37.84
CA PRO A 105 20.36 -3.25 -38.56
C PRO A 105 19.19 -3.31 -37.60
N TYR A 106 18.18 -2.51 -37.87
CA TYR A 106 16.87 -2.65 -37.26
C TYR A 106 15.94 -3.19 -38.34
N TYR A 107 15.32 -4.33 -38.06
CA TYR A 107 14.44 -4.99 -39.03
C TYR A 107 13.02 -4.47 -38.79
N PHE A 108 12.59 -3.53 -39.65
CA PHE A 108 11.23 -3.00 -39.53
C PHE A 108 10.21 -4.07 -39.88
N LYS A 109 10.50 -4.87 -40.90
CA LYS A 109 9.82 -6.11 -41.21
C LYS A 109 10.73 -7.26 -40.84
N SER A 110 10.13 -8.44 -40.64
CA SER A 110 10.92 -9.60 -40.25
C SER A 110 11.98 -9.90 -41.31
N ASN A 111 13.17 -10.30 -40.85
CA ASN A 111 14.23 -10.67 -41.78
C ASN A 111 14.06 -12.09 -42.30
N LYS A 112 13.11 -12.85 -41.77
CA LYS A 112 12.81 -14.18 -42.30
C LYS A 112 11.35 -14.25 -42.75
N SER A 113 10.52 -15.05 -42.10
CA SER A 113 9.13 -15.11 -42.52
C SER A 113 8.39 -13.88 -42.01
N PRO A 114 7.33 -13.47 -42.71
CA PRO A 114 6.67 -12.22 -42.34
C PRO A 114 5.99 -12.30 -40.98
N GLY A 115 5.88 -11.14 -40.35
CA GLY A 115 5.09 -11.02 -39.14
C GLY A 115 3.62 -11.26 -39.39
N PHE A 116 2.87 -11.30 -38.29
CA PHE A 116 1.47 -11.64 -38.32
C PHE A 116 0.59 -10.39 -38.27
N GLN A 117 -0.61 -10.52 -38.81
CA GLN A 117 -1.70 -9.58 -38.60
C GLN A 117 -2.90 -10.35 -38.05
N TYR A 118 -3.56 -9.81 -37.04
CA TYR A 118 -4.71 -10.47 -36.43
C TYR A 118 -5.77 -9.40 -36.19
N PHE A 119 -6.77 -9.36 -37.09
CA PHE A 119 -7.82 -8.33 -37.07
C PHE A 119 -9.16 -8.99 -37.31
N ASN A 120 -10.16 -8.63 -36.51
CA ASN A 120 -11.50 -9.17 -36.66
C ASN A 120 -11.52 -10.69 -36.58
N GLY A 121 -10.65 -11.25 -35.75
CA GLY A 121 -10.61 -12.69 -35.60
C GLY A 121 -9.96 -13.44 -36.73
N VAL A 122 -9.37 -12.73 -37.70
CA VAL A 122 -8.74 -13.33 -38.87
C VAL A 122 -7.23 -13.16 -38.74
N ARG A 123 -6.50 -14.26 -38.91
CA ARG A 123 -5.05 -14.28 -38.82
C ARG A 123 -4.45 -14.46 -40.20
N ALA A 124 -3.39 -13.71 -40.49
CA ALA A 124 -2.69 -13.83 -41.76
C ALA A 124 -1.26 -13.36 -41.55
N ARG A 125 -0.39 -13.70 -42.49
CA ARG A 125 0.94 -13.10 -42.52
C ARG A 125 0.88 -11.77 -43.26
N ILE A 126 1.73 -10.83 -42.84
CA ILE A 126 1.89 -9.58 -43.59
C ILE A 126 2.22 -9.91 -45.02
N GLY A 127 1.53 -9.26 -45.95
CA GLY A 127 1.75 -9.48 -47.36
C GLY A 127 0.85 -10.53 -48.01
N GLU A 128 0.06 -11.25 -47.23
CA GLU A 128 -0.80 -12.29 -47.79
C GLU A 128 -2.09 -11.77 -48.40
N GLY A 129 -2.39 -10.48 -48.27
CA GLY A 129 -3.55 -9.93 -48.94
C GLY A 129 -4.90 -10.26 -48.33
N SER A 130 -4.95 -10.62 -47.05
CA SER A 130 -6.23 -10.86 -46.40
C SER A 130 -7.05 -9.57 -46.37
N SER A 131 -8.36 -9.72 -46.41
CA SER A 131 -9.26 -8.60 -46.18
C SER A 131 -9.72 -8.51 -44.73
N PHE A 132 -9.38 -9.49 -43.90
CA PHE A 132 -9.72 -9.47 -42.47
C PHE A 132 -11.21 -9.22 -42.26
N ASP A 133 -12.03 -9.89 -43.08
CA ASP A 133 -13.48 -9.86 -42.96
C ASP A 133 -14.05 -8.46 -43.18
N ALA A 134 -13.31 -7.59 -43.87
CA ALA A 134 -13.81 -6.25 -44.14
C ALA A 134 -15.13 -6.21 -44.90
N PRO A 135 -15.46 -7.16 -45.79
CA PRO A 135 -16.80 -7.11 -46.40
C PRO A 135 -17.92 -7.13 -45.36
N ALA A 136 -17.76 -7.89 -44.27
CA ALA A 136 -18.76 -7.94 -43.22
C ALA A 136 -18.90 -6.62 -42.48
N LEU A 137 -17.84 -5.82 -42.49
CA LEU A 137 -17.85 -4.47 -41.95
C LEU A 137 -18.46 -3.47 -42.90
N GLY A 138 -18.80 -3.88 -44.11
CA GLY A 138 -19.38 -2.97 -45.08
C GLY A 138 -18.39 -2.23 -45.94
N ILE A 139 -17.15 -2.71 -46.04
CA ILE A 139 -16.16 -2.11 -46.92
C ILE A 139 -16.32 -2.78 -48.28
N ASN A 140 -16.61 -2.00 -49.31
CA ASN A 140 -16.90 -2.61 -50.60
C ASN A 140 -15.62 -3.13 -51.25
N SER A 141 -15.80 -3.97 -52.27
CA SER A 141 -14.66 -4.70 -52.83
C SER A 141 -13.70 -3.77 -53.56
N SER A 142 -14.18 -2.67 -54.13
CA SER A 142 -13.27 -1.73 -54.78
C SER A 142 -12.28 -1.15 -53.79
N LEU A 143 -12.77 -0.74 -52.61
CA LEU A 143 -11.88 -0.19 -51.60
C LEU A 143 -10.89 -1.25 -51.11
N ILE A 144 -11.36 -2.48 -50.91
CA ILE A 144 -10.48 -3.54 -50.46
C ILE A 144 -9.37 -3.80 -51.48
N ASP A 145 -9.73 -3.83 -52.76
CA ASP A 145 -8.76 -4.11 -53.80
C ASP A 145 -7.68 -3.03 -53.86
N ILE A 146 -8.06 -1.77 -53.68
CA ILE A 146 -7.06 -0.70 -53.59
C ILE A 146 -6.20 -0.87 -52.35
N GLY A 147 -6.84 -1.00 -51.20
CA GLY A 147 -6.11 -1.22 -49.96
C GLY A 147 -5.87 0.07 -49.19
N VAL A 148 -5.72 -0.08 -47.87
CA VAL A 148 -5.57 1.07 -46.97
C VAL A 148 -4.32 1.86 -47.33
N THR A 149 -3.20 1.15 -47.54
CA THR A 149 -1.93 1.84 -47.78
C THR A 149 -2.03 2.78 -48.97
N LYS A 150 -2.55 2.29 -50.09
CA LYS A 150 -2.64 3.11 -51.29
C LYS A 150 -3.58 4.30 -51.09
N ILE A 151 -4.69 4.10 -50.39
CA ILE A 151 -5.63 5.18 -50.14
C ILE A 151 -4.98 6.26 -49.28
N VAL A 152 -4.35 5.84 -48.18
CA VAL A 152 -3.73 6.83 -47.29
C VAL A 152 -2.61 7.55 -48.02
N ASN A 153 -1.83 6.83 -48.82
CA ASN A 153 -0.76 7.47 -49.59
CA ASN A 153 -0.77 7.50 -49.58
C ASN A 153 -1.34 8.49 -50.57
N ASP A 154 -2.50 8.20 -51.16
CA ASP A 154 -3.10 9.14 -52.09
C ASP A 154 -3.50 10.42 -51.39
N ALA A 155 -3.95 10.34 -50.13
CA ALA A 155 -4.37 11.53 -49.38
C ALA A 155 -3.19 12.30 -48.81
N VAL A 156 -2.23 11.58 -48.24
CA VAL A 156 -1.13 12.23 -47.54
C VAL A 156 -0.04 12.65 -48.51
N GLY A 157 0.14 11.91 -49.61
CA GLY A 157 1.24 12.09 -50.52
C GLY A 157 1.48 13.51 -51.03
N PRO A 158 0.45 14.18 -51.54
CA PRO A 158 0.68 15.55 -52.04
C PRO A 158 1.23 16.50 -50.99
N PHE A 159 0.70 16.43 -49.77
CA PHE A 159 1.25 17.26 -48.70
C PHE A 159 2.70 16.88 -48.41
N ALA A 160 2.98 15.57 -48.34
CA ALA A 160 4.31 15.12 -47.96
C ALA A 160 5.33 15.47 -49.03
N GLN A 161 4.95 15.33 -50.30
CA GLN A 161 5.85 15.69 -51.39
C GLN A 161 6.19 17.17 -51.37
N ALA A 162 5.21 18.02 -51.06
CA ALA A 162 5.49 19.44 -50.99
C ALA A 162 6.42 19.79 -49.83
N LEU A 163 6.30 19.06 -48.72
CA LEU A 163 7.19 19.28 -47.59
C LEU A 163 8.59 18.76 -47.87
N PHE A 164 8.68 17.62 -48.57
CA PHE A 164 9.99 17.10 -48.98
C PHE A 164 10.66 18.05 -49.96
N ASP A 165 9.89 18.63 -50.89
CA ASP A 165 10.45 19.64 -51.79
C ASP A 165 11.01 20.82 -51.00
N ASP A 166 10.30 21.27 -49.96
CA ASP A 166 10.81 22.34 -49.12
C ASP A 166 12.22 22.00 -48.61
N LEU A 167 12.39 20.79 -48.10
CA LEU A 167 13.68 20.39 -47.53
C LEU A 167 14.76 20.36 -48.60
N GLN A 168 14.44 19.85 -49.78
CA GLN A 168 15.44 19.74 -50.83
C GLN A 168 15.75 21.08 -51.48
N LYS A 169 14.71 21.88 -51.72
CA LYS A 169 14.87 23.11 -52.47
C LYS A 169 15.06 24.33 -51.57
N HIS A 170 14.94 24.19 -50.26
CA HIS A 170 15.10 25.30 -49.32
C HIS A 170 14.00 26.34 -49.54
N THR A 171 12.76 25.89 -49.39
CA THR A 171 11.59 26.73 -49.50
C THR A 171 10.71 26.48 -48.27
N THR A 172 9.64 27.27 -48.13
CA THR A 172 8.66 27.06 -47.06
C THR A 172 7.24 27.01 -47.60
N THR A 173 7.07 27.03 -48.93
CA THR A 173 5.72 27.01 -49.51
C THR A 173 5.00 25.72 -49.20
N GLY A 174 5.72 24.60 -49.13
CA GLY A 174 5.08 23.36 -48.71
C GLY A 174 4.51 23.47 -47.30
N TRP A 175 5.28 24.05 -46.39
CA TRP A 175 4.79 24.24 -45.03
C TRP A 175 3.63 25.23 -44.99
N ASP A 176 3.75 26.33 -45.73
CA ASP A 176 2.67 27.31 -45.77
C ASP A 176 1.38 26.67 -46.30
N ASP A 177 1.49 25.82 -47.31
CA ASP A 177 0.30 25.11 -47.82
C ASP A 177 -0.21 24.09 -46.78
N MET A 178 0.69 23.38 -46.10
CA MET A 178 0.26 22.52 -45.01
C MET A 178 -0.50 23.33 -43.96
N MET A 179 -0.01 24.53 -43.62
CA MET A 179 -0.67 25.32 -42.58
C MET A 179 -2.05 25.80 -43.02
N LYS A 180 -2.28 26.00 -44.33
CA LYS A 180 -3.62 26.30 -44.82
C LYS A 180 -4.60 25.18 -44.48
N ASN A 181 -4.11 23.98 -44.26
CA ASN A 181 -4.95 22.80 -43.97
C ASN A 181 -4.77 22.30 -42.54
N ASP A 182 -4.12 23.08 -41.68
CA ASP A 182 -3.78 22.57 -40.36
C ASP A 182 -4.99 22.47 -39.43
N ALA A 183 -6.09 23.16 -39.74
CA ALA A 183 -7.29 23.04 -38.91
C ALA A 183 -7.98 21.69 -39.11
N TYR A 184 -7.57 20.91 -40.10
CA TYR A 184 -8.10 19.56 -40.28
C TYR A 184 -7.41 18.57 -39.35
N SER A 185 -8.21 17.69 -38.75
CA SER A 185 -7.71 16.40 -38.32
C SER A 185 -7.63 15.48 -39.53
N THR A 186 -6.92 14.36 -39.40
CA THR A 186 -6.94 13.41 -40.52
C THR A 186 -8.38 13.00 -40.81
N ARG A 187 -9.16 12.77 -39.76
CA ARG A 187 -10.56 12.38 -39.95
C ARG A 187 -11.35 13.47 -40.70
N SER A 188 -11.25 14.74 -40.25
CA SER A 188 -12.06 15.77 -40.89
CA SER A 188 -12.04 15.79 -40.88
C SER A 188 -11.59 16.04 -42.31
N TYR A 189 -10.30 15.84 -42.59
CA TYR A 189 -9.83 15.90 -43.97
C TYR A 189 -10.52 14.85 -44.83
N PHE A 190 -10.58 13.59 -44.36
CA PHE A 190 -11.26 12.56 -45.15
C PHE A 190 -12.76 12.81 -45.22
N SER A 191 -13.37 13.30 -44.13
CA SER A 191 -14.82 13.41 -44.10
C SER A 191 -15.31 14.57 -44.94
N PHE A 192 -14.52 15.64 -45.06
CA PHE A 192 -15.01 16.89 -45.64
C PHE A 192 -14.19 17.44 -46.79
N LYS A 193 -13.04 16.86 -47.12
CA LYS A 193 -12.25 17.47 -48.19
C LYS A 193 -11.69 16.46 -49.19
N TYR A 194 -11.06 15.40 -48.70
CA TYR A 194 -10.39 14.45 -49.60
C TYR A 194 -11.38 13.81 -50.58
N LEU A 195 -10.97 13.73 -51.84
CA LEU A 195 -11.69 12.98 -52.85
C LEU A 195 -10.72 12.02 -53.51
N PRO A 196 -11.12 10.77 -53.76
CA PRO A 196 -10.16 9.79 -54.27
C PRO A 196 -9.66 10.16 -55.66
N SER A 197 -8.41 9.77 -55.92
CA SER A 197 -7.82 9.92 -57.23
C SER A 197 -8.74 9.32 -58.29
N PRO A 198 -8.92 9.98 -59.43
CA PRO A 198 -9.77 9.39 -60.48
C PRO A 198 -9.31 8.01 -60.91
N SER A 199 -8.01 7.71 -60.85
CA SER A 199 -7.53 6.39 -61.25
C SER A 199 -8.10 5.27 -60.38
N PHE A 200 -8.62 5.59 -59.19
CA PHE A 200 -9.18 4.55 -58.32
C PHE A 200 -10.54 4.05 -58.80
N GLY A 201 -11.21 4.79 -59.68
CA GLY A 201 -12.53 4.37 -60.12
C GLY A 201 -13.60 4.36 -59.05
N LEU A 202 -13.41 5.14 -57.98
CA LEU A 202 -14.37 5.22 -56.89
C LEU A 202 -15.31 6.39 -57.10
N PRO A 203 -16.46 6.39 -56.45
CA PRO A 203 -17.31 7.59 -56.49
C PRO A 203 -16.55 8.81 -56.00
N SER A 204 -16.78 9.95 -56.66
CA SER A 204 -16.14 11.19 -56.26
C SER A 204 -16.96 11.79 -55.11
N GLU A 205 -16.86 11.12 -53.97
CA GLU A 205 -17.56 11.45 -52.74
CA GLU A 205 -17.53 11.53 -52.75
C GLU A 205 -16.58 11.29 -51.60
N HIS A 206 -16.79 12.03 -50.50
CA HIS A 206 -15.94 11.84 -49.33
C HIS A 206 -16.27 10.49 -48.70
N PHE A 207 -15.26 9.88 -48.09
CA PHE A 207 -15.43 8.57 -47.48
C PHE A 207 -16.38 8.65 -46.28
N SER A 208 -17.12 7.57 -46.08
CA SER A 208 -17.94 7.43 -44.88
C SER A 208 -17.07 7.21 -43.64
N THR A 209 -17.68 7.45 -42.47
CA THR A 209 -16.98 7.20 -41.23
C THR A 209 -16.57 5.73 -41.09
N ARG A 210 -17.43 4.81 -41.54
CA ARG A 210 -17.09 3.39 -41.51
C ARG A 210 -15.79 3.12 -42.27
N VAL A 211 -15.65 3.72 -43.45
CA VAL A 211 -14.43 3.54 -44.23
C VAL A 211 -13.24 4.22 -43.56
N ILE A 212 -13.44 5.45 -43.05
CA ILE A 212 -12.32 6.16 -42.42
C ILE A 212 -11.83 5.38 -41.20
N ASN A 213 -12.74 4.75 -40.45
CA ASN A 213 -12.34 3.97 -39.29
C ASN A 213 -11.62 2.69 -39.70
N TRP A 214 -11.93 2.15 -40.88
CA TRP A 214 -11.17 1.03 -41.42
C TRP A 214 -9.74 1.46 -41.78
N LEU A 215 -9.58 2.62 -42.41
CA LEU A 215 -8.26 3.16 -42.66
C LEU A 215 -7.48 3.29 -41.35
N GLU A 216 -8.07 3.90 -40.32
CA GLU A 216 -7.33 4.12 -39.08
C GLU A 216 -6.91 2.79 -38.45
N THR A 217 -7.81 1.80 -38.49
CA THR A 217 -7.53 0.50 -37.89
C THR A 217 -6.25 -0.12 -38.40
N PHE A 218 -6.03 -0.05 -39.72
CA PHE A 218 -4.87 -0.68 -40.35
C PHE A 218 -3.73 0.28 -40.57
N ASP A 219 -3.97 1.58 -40.51
CA ASP A 219 -2.92 2.55 -40.77
C ASP A 219 -2.15 2.94 -39.51
N LYS A 220 -2.87 3.22 -38.43
CA LYS A 220 -2.29 3.83 -37.24
CA LYS A 220 -2.19 3.75 -37.24
C LYS A 220 -2.77 3.14 -35.97
N SER A 221 -3.25 3.95 -35.03
CA SER A 221 -3.67 3.53 -33.70
C SER A 221 -5.05 4.12 -33.44
N THR A 222 -5.75 3.59 -32.44
CA THR A 222 -7.12 4.04 -32.18
C THR A 222 -7.10 5.49 -31.74
N GLY A 223 -7.75 6.37 -32.51
CA GLY A 223 -7.82 7.77 -32.19
C GLY A 223 -6.77 8.62 -32.88
N TRP A 224 -5.84 8.01 -33.60
CA TRP A 224 -4.83 8.79 -34.30
C TRP A 224 -5.44 9.85 -35.20
N TYR A 225 -6.51 9.49 -35.92
CA TYR A 225 -7.06 10.36 -36.95
C TYR A 225 -7.78 11.57 -36.39
N ASP A 226 -8.03 11.63 -35.08
CA ASP A 226 -8.62 12.82 -34.49
C ASP A 226 -7.58 13.86 -34.11
N ARG A 227 -6.30 13.55 -34.27
CA ARG A 227 -5.26 14.55 -34.10
C ARG A 227 -5.00 15.24 -35.43
N GLY A 228 -4.03 16.14 -35.46
CA GLY A 228 -3.87 17.00 -36.62
C GLY A 228 -3.48 16.19 -37.86
N LEU A 229 -4.07 16.58 -39.00
CA LEU A 229 -3.63 16.06 -40.29
C LEU A 229 -2.14 16.28 -40.48
N THR A 230 -1.64 17.43 -40.03
CA THR A 230 -0.22 17.76 -40.22
C THR A 230 0.67 16.71 -39.59
N GLU A 231 0.30 16.20 -38.41
CA GLU A 231 1.11 15.16 -37.78
C GLU A 231 1.10 13.88 -38.61
N THR A 232 -0.05 13.52 -39.20
CA THR A 232 -0.07 12.35 -40.08
C THR A 232 0.89 12.54 -41.25
N VAL A 233 0.93 13.74 -41.82
CA VAL A 233 1.83 14.03 -42.94
C VAL A 233 3.28 13.98 -42.46
N LEU A 234 3.58 14.64 -41.34
CA LEU A 234 4.96 14.69 -40.86
C LEU A 234 5.47 13.31 -40.45
N GLU A 235 4.61 12.48 -39.86
CA GLU A 235 5.11 11.17 -39.47
CA GLU A 235 5.00 11.12 -39.47
C GLU A 235 5.30 10.28 -40.69
N ALA A 236 4.53 10.45 -41.77
CA ALA A 236 4.81 9.73 -43.00
C ALA A 236 6.17 10.10 -43.57
N ILE A 237 6.51 11.38 -43.54
CA ILE A 237 7.84 11.81 -43.96
C ILE A 237 8.91 11.13 -43.09
N ALA A 238 8.69 11.14 -41.78
CA ALA A 238 9.70 10.63 -40.85
C ALA A 238 9.88 9.13 -40.98
N PHE A 239 8.79 8.37 -41.16
CA PHE A 239 8.89 6.92 -41.32
C PHE A 239 9.41 6.54 -42.71
N GLY A 240 9.69 7.50 -43.58
CA GLY A 240 10.34 7.20 -44.85
C GLY A 240 9.45 6.90 -46.03
N GLU A 241 8.14 7.14 -45.90
CA GLU A 241 7.19 6.83 -46.97
C GLU A 241 7.16 7.94 -48.02
N VAL A 242 8.32 8.57 -48.26
CA VAL A 242 8.43 9.67 -49.20
C VAL A 242 9.85 9.68 -49.79
N GLU A 246 15.26 6.21 -49.97
CA GLU A 246 14.93 5.23 -48.94
C GLU A 246 15.89 5.26 -47.75
N VAL A 247 15.42 4.68 -46.66
CA VAL A 247 16.10 4.78 -45.38
C VAL A 247 16.79 3.48 -45.01
N ASP A 248 17.80 3.63 -44.16
CA ASP A 248 18.52 2.55 -43.51
C ASP A 248 18.00 2.50 -42.08
N TRP A 249 17.15 1.53 -41.76
CA TRP A 249 16.69 1.40 -40.37
C TRP A 249 17.83 0.86 -39.52
N ARG A 250 18.18 1.58 -38.46
CA ARG A 250 19.23 1.18 -37.53
C ARG A 250 18.73 1.23 -36.09
N CYS A 251 19.39 0.44 -35.24
CA CYS A 251 19.31 0.58 -33.80
C CYS A 251 20.73 0.54 -33.24
N ILE A 252 20.84 0.75 -31.93
CA ILE A 252 22.12 0.92 -31.26
C ILE A 252 22.43 -0.33 -30.46
N ASP A 253 23.58 -0.94 -30.75
CA ASP A 253 24.02 -2.15 -30.07
C ASP A 253 24.19 -1.88 -28.59
N GLY A 254 23.45 -2.61 -27.76
CA GLY A 254 23.39 -2.38 -26.34
C GLY A 254 22.22 -1.53 -25.89
N GLY A 255 21.46 -0.96 -26.82
CA GLY A 255 20.32 -0.15 -26.47
C GLY A 255 20.58 1.33 -26.65
N SER A 256 19.49 2.09 -26.76
CA SER A 256 19.62 3.51 -27.06
C SER A 256 20.36 4.27 -25.96
N HIS A 257 20.45 3.73 -24.74
CA HIS A 257 21.17 4.40 -23.66
C HIS A 257 22.62 4.69 -24.02
N VAL A 258 23.20 3.92 -24.94
CA VAL A 258 24.60 4.11 -25.32
C VAL A 258 24.83 5.52 -25.85
N LEU A 259 23.84 6.08 -26.55
CA LEU A 259 24.03 7.40 -27.16
C LEU A 259 24.19 8.47 -26.10
N PRO A 260 23.24 8.69 -25.18
CA PRO A 260 23.47 9.70 -24.13
C PRO A 260 24.63 9.36 -23.21
N ASP A 261 24.85 8.08 -22.92
CA ASP A 261 26.02 7.74 -22.12
C ASP A 261 27.30 8.19 -22.80
N THR A 262 27.38 8.00 -24.13
CA THR A 262 28.59 8.37 -24.87
C THR A 262 28.77 9.88 -24.92
N ILE A 263 27.67 10.62 -25.04
CA ILE A 263 27.78 12.07 -25.01
C ILE A 263 28.28 12.54 -23.64
N ALA A 264 27.68 12.00 -22.57
CA ALA A 264 28.11 12.40 -21.23
C ALA A 264 29.60 12.11 -21.02
N ALA A 265 30.07 10.96 -21.50
CA ALA A 265 31.49 10.63 -21.36
C ALA A 265 32.37 11.61 -22.12
N PHE A 266 31.93 12.01 -23.31
CA PHE A 266 32.67 12.98 -24.12
C PHE A 266 32.75 14.32 -23.40
N LEU A 267 31.62 14.78 -22.85
CA LEU A 267 31.59 16.07 -22.18
C LEU A 267 32.50 16.09 -20.95
N HIS A 268 32.62 14.95 -20.28
CA HIS A 268 33.42 14.75 -19.08
C HIS A 268 34.89 14.44 -19.34
N LYS A 269 35.29 14.28 -20.60
CA LYS A 269 36.61 13.71 -20.87
C LYS A 269 37.75 14.60 -20.40
N LYS A 270 37.60 15.92 -20.44
CA LYS A 270 38.63 16.77 -19.84
C LYS A 270 38.52 16.83 -18.32
N GLY A 271 37.60 16.05 -17.72
CA GLY A 271 37.43 16.03 -16.28
C GLY A 271 36.44 17.03 -15.72
N GLY A 272 35.76 17.78 -16.58
CA GLY A 272 34.86 18.82 -16.10
C GLY A 272 33.43 18.61 -16.55
N ASN A 273 32.68 19.72 -16.64
CA ASN A 273 31.28 19.72 -17.07
C ASN A 273 30.44 18.78 -16.21
N ALA A 274 30.75 18.73 -14.92
CA ALA A 274 29.90 18.03 -13.95
C ALA A 274 28.45 18.46 -14.12
N PHE A 275 27.57 17.47 -14.26
CA PHE A 275 26.15 17.71 -14.37
C PHE A 275 25.61 17.96 -12.97
N VAL A 276 24.56 18.78 -12.87
CA VAL A 276 23.85 18.96 -11.61
C VAL A 276 22.68 17.98 -11.62
N MET A 277 22.83 16.86 -10.93
CA MET A 277 21.85 15.79 -10.92
C MET A 277 20.93 15.92 -9.70
N ASN A 278 19.81 15.21 -9.77
CA ASN A 278 18.85 15.16 -8.66
C ASN A 278 18.42 16.56 -8.23
N ALA A 279 18.19 17.43 -9.22
CA ALA A 279 17.87 18.83 -8.95
C ALA A 279 16.69 19.19 -9.85
N SER A 280 15.49 19.06 -9.31
CA SER A 280 14.28 19.35 -10.08
CA SER A 280 14.29 19.35 -10.09
C SER A 280 14.05 20.85 -10.14
N VAL A 281 13.85 21.36 -11.36
CA VAL A 281 13.59 22.77 -11.55
C VAL A 281 12.17 23.10 -11.09
N THR A 282 12.05 24.12 -10.24
CA THR A 282 10.76 24.59 -9.76
C THR A 282 10.46 26.04 -10.14
N ALA A 283 11.45 26.81 -10.57
CA ALA A 283 11.20 28.18 -11.00
C ALA A 283 12.27 28.61 -11.99
N ILE A 284 11.85 29.42 -12.98
CA ILE A 284 12.74 30.00 -13.97
C ILE A 284 12.28 31.44 -14.21
N GLY A 285 13.18 32.40 -14.10
CA GLY A 285 12.83 33.77 -14.39
C GLY A 285 14.04 34.68 -14.29
N LEU A 286 13.86 35.88 -14.83
CA LEU A 286 14.88 36.92 -14.72
C LEU A 286 15.03 37.36 -13.26
N GLU A 287 16.28 37.59 -12.85
CA GLU A 287 16.52 38.12 -11.52
C GLU A 287 15.79 39.44 -11.30
N ASN A 288 15.87 40.34 -12.27
CA ASN A 288 15.12 41.59 -12.22
C ASN A 288 14.58 41.85 -13.62
N PRO A 289 13.30 41.55 -13.87
CA PRO A 289 12.78 41.66 -15.24
C PRO A 289 12.75 43.09 -15.77
N ASN A 290 12.93 44.09 -14.92
CA ASN A 290 12.97 45.48 -15.35
C ASN A 290 14.39 45.95 -15.70
N LYS A 291 15.40 45.10 -15.54
CA LYS A 291 16.76 45.42 -15.92
C LYS A 291 17.11 44.68 -17.21
N GLU A 292 17.65 45.41 -18.18
CA GLU A 292 17.93 44.83 -19.49
C GLU A 292 19.04 43.79 -19.42
N ASP A 293 20.04 43.99 -18.56
CA ASP A 293 21.13 43.06 -18.44
C ASP A 293 20.89 41.99 -17.38
N SER A 294 19.64 41.80 -16.97
CA SER A 294 19.38 40.88 -15.87
C SER A 294 19.81 39.46 -16.23
N PRO A 295 20.46 38.75 -15.32
CA PRO A 295 20.67 37.31 -15.53
C PRO A 295 19.39 36.51 -15.31
N MET A 296 19.43 35.26 -15.75
CA MET A 296 18.39 34.30 -15.45
C MET A 296 18.67 33.62 -14.11
N VAL A 297 17.60 33.29 -13.40
CA VAL A 297 17.66 32.53 -12.16
C VAL A 297 16.87 31.25 -12.36
N VAL A 298 17.48 30.12 -12.02
CA VAL A 298 16.83 28.83 -12.04
C VAL A 298 16.87 28.29 -10.62
N VAL A 299 15.70 28.00 -10.05
CA VAL A 299 15.65 27.34 -8.76
C VAL A 299 15.48 25.85 -9.04
N ALA A 300 16.44 25.06 -8.58
CA ALA A 300 16.45 23.61 -8.79
C ALA A 300 17.05 22.95 -7.58
N GLY A 301 16.38 21.91 -7.07
CA GLY A 301 16.82 21.27 -5.85
C GLY A 301 16.89 22.22 -4.68
N GLY A 302 16.05 23.25 -4.67
CA GLY A 302 16.08 24.19 -3.58
C GLY A 302 17.23 25.17 -3.59
N GLN A 303 18.01 25.23 -4.67
CA GLN A 303 19.12 26.16 -4.77
C GLN A 303 18.90 27.10 -5.96
N LYS A 304 19.23 28.38 -5.79
CA LYS A 304 19.22 29.32 -6.90
C LYS A 304 20.52 29.26 -7.67
N ARG A 305 20.41 29.16 -8.99
CA ARG A 305 21.54 29.14 -9.91
C ARG A 305 21.31 30.22 -10.96
N LYS A 306 22.36 30.97 -11.28
CA LYS A 306 22.28 32.10 -12.20
C LYS A 306 23.03 31.80 -13.49
N TYR A 307 22.43 32.22 -14.61
CA TYR A 307 22.97 32.01 -15.95
C TYR A 307 22.71 33.26 -16.78
N SER A 308 23.54 33.45 -17.81
CA SER A 308 23.27 34.54 -18.74
C SER A 308 22.06 34.21 -19.62
N HIS A 309 21.98 32.97 -20.11
CA HIS A 309 20.86 32.47 -20.89
C HIS A 309 20.50 31.06 -20.42
N VAL A 310 19.25 30.67 -20.62
CA VAL A 310 18.79 29.32 -20.27
C VAL A 310 18.20 28.67 -21.51
N ILE A 311 18.61 27.43 -21.78
CA ILE A 311 17.99 26.59 -22.80
C ILE A 311 17.18 25.54 -22.05
N SER A 312 15.87 25.60 -22.18
CA SER A 312 15.00 24.62 -21.55
C SER A 312 14.73 23.47 -22.53
N THR A 313 14.97 22.23 -22.09
CA THR A 313 14.49 21.08 -22.84
C THR A 313 13.37 20.36 -22.08
N LEU A 314 12.77 21.01 -21.10
CA LEU A 314 11.68 20.40 -20.35
C LEU A 314 10.45 20.26 -21.24
N PRO A 315 9.75 19.12 -21.18
CA PRO A 315 8.48 19.00 -21.89
C PRO A 315 7.53 20.12 -21.50
N LEU A 316 6.67 20.51 -22.44
CA LEU A 316 5.75 21.61 -22.18
C LEU A 316 4.87 21.38 -20.96
N PRO A 317 4.28 20.20 -20.74
CA PRO A 317 3.47 20.02 -19.53
C PRO A 317 4.29 20.14 -18.26
N VAL A 318 5.60 19.86 -18.34
CA VAL A 318 6.48 20.07 -17.21
C VAL A 318 6.68 21.56 -16.94
N LEU A 319 6.88 22.34 -17.99
CA LEU A 319 7.00 23.79 -17.80
C LEU A 319 5.77 24.36 -17.13
N ARG A 320 4.59 23.74 -17.36
CA ARG A 320 3.36 24.19 -16.73
C ARG A 320 3.35 23.96 -15.21
N THR A 321 4.24 23.12 -14.69
CA THR A 321 4.40 22.92 -13.26
C THR A 321 5.52 23.75 -12.66
N VAL A 322 6.20 24.57 -13.47
CA VAL A 322 7.32 25.40 -13.03
C VAL A 322 6.82 26.84 -12.90
N ASP A 323 7.32 27.55 -11.91
CA ASP A 323 6.95 28.96 -11.72
C ASP A 323 7.72 29.78 -12.75
N LEU A 324 7.01 30.25 -13.79
CA LEU A 324 7.63 31.06 -14.83
C LEU A 324 7.34 32.55 -14.65
N LYS A 325 6.90 32.94 -13.45
CA LYS A 325 6.85 34.37 -13.13
C LYS A 325 8.26 34.93 -13.26
N ASN A 326 8.35 36.08 -13.90
CA ASN A 326 9.58 36.80 -14.20
C ASN A 326 10.29 36.23 -15.42
N SER A 327 9.76 35.19 -16.09
CA SER A 327 10.21 34.86 -17.44
C SER A 327 9.43 35.62 -18.51
N LYS A 328 8.38 36.34 -18.13
CA LYS A 328 7.71 37.29 -19.02
C LYS A 328 7.29 36.64 -20.34
N LEU A 329 6.71 35.45 -20.27
CA LEU A 329 6.13 34.85 -21.47
C LEU A 329 5.03 35.77 -22.00
N ASP A 330 4.93 35.89 -23.32
CA ASP A 330 3.79 36.63 -23.83
C ASP A 330 2.55 35.73 -23.80
N ILE A 331 1.38 36.32 -24.07
CA ILE A 331 0.11 35.62 -23.86
C ILE A 331 -0.02 34.44 -24.81
N VAL A 332 0.59 34.51 -26.00
CA VAL A 332 0.52 33.38 -26.91
C VAL A 332 1.39 32.24 -26.41
N GLN A 333 2.60 32.56 -25.98
CA GLN A 333 3.51 31.55 -25.45
C GLN A 333 2.90 30.81 -24.26
N SER A 334 2.28 31.55 -23.33
CA SER A 334 1.71 30.89 -22.15
C SER A 334 0.50 30.03 -22.53
N ASN A 335 -0.28 30.44 -23.53
CA ASN A 335 -1.34 29.59 -24.05
C ASN A 335 -0.76 28.35 -24.73
N ALA A 336 0.34 28.53 -25.45
CA ALA A 336 0.97 27.41 -26.15
C ALA A 336 1.40 26.32 -25.19
N LEU A 337 1.97 26.68 -24.04
CA LEU A 337 2.41 25.68 -23.09
C LEU A 337 1.25 24.78 -22.68
N ARG A 338 0.05 25.35 -22.57
CA ARG A 338 -1.10 24.57 -22.13
C ARG A 338 -1.72 23.78 -23.27
N LYS A 339 -1.88 24.41 -24.43
CA LYS A 339 -2.73 23.86 -25.49
C LYS A 339 -1.99 22.92 -26.42
N LEU A 340 -0.71 23.16 -26.69
CA LEU A 340 0.01 22.29 -27.63
C LEU A 340 0.00 20.85 -27.11
N GLN A 341 -0.60 19.96 -27.89
CA GLN A 341 -1.07 18.69 -27.37
C GLN A 341 0.02 17.63 -27.34
N TYR A 342 0.03 16.83 -26.27
CA TYR A 342 0.88 15.65 -26.13
C TYR A 342 0.07 14.38 -26.37
N GLY A 343 0.78 13.30 -26.69
CA GLY A 343 0.18 11.98 -26.86
C GLY A 343 0.76 10.94 -25.92
N PRO A 344 -0.01 9.88 -25.65
CA PRO A 344 0.43 8.84 -24.72
C PRO A 344 1.14 7.69 -25.43
N SER A 345 1.82 6.87 -24.64
CA SER A 345 2.38 5.62 -25.15
C SER A 345 2.71 4.72 -23.97
N ILE A 346 2.57 3.41 -24.19
CA ILE A 346 3.01 2.41 -23.23
C ILE A 346 3.83 1.35 -23.96
N LYS A 347 4.72 0.69 -23.21
CA LYS A 347 5.41 -0.49 -23.71
C LYS A 347 5.44 -1.52 -22.60
N ILE A 348 5.40 -2.79 -23.01
CA ILE A 348 5.50 -3.93 -22.11
C ILE A 348 6.57 -4.84 -22.69
N GLY A 349 7.63 -5.06 -21.93
CA GLY A 349 8.70 -5.96 -22.32
C GLY A 349 8.63 -7.22 -21.46
N ILE A 350 8.86 -8.37 -22.10
CA ILE A 350 8.79 -9.65 -21.42
C ILE A 350 10.06 -10.42 -21.71
N LEU A 351 10.76 -10.82 -20.66
CA LEU A 351 11.86 -11.77 -20.78
C LEU A 351 11.27 -13.18 -20.78
N PHE A 352 11.55 -13.93 -21.85
CA PHE A 352 11.15 -15.32 -21.97
C PHE A 352 12.37 -16.23 -21.80
N LYS A 353 12.12 -17.54 -21.75
CA LYS A 353 13.20 -18.51 -21.61
C LYS A 353 13.96 -18.76 -22.90
N GLU A 354 13.38 -18.36 -24.04
CA GLU A 354 13.92 -18.63 -25.35
C GLU A 354 13.26 -17.68 -26.34
N PRO A 355 13.88 -17.44 -27.49
CA PRO A 355 13.23 -16.60 -28.52
C PRO A 355 12.26 -17.46 -29.33
N TRP A 356 11.13 -17.75 -28.71
CA TRP A 356 10.18 -18.71 -29.28
C TRP A 356 9.63 -18.21 -30.61
N TRP A 357 9.62 -16.89 -30.83
CA TRP A 357 9.16 -16.35 -32.11
C TRP A 357 10.10 -16.73 -33.24
N THR A 358 11.37 -17.03 -32.94
CA THR A 358 12.35 -17.42 -33.95
C THR A 358 12.42 -18.93 -34.14
N THR A 359 12.40 -19.69 -33.06
CA THR A 359 12.65 -21.13 -33.09
C THR A 359 11.40 -21.97 -32.92
N GLY A 360 10.29 -21.39 -32.48
CA GLY A 360 9.14 -22.17 -32.07
C GLY A 360 8.13 -22.39 -33.19
N GLN A 361 7.03 -23.03 -32.82
CA GLN A 361 5.97 -23.38 -33.75
C GLN A 361 4.63 -23.17 -33.08
N ASP A 362 3.60 -22.95 -33.91
CA ASP A 362 2.27 -22.69 -33.39
C ASP A 362 1.57 -24.02 -33.08
N LYS A 363 0.30 -23.94 -32.68
CA LYS A 363 -0.40 -25.11 -32.18
C LYS A 363 -0.61 -26.16 -33.26
N ASN A 364 -0.47 -25.81 -34.53
CA ASN A 364 -0.60 -26.75 -35.62
C ASN A 364 0.75 -27.18 -36.18
N GLY A 365 1.84 -26.82 -35.52
CA GLY A 365 3.15 -27.23 -35.96
C GLY A 365 3.81 -26.31 -36.98
N GLU A 366 3.24 -25.14 -37.23
CA GLU A 366 3.81 -24.21 -38.21
C GLU A 366 4.82 -23.28 -37.53
N LYS A 367 6.03 -23.25 -38.08
CA LYS A 367 7.10 -22.44 -37.51
C LYS A 367 6.78 -20.95 -37.64
N PHE A 368 6.93 -20.19 -36.55
CA PHE A 368 6.76 -18.75 -36.64
C PHE A 368 7.82 -18.15 -37.57
N ASP A 369 9.09 -18.52 -37.36
CA ASP A 369 10.22 -18.12 -38.21
C ASP A 369 10.33 -16.60 -38.34
N LEU A 370 10.26 -15.92 -37.20
CA LEU A 370 10.34 -14.47 -37.15
C LEU A 370 11.70 -14.03 -36.62
N VAL A 371 12.33 -13.09 -37.32
CA VAL A 371 13.60 -12.50 -36.90
C VAL A 371 13.44 -10.99 -37.04
N GLY A 372 13.42 -10.28 -35.92
CA GLY A 372 13.06 -8.88 -35.99
C GLY A 372 11.64 -8.72 -36.54
N GLY A 373 11.36 -7.50 -36.98
CA GLY A 373 10.05 -7.22 -37.52
C GLY A 373 9.02 -7.00 -36.43
N GLN A 374 7.76 -7.02 -36.87
CA GLN A 374 6.63 -6.65 -36.02
C GLN A 374 5.38 -7.43 -36.40
N SER A 375 4.50 -7.60 -35.43
CA SER A 375 3.16 -8.11 -35.68
C SER A 375 2.15 -7.08 -35.20
N TYR A 376 0.97 -7.10 -35.83
CA TYR A 376 -0.07 -6.10 -35.63
C TYR A 376 -1.40 -6.77 -35.36
N THR A 377 -2.21 -6.15 -34.51
CA THR A 377 -3.50 -6.73 -34.15
C THR A 377 -4.40 -5.63 -33.68
N ASP A 378 -5.71 -5.86 -33.75
CA ASP A 378 -6.68 -4.96 -33.13
C ASP A 378 -6.93 -5.33 -31.68
N LEU A 379 -6.31 -6.40 -31.17
CA LEU A 379 -6.37 -6.71 -29.76
C LEU A 379 -5.66 -5.63 -28.94
N PRO A 380 -5.95 -5.56 -27.63
CA PRO A 380 -5.38 -4.49 -26.79
C PRO A 380 -3.88 -4.29 -26.88
N ILE A 381 -3.07 -5.33 -27.11
CA ILE A 381 -1.62 -5.10 -27.18
C ILE A 381 -1.20 -4.34 -28.43
N ARG A 382 -2.02 -4.37 -29.49
CA ARG A 382 -1.87 -3.67 -30.77
C ARG A 382 -0.62 -3.98 -31.60
N THR A 383 0.58 -3.88 -31.02
CA THR A 383 1.82 -4.09 -31.77
C THR A 383 2.80 -4.92 -30.94
N VAL A 384 3.43 -5.89 -31.58
CA VAL A 384 4.48 -6.73 -31.00
C VAL A 384 5.75 -6.45 -31.79
N VAL A 385 6.86 -6.22 -31.09
CA VAL A 385 8.12 -5.93 -31.74
C VAL A 385 9.14 -6.99 -31.32
N TYR A 386 9.62 -7.78 -32.29
CA TYR A 386 10.66 -8.78 -32.06
C TYR A 386 12.04 -8.12 -32.15
N PRO A 387 12.97 -8.48 -31.26
CA PRO A 387 14.24 -7.75 -31.23
C PRO A 387 15.09 -8.00 -32.47
N SER A 388 15.73 -6.92 -32.95
CA SER A 388 16.71 -7.02 -34.03
C SER A 388 18.13 -7.14 -33.52
N TYR A 389 18.38 -6.69 -32.29
CA TYR A 389 19.70 -6.75 -31.72
C TYR A 389 20.00 -8.17 -31.26
N GLY A 390 21.21 -8.64 -31.55
CA GLY A 390 21.72 -9.90 -31.05
C GLY A 390 21.36 -11.14 -31.85
N VAL A 391 20.61 -10.99 -32.95
CA VAL A 391 19.97 -12.15 -33.55
C VAL A 391 20.96 -13.16 -34.12
N ASN A 392 22.13 -12.71 -34.54
CA ASN A 392 23.10 -13.59 -35.15
C ASN A 392 24.22 -13.99 -34.21
N THR A 393 24.14 -13.60 -32.93
CA THR A 393 25.20 -13.91 -32.00
C THR A 393 24.94 -15.27 -31.34
N ASN A 394 25.90 -15.69 -30.50
CA ASN A 394 25.80 -16.97 -29.82
C ASN A 394 24.72 -16.96 -28.73
N ALA A 395 24.25 -15.77 -28.33
CA ALA A 395 23.19 -15.65 -27.33
C ALA A 395 22.18 -14.61 -27.79
N PRO A 396 21.27 -14.97 -28.70
CA PRO A 396 20.22 -14.03 -29.10
C PRO A 396 19.37 -13.60 -27.93
N SER A 397 18.72 -12.45 -28.10
CA SER A 397 17.82 -11.92 -27.09
C SER A 397 16.66 -12.87 -26.87
N ASN A 398 16.30 -13.05 -25.59
CA ASN A 398 15.08 -13.72 -25.17
C ASN A 398 14.00 -12.72 -24.76
N THR A 399 14.18 -11.45 -25.09
CA THR A 399 13.29 -10.38 -24.62
C THR A 399 12.42 -9.87 -25.76
N LEU A 400 11.12 -9.78 -25.50
CA LEU A 400 10.12 -9.37 -26.48
C LEU A 400 9.49 -8.06 -26.05
N ILE A 401 9.21 -7.16 -27.00
CA ILE A 401 8.28 -6.08 -26.75
C ILE A 401 6.89 -6.63 -27.05
N ALA A 402 6.23 -7.10 -25.99
CA ALA A 402 4.94 -7.78 -26.12
C ALA A 402 3.80 -6.82 -26.43
N SER A 403 3.94 -5.54 -26.08
CA SER A 403 2.95 -4.54 -26.43
C SER A 403 3.61 -3.19 -26.59
N TYR A 404 3.26 -2.49 -27.66
CA TYR A 404 3.67 -1.09 -27.87
C TYR A 404 2.45 -0.38 -28.45
N CYS A 405 1.87 0.54 -27.67
CA CYS A 405 0.61 1.20 -27.96
C CYS A 405 0.74 2.72 -28.01
N TRP A 406 -0.14 3.33 -28.81
CA TRP A 406 -0.34 4.76 -28.90
C TRP A 406 -1.78 5.16 -28.59
N THR A 407 -2.00 6.47 -28.52
CA THR A 407 -3.32 7.11 -28.42
C THR A 407 -4.26 6.33 -27.51
N ASN A 408 -5.50 6.08 -27.95
CA ASN A 408 -6.48 5.50 -27.04
C ASN A 408 -6.05 4.12 -26.54
N ASP A 409 -5.35 3.35 -27.36
CA ASP A 409 -4.91 2.02 -26.93
C ASP A 409 -3.94 2.14 -25.76
N ALA A 410 -3.05 3.14 -25.81
CA ALA A 410 -2.14 3.37 -24.70
C ALA A 410 -2.87 3.93 -23.49
N GLU A 411 -3.85 4.81 -23.70
CA GLU A 411 -4.61 5.36 -22.59
C GLU A 411 -5.28 4.25 -21.80
N ARG A 412 -5.96 3.34 -22.51
CA ARG A 412 -6.66 2.26 -21.85
C ARG A 412 -5.68 1.30 -21.17
N MET A 413 -4.63 0.86 -21.88
CA MET A 413 -3.71 -0.08 -21.25
C MET A 413 -3.03 0.51 -20.03
N GLY A 414 -2.82 1.83 -20.02
CA GLY A 414 -2.11 2.47 -18.91
C GLY A 414 -2.77 2.26 -17.56
N SER A 415 -4.08 2.04 -17.53
CA SER A 415 -4.75 1.83 -16.26
C SER A 415 -4.31 0.54 -15.58
N LEU A 416 -3.75 -0.40 -16.33
CA LEU A 416 -3.25 -1.67 -15.77
C LEU A 416 -1.77 -1.63 -15.42
N ILE A 417 -1.08 -0.52 -15.68
CA ILE A 417 0.36 -0.40 -15.50
C ILE A 417 0.65 0.47 -14.30
N GLY A 418 1.60 0.04 -13.48
CA GLY A 418 2.03 0.86 -12.36
C GLY A 418 0.98 1.08 -11.31
N THR A 419 0.06 0.13 -11.14
CA THR A 419 -0.94 0.26 -10.10
C THR A 419 -0.34 0.02 -8.71
N GLY A 420 0.80 -0.65 -8.66
CA GLY A 420 1.39 -1.10 -7.43
C GLY A 420 0.80 -2.36 -6.84
N ALA A 421 -0.20 -2.96 -7.48
CA ALA A 421 -0.95 -4.07 -6.91
C ALA A 421 -0.64 -5.36 -7.65
N ALA A 422 -0.24 -6.39 -6.90
CA ALA A 422 0.05 -7.69 -7.51
C ALA A 422 -1.12 -8.21 -8.34
N THR A 423 -2.35 -7.97 -7.89
CA THR A 423 -3.50 -8.52 -8.62
C THR A 423 -3.63 -7.91 -10.01
N TYR A 424 -3.26 -6.65 -10.17
CA TYR A 424 -3.35 -6.02 -11.48
C TYR A 424 -2.14 -6.34 -12.34
N GLU A 425 -0.96 -6.53 -11.72
CA GLU A 425 0.19 -7.03 -12.47
C GLU A 425 -0.13 -8.39 -13.07
N GLU A 426 -0.82 -9.26 -12.32
CA GLU A 426 -1.19 -10.57 -12.82
C GLU A 426 -2.25 -10.47 -13.92
N GLN A 427 -3.23 -9.58 -13.73
CA GLN A 427 -4.23 -9.35 -14.77
C GLN A 427 -3.57 -8.85 -16.05
N LEU A 428 -2.61 -7.93 -15.92
CA LEU A 428 -1.93 -7.41 -17.09
C LEU A 428 -1.17 -8.51 -17.80
N GLU A 429 -0.41 -9.31 -17.05
CA GLU A 429 0.36 -10.37 -17.67
C GLU A 429 -0.54 -11.35 -18.42
N HIS A 430 -1.68 -11.70 -17.81
CA HIS A 430 -2.56 -12.68 -18.44
C HIS A 430 -3.18 -12.13 -19.71
N LEU A 431 -3.57 -10.85 -19.68
CA LEU A 431 -4.11 -10.23 -20.89
C LEU A 431 -3.07 -10.21 -22.00
N VAL A 432 -1.85 -9.80 -21.68
CA VAL A 432 -0.83 -9.69 -22.70
C VAL A 432 -0.52 -11.06 -23.30
N LEU A 433 -0.36 -12.07 -22.44
CA LEU A 433 -0.06 -13.41 -22.95
C LEU A 433 -1.22 -13.97 -23.75
N SER A 434 -2.46 -13.75 -23.29
CA SER A 434 -3.63 -14.19 -24.04
C SER A 434 -3.68 -13.54 -25.42
N ASN A 435 -3.39 -12.23 -25.49
CA ASN A 435 -3.37 -11.54 -26.77
C ASN A 435 -2.27 -12.10 -27.67
N LEU A 436 -1.07 -12.27 -27.11
CA LEU A 436 0.03 -12.84 -27.89
C LEU A 436 -0.33 -14.23 -28.42
N ALA A 437 -1.00 -15.05 -27.61
CA ALA A 437 -1.36 -16.40 -28.05
C ALA A 437 -2.32 -16.34 -29.22
N ALA A 438 -3.30 -15.43 -29.18
CA ALA A 438 -4.25 -15.31 -30.27
C ALA A 438 -3.57 -14.81 -31.54
N VAL A 439 -2.67 -13.83 -31.42
CA VAL A 439 -1.97 -13.31 -32.59
C VAL A 439 -1.15 -14.41 -33.26
N HIS A 440 -0.45 -15.23 -32.47
CA HIS A 440 0.50 -16.18 -33.03
C HIS A 440 -0.06 -17.58 -33.23
N ASN A 441 -1.31 -17.81 -32.81
CA ASN A 441 -1.98 -19.11 -32.89
C ASN A 441 -1.31 -20.15 -31.97
N THR A 442 -1.09 -19.76 -30.72
CA THR A 442 -0.65 -20.69 -29.69
C THR A 442 -1.68 -20.73 -28.58
N ASP A 443 -1.49 -21.63 -27.62
CA ASP A 443 -2.30 -21.56 -26.41
CA ASP A 443 -2.25 -21.64 -26.38
C ASP A 443 -1.60 -20.68 -25.38
N TYR A 444 -2.39 -20.22 -24.41
CA TYR A 444 -1.84 -19.36 -23.35
C TYR A 444 -0.71 -20.06 -22.61
N GLN A 445 -0.88 -21.34 -22.30
CA GLN A 445 0.09 -22.03 -21.46
C GLN A 445 1.44 -22.17 -22.15
N TYR A 446 1.45 -22.27 -23.49
CA TYR A 446 2.71 -22.27 -24.23
C TYR A 446 3.56 -21.05 -23.89
N LEU A 447 2.93 -19.89 -23.82
CA LEU A 447 3.69 -18.67 -23.54
C LEU A 447 3.94 -18.51 -22.04
N LYS A 448 2.94 -18.83 -21.20
CA LYS A 448 3.15 -18.74 -19.77
C LYS A 448 4.30 -19.63 -19.33
N ASP A 449 4.38 -20.84 -19.88
CA ASP A 449 5.47 -21.75 -19.53
C ASP A 449 6.84 -21.14 -19.81
N ARG A 450 6.92 -20.21 -20.77
CA ARG A 450 8.19 -19.65 -21.17
C ARG A 450 8.46 -18.28 -20.55
N LEU A 451 7.55 -17.76 -19.76
CA LEU A 451 7.72 -16.42 -19.23
C LEU A 451 8.64 -16.42 -18.03
N VAL A 452 9.54 -15.43 -17.99
CA VAL A 452 10.47 -15.23 -16.87
C VAL A 452 10.13 -13.95 -16.10
N ASP A 453 10.09 -12.80 -16.79
CA ASP A 453 9.83 -11.53 -16.12
CA ASP A 453 9.90 -11.51 -16.14
C ASP A 453 9.17 -10.54 -17.07
N VAL A 454 8.47 -9.59 -16.48
CA VAL A 454 7.70 -8.56 -17.19
C VAL A 454 8.14 -7.20 -16.69
N HIS A 455 8.33 -6.25 -17.60
CA HIS A 455 8.57 -4.87 -17.25
C HIS A 455 7.59 -4.05 -18.09
N SER A 456 6.90 -3.09 -17.46
CA SER A 456 5.92 -2.28 -18.15
C SER A 456 6.12 -0.81 -17.80
N TRP A 457 5.74 0.06 -18.73
CA TRP A 457 6.00 1.48 -18.60
C TRP A 457 4.91 2.26 -19.31
N ASP A 458 4.41 3.30 -18.63
CA ASP A 458 3.39 4.20 -19.14
C ASP A 458 3.97 5.61 -19.13
N TRP A 459 4.32 6.12 -20.30
CA TRP A 459 4.91 7.45 -20.38
C TRP A 459 3.91 8.56 -20.08
N ASN A 460 2.62 8.25 -20.01
CA ASN A 460 1.60 9.22 -19.63
C ASN A 460 1.27 9.15 -18.14
N HIS A 461 1.99 8.34 -17.38
CA HIS A 461 1.97 8.39 -15.91
CA HIS A 461 1.96 8.31 -15.91
C HIS A 461 3.41 8.40 -15.42
N ASN A 462 4.09 9.48 -15.79
CA ASN A 462 5.50 9.66 -15.49
C ASN A 462 5.76 11.14 -15.29
N PRO A 463 6.05 11.58 -14.06
CA PRO A 463 6.20 13.02 -13.80
C PRO A 463 7.29 13.68 -14.61
N LEU A 464 8.29 12.94 -15.08
CA LEU A 464 9.37 13.56 -15.83
C LEU A 464 9.04 13.83 -17.29
N THR A 465 7.92 13.26 -17.81
CA THR A 465 7.53 13.47 -19.19
C THR A 465 6.11 13.99 -19.35
N MET A 466 5.17 13.51 -18.52
CA MET A 466 3.78 13.95 -18.50
C MET A 466 3.15 13.78 -19.88
N GLY A 467 3.36 12.60 -20.45
CA GLY A 467 3.02 12.30 -21.82
C GLY A 467 4.23 11.65 -22.48
N ALA A 468 3.99 10.91 -23.56
CA ALA A 468 5.10 10.30 -24.28
C ALA A 468 5.86 11.31 -25.10
N PHE A 469 5.14 12.20 -25.78
CA PHE A 469 5.75 13.13 -26.71
C PHE A 469 4.68 14.05 -27.25
N ALA A 470 5.14 15.13 -27.87
CA ALA A 470 4.22 16.01 -28.58
C ALA A 470 3.47 15.22 -29.64
N PHE A 471 2.16 15.46 -29.73
CA PHE A 471 1.30 14.88 -30.77
C PHE A 471 0.17 15.90 -30.97
N PHE A 472 0.43 16.91 -31.80
CA PHE A 472 -0.40 18.10 -31.85
C PHE A 472 -1.80 17.82 -32.39
N GLY A 473 -2.78 18.52 -31.84
CA GLY A 473 -4.11 18.52 -32.43
C GLY A 473 -4.19 19.50 -33.58
N PRO A 474 -5.32 19.46 -34.29
CA PRO A 474 -5.52 20.40 -35.40
C PRO A 474 -5.43 21.84 -34.91
N GLY A 475 -4.78 22.69 -35.70
CA GLY A 475 -4.62 24.09 -35.36
C GLY A 475 -3.38 24.42 -34.55
N ASP A 476 -2.79 23.44 -33.86
CA ASP A 476 -1.66 23.71 -32.98
C ASP A 476 -0.47 24.29 -33.75
N PHE A 477 -0.09 23.64 -34.85
CA PHE A 477 1.08 24.11 -35.61
C PHE A 477 0.83 25.49 -36.21
N GLN A 478 -0.40 25.73 -36.70
CA GLN A 478 -0.67 26.98 -37.40
CA GLN A 478 -0.65 26.99 -37.41
C GLN A 478 -0.81 28.17 -36.45
N ASP A 479 -1.28 27.92 -35.23
CA ASP A 479 -1.69 28.96 -34.29
C ASP A 479 -0.66 29.24 -33.21
N LEU A 480 -0.09 28.20 -32.61
CA LEU A 480 0.65 28.33 -31.36
C LEU A 480 2.12 27.92 -31.43
N TYR A 481 2.50 27.09 -32.40
CA TYR A 481 3.85 26.55 -32.44
C TYR A 481 4.91 27.63 -32.56
N THR A 482 4.70 28.62 -33.43
CA THR A 482 5.77 29.58 -33.67
C THR A 482 6.08 30.42 -32.45
N SER A 483 5.09 30.59 -31.55
CA SER A 483 5.30 31.45 -30.39
C SER A 483 6.43 30.92 -29.51
N LEU A 484 6.61 29.60 -29.45
CA LEU A 484 7.65 29.05 -28.59
C LEU A 484 9.00 28.97 -29.29
N ASN A 485 9.05 29.22 -30.60
CA ASN A 485 10.34 29.39 -31.25
CA ASN A 485 10.30 29.42 -31.32
C ASN A 485 10.87 30.81 -31.10
N ARG A 486 10.08 31.73 -30.54
CA ARG A 486 10.62 33.01 -30.08
C ARG A 486 11.07 32.84 -28.62
N PRO A 487 12.16 33.48 -28.22
CA PRO A 487 12.58 33.38 -26.81
C PRO A 487 11.62 34.14 -25.91
N ALA A 488 11.72 33.85 -24.62
CA ALA A 488 11.07 34.64 -23.56
C ALA A 488 12.16 35.28 -22.69
N ALA A 489 11.72 35.93 -21.60
CA ALA A 489 12.64 36.48 -20.59
C ALA A 489 13.64 37.47 -21.20
N ASN A 490 13.11 38.46 -21.92
CA ASN A 490 13.94 39.48 -22.55
C ASN A 490 15.03 38.84 -23.43
N GLY A 491 14.65 37.78 -24.13
CA GLY A 491 15.55 37.11 -25.04
C GLY A 491 16.44 36.05 -24.41
N LYS A 492 16.33 35.80 -23.11
CA LYS A 492 17.28 34.95 -22.41
C LYS A 492 16.75 33.57 -22.06
N LEU A 493 15.49 33.26 -22.35
CA LEU A 493 14.95 31.93 -22.15
C LEU A 493 14.59 31.33 -23.51
N HIS A 494 15.20 30.20 -23.83
CA HIS A 494 15.04 29.54 -25.13
C HIS A 494 14.33 28.20 -24.92
N PHE A 495 13.22 28.01 -25.63
CA PHE A 495 12.43 26.79 -25.50
C PHE A 495 12.96 25.75 -26.48
N ALA A 496 13.24 24.54 -25.98
CA ALA A 496 13.72 23.46 -26.83
C ALA A 496 13.14 22.15 -26.30
N GLY A 497 13.68 21.04 -26.80
CA GLY A 497 13.06 19.74 -26.64
C GLY A 497 12.23 19.38 -27.88
N GLU A 498 11.93 18.09 -28.01
CA GLU A 498 11.34 17.58 -29.27
C GLU A 498 10.01 18.25 -29.61
N ALA A 499 9.28 18.75 -28.63
CA ALA A 499 8.03 19.44 -28.95
C ALA A 499 8.28 20.61 -29.90
N LEU A 500 9.44 21.25 -29.78
CA LEU A 500 9.79 22.40 -30.62
C LEU A 500 10.45 21.95 -31.92
N SER A 501 9.72 21.12 -32.66
CA SER A 501 10.19 20.64 -33.95
C SER A 501 8.99 20.21 -34.77
N VAL A 502 9.25 19.83 -36.02
CA VAL A 502 8.27 19.17 -36.87
C VAL A 502 8.59 17.68 -37.00
N ARG A 503 9.38 17.15 -36.07
CA ARG A 503 9.67 15.72 -35.98
C ARG A 503 9.35 15.23 -34.57
N HIS A 504 8.11 15.46 -34.18
CA HIS A 504 7.64 14.99 -32.88
C HIS A 504 7.82 13.49 -32.75
N ALA A 505 8.23 13.07 -31.55
CA ALA A 505 8.41 11.67 -31.19
C ALA A 505 9.59 11.04 -31.91
N TRP A 506 10.56 11.87 -32.30
CA TRP A 506 11.83 11.41 -32.84
C TRP A 506 12.99 12.13 -32.17
N VAL A 507 14.12 11.43 -32.07
CA VAL A 507 15.36 12.05 -31.59
C VAL A 507 15.70 13.27 -32.43
N VAL A 508 15.50 13.19 -33.76
CA VAL A 508 15.89 14.31 -34.60
C VAL A 508 15.12 15.57 -34.22
N GLY A 509 13.90 15.43 -33.73
CA GLY A 509 13.16 16.60 -33.28
C GLY A 509 13.84 17.31 -32.12
N ALA A 510 14.31 16.55 -31.13
CA ALA A 510 15.06 17.15 -30.04
C ALA A 510 16.33 17.82 -30.56
N LEU A 511 17.04 17.17 -31.49
CA LEU A 511 18.27 17.75 -32.01
C LEU A 511 18.01 19.05 -32.77
N ASP A 512 16.97 19.06 -33.62
CA ASP A 512 16.60 20.28 -34.33
C ASP A 512 16.30 21.42 -33.37
N SER A 513 15.56 21.10 -32.29
CA SER A 513 15.20 22.13 -31.32
C SER A 513 16.44 22.69 -30.66
N ALA A 514 17.45 21.86 -30.44
CA ALA A 514 18.69 22.32 -29.84
C ALA A 514 19.46 23.21 -30.80
N TRP A 515 19.52 22.83 -32.08
CA TRP A 515 20.14 23.69 -33.08
C TRP A 515 19.49 25.07 -33.07
N ARG A 516 18.16 25.13 -33.04
CA ARG A 516 17.49 26.43 -33.12
C ARG A 516 17.72 27.26 -31.85
N ALA A 517 17.74 26.60 -30.68
CA ALA A 517 17.97 27.36 -29.45
C ALA A 517 19.38 27.94 -29.42
N VAL A 518 20.39 27.13 -29.79
CA VAL A 518 21.77 27.61 -29.81
C VAL A 518 21.95 28.68 -30.88
N TYR A 519 21.31 28.50 -32.04
CA TYR A 519 21.38 29.50 -33.09
C TYR A 519 20.93 30.86 -32.56
N ASN A 520 19.76 30.91 -31.91
CA ASN A 520 19.27 32.17 -31.38
C ASN A 520 20.20 32.74 -30.32
N TYR A 521 20.71 31.87 -29.44
CA TYR A 521 21.65 32.31 -28.42
C TYR A 521 22.88 32.95 -29.06
N LEU A 522 23.48 32.29 -30.05
CA LEU A 522 24.66 32.85 -30.69
C LEU A 522 24.32 34.13 -31.44
N TYR A 523 23.17 34.14 -32.11
CA TYR A 523 22.77 35.32 -32.89
C TYR A 523 22.72 36.56 -32.02
N VAL A 524 22.21 36.43 -30.80
CA VAL A 524 22.07 37.59 -29.93
C VAL A 524 23.28 37.83 -29.03
N THR A 525 24.17 36.82 -28.84
CA THR A 525 25.27 37.02 -27.90
C THR A 525 26.67 36.97 -28.51
N ASP A 526 26.93 36.12 -29.50
CA ASP A 526 28.27 36.00 -30.08
C ASP A 526 28.18 35.56 -31.53
N PRO A 527 27.77 36.46 -32.42
CA PRO A 527 27.62 36.08 -33.83
C PRO A 527 28.92 35.67 -34.50
N ALA A 528 30.08 36.02 -33.91
CA ALA A 528 31.33 35.57 -34.50
C ALA A 528 31.47 34.06 -34.49
N LYS A 529 30.66 33.35 -33.71
CA LYS A 529 30.70 31.89 -33.68
C LYS A 529 29.81 31.24 -34.73
N LEU A 530 29.02 32.01 -35.47
CA LEU A 530 28.09 31.40 -36.41
C LEU A 530 28.80 30.61 -37.50
N PRO A 531 29.89 31.10 -38.13
CA PRO A 531 30.53 30.28 -39.16
C PRO A 531 30.93 28.90 -38.67
N LYS A 532 31.56 28.81 -37.50
CA LYS A 532 31.96 27.51 -36.97
C LYS A 532 30.74 26.67 -36.60
N PHE A 533 29.72 27.32 -36.04
CA PHE A 533 28.45 26.65 -35.73
C PHE A 533 27.84 26.02 -36.98
N PHE A 534 27.75 26.80 -38.07
CA PHE A 534 27.20 26.28 -39.32
C PHE A 534 28.05 25.12 -39.85
N GLU A 535 29.37 25.27 -39.82
CA GLU A 535 30.26 24.26 -40.36
C GLU A 535 30.13 22.95 -39.61
N LEU A 536 30.06 23.00 -38.28
CA LEU A 536 30.02 21.77 -37.51
C LEU A 536 28.62 21.16 -37.44
N TRP A 537 27.59 22.01 -37.36
CA TRP A 537 26.25 21.54 -37.02
C TRP A 537 25.20 21.89 -38.07
N GLY A 538 25.60 22.43 -39.21
CA GLY A 538 24.67 22.63 -40.28
C GLY A 538 24.24 24.08 -40.41
N LYS A 539 23.95 24.49 -41.65
CA LYS A 539 23.54 25.85 -41.98
C LYS A 539 22.09 26.13 -41.61
N ASN A 540 21.29 25.08 -41.49
CA ASN A 540 19.87 25.14 -41.21
C ASN A 540 19.50 23.98 -40.29
N ALA A 541 18.42 24.15 -39.54
CA ALA A 541 17.94 23.05 -38.72
C ALA A 541 17.52 21.85 -39.58
N GLU A 542 16.61 22.09 -40.53
CA GLU A 542 15.95 21.06 -41.31
C GLU A 542 16.34 21.04 -42.78
N TRP A 543 16.47 22.20 -43.42
CA TRP A 543 16.80 22.24 -44.85
C TRP A 543 18.02 21.38 -45.13
N PHE A 544 17.93 20.57 -46.20
CA PHE A 544 18.92 19.55 -46.48
C PHE A 544 20.27 20.15 -46.87
N GLU A 545 21.34 19.40 -46.60
CA GLU A 545 22.65 19.74 -47.11
C GLU A 545 23.51 18.49 -47.20
N GLN A 546 24.51 18.54 -48.07
CA GLN A 546 25.35 17.37 -48.38
C GLN A 546 26.22 16.92 -47.22
N GLU B 12 -34.50 -19.46 -15.30
CA GLU B 12 -34.28 -18.06 -15.67
C GLU B 12 -33.60 -17.29 -14.52
N ARG B 13 -32.40 -16.76 -14.78
CA ARG B 13 -31.70 -15.94 -13.79
C ARG B 13 -30.70 -15.06 -14.53
N VAL B 14 -30.78 -13.76 -14.29
CA VAL B 14 -29.95 -12.79 -15.01
C VAL B 14 -28.70 -12.52 -14.19
N GLY B 15 -27.54 -12.69 -14.82
CA GLY B 15 -26.29 -12.24 -14.24
C GLY B 15 -26.01 -10.80 -14.62
N ILE B 16 -25.90 -9.93 -13.61
CA ILE B 16 -25.62 -8.52 -13.79
C ILE B 16 -24.16 -8.29 -13.43
N LEU B 17 -23.38 -7.81 -14.38
CA LEU B 17 -21.95 -7.62 -14.20
C LEU B 17 -21.68 -6.16 -13.82
N GLY B 18 -21.24 -5.96 -12.57
CA GLY B 18 -20.91 -4.64 -12.06
C GLY B 18 -21.97 -4.10 -11.13
N ALA B 19 -21.59 -3.75 -9.90
CA ALA B 19 -22.50 -3.16 -8.91
C ALA B 19 -22.35 -1.64 -8.84
N GLY B 20 -22.15 -0.99 -9.98
CA GLY B 20 -22.33 0.44 -10.10
C GLY B 20 -23.79 0.80 -10.19
N ILE B 21 -24.06 2.08 -10.49
CA ILE B 21 -25.45 2.51 -10.46
C ILE B 21 -26.23 1.85 -11.61
N GLY B 22 -25.57 1.55 -12.73
CA GLY B 22 -26.25 0.86 -13.81
C GLY B 22 -26.66 -0.56 -13.44
N GLY B 23 -25.77 -1.30 -12.80
CA GLY B 23 -26.10 -2.65 -12.38
C GLY B 23 -27.12 -2.67 -11.27
N LEU B 24 -27.00 -1.74 -10.31
CA LEU B 24 -27.96 -1.68 -9.21
C LEU B 24 -29.35 -1.31 -9.70
N TYR B 25 -29.45 -0.42 -10.70
CA TYR B 25 -30.75 -0.06 -11.26
C TYR B 25 -31.35 -1.21 -12.05
N SER B 26 -30.53 -1.91 -12.84
CA SER B 26 -31.01 -3.12 -13.51
C SER B 26 -31.61 -4.08 -12.49
N ALA B 27 -30.92 -4.27 -11.37
CA ALA B 27 -31.41 -5.18 -10.34
C ALA B 27 -32.71 -4.68 -9.75
N LEU B 28 -32.81 -3.38 -9.52
CA LEU B 28 -34.05 -2.80 -8.99
C LEU B 28 -35.22 -3.08 -9.93
N ILE B 29 -35.00 -2.95 -11.24
CA ILE B 29 -36.07 -3.23 -12.19
C ILE B 29 -36.45 -4.70 -12.15
N LEU B 30 -35.44 -5.59 -12.21
CA LEU B 30 -35.74 -7.01 -12.24
C LEU B 30 -36.45 -7.46 -10.97
N GLN B 31 -36.02 -6.97 -9.81
CA GLN B 31 -36.70 -7.36 -8.58
CA GLN B 31 -36.69 -7.35 -8.57
C GLN B 31 -38.15 -6.90 -8.57
N SER B 32 -38.42 -5.71 -9.13
CA SER B 32 -39.80 -5.22 -9.20
C SER B 32 -40.66 -6.07 -10.12
N LEU B 33 -40.06 -6.83 -11.03
CA LEU B 33 -40.77 -7.71 -11.95
C LEU B 33 -40.63 -9.19 -11.58
N ASP B 34 -40.05 -9.48 -10.42
CA ASP B 34 -39.88 -10.85 -9.91
C ASP B 34 -39.03 -11.72 -10.83
N VAL B 35 -37.96 -11.15 -11.37
CA VAL B 35 -36.98 -11.90 -12.18
C VAL B 35 -35.76 -12.18 -11.30
N PRO B 36 -35.37 -13.43 -11.11
CA PRO B 36 -34.16 -13.69 -10.31
C PRO B 36 -32.92 -13.14 -10.97
N PHE B 37 -31.98 -12.70 -10.14
CA PHE B 37 -30.72 -12.16 -10.64
C PHE B 37 -29.63 -12.33 -9.59
N GLU B 38 -28.40 -12.10 -10.05
CA GLU B 38 -27.20 -12.04 -9.21
C GLU B 38 -26.36 -10.90 -9.75
N ILE B 39 -25.74 -10.13 -8.86
CA ILE B 39 -24.82 -9.05 -9.24
C ILE B 39 -23.41 -9.52 -8.94
N ILE B 40 -22.54 -9.47 -9.94
CA ILE B 40 -21.14 -9.85 -9.80
C ILE B 40 -20.30 -8.58 -9.79
N GLU B 41 -19.51 -8.37 -8.74
CA GLU B 41 -18.73 -7.14 -8.57
C GLU B 41 -17.28 -7.46 -8.25
N ALA B 42 -16.36 -6.82 -8.97
CA ALA B 42 -14.95 -7.10 -8.80
C ALA B 42 -14.42 -6.61 -7.45
N SER B 43 -14.90 -5.49 -6.97
CA SER B 43 -14.29 -4.87 -5.79
C SER B 43 -15.07 -5.28 -4.54
N ASN B 44 -14.70 -4.68 -3.40
CA ASN B 44 -15.36 -4.93 -2.13
C ASN B 44 -16.43 -3.88 -1.79
N ARG B 45 -16.81 -3.05 -2.76
CA ARG B 45 -17.71 -1.92 -2.55
C ARG B 45 -18.69 -1.84 -3.71
N VAL B 46 -19.90 -1.36 -3.43
CA VAL B 46 -20.88 -1.08 -4.45
C VAL B 46 -20.79 0.41 -4.77
N GLY B 47 -21.23 0.78 -5.98
CA GLY B 47 -21.38 2.18 -6.36
C GLY B 47 -20.52 2.60 -7.54
N GLY B 48 -19.39 1.93 -7.76
CA GLY B 48 -18.56 2.26 -8.91
C GLY B 48 -18.09 3.72 -8.89
N ARG B 49 -18.41 4.44 -9.96
CA ARG B 49 -18.01 5.84 -10.09
C ARG B 49 -18.86 6.79 -9.24
N LEU B 50 -19.77 6.29 -8.43
CA LEU B 50 -20.26 7.03 -7.26
C LEU B 50 -19.36 6.57 -6.11
N PHE B 51 -18.41 7.42 -5.74
CA PHE B 51 -17.27 7.10 -4.87
C PHE B 51 -17.03 8.32 -4.00
N THR B 52 -17.36 8.21 -2.71
CA THR B 52 -17.21 9.29 -1.75
C THR B 52 -16.00 9.02 -0.87
N HIS B 53 -15.04 9.96 -0.85
CA HIS B 53 -13.90 9.88 0.05
C HIS B 53 -14.16 10.74 1.28
N LYS B 54 -14.14 10.14 2.46
CA LYS B 54 -14.26 10.86 3.71
C LYS B 54 -12.88 10.92 4.36
N PHE B 55 -12.45 12.10 4.73
CA PHE B 55 -11.13 12.27 5.31
C PHE B 55 -11.04 11.75 6.73
N PRO B 56 -10.01 10.96 7.05
CA PRO B 56 -9.84 10.54 8.44
C PRO B 56 -9.76 11.76 9.33
N ASN B 57 -10.37 11.68 10.51
CA ASN B 57 -10.28 12.73 11.52
C ASN B 57 -11.02 14.01 11.17
N GLY B 58 -11.80 14.06 10.10
CA GLY B 58 -12.54 15.25 9.76
C GLY B 58 -13.95 15.13 10.33
N GLY B 59 -14.77 16.15 10.07
CA GLY B 59 -16.13 16.16 10.56
C GLY B 59 -17.11 15.51 9.61
N LYS B 60 -18.40 15.67 9.93
CA LYS B 60 -19.46 15.00 9.18
C LYS B 60 -19.39 15.35 7.70
N TYR B 61 -19.16 16.62 7.38
CA TYR B 61 -19.17 17.07 6.00
C TYR B 61 -17.77 17.18 5.40
N ASP B 62 -16.76 16.59 6.04
CA ASP B 62 -15.41 16.57 5.47
C ASP B 62 -15.24 15.31 4.63
N TYR B 63 -16.01 15.27 3.56
CA TYR B 63 -15.87 14.29 2.49
C TYR B 63 -15.88 15.07 1.18
N TYR B 64 -15.50 14.40 0.10
CA TYR B 64 -15.81 14.91 -1.24
C TYR B 64 -16.10 13.74 -2.16
N ASP B 65 -16.85 14.04 -3.21
CA ASP B 65 -17.23 13.03 -4.20
C ASP B 65 -16.17 12.97 -5.29
N VAL B 66 -15.53 11.82 -5.39
CA VAL B 66 -14.45 11.61 -6.36
C VAL B 66 -15.01 11.43 -7.75
N GLY B 67 -16.21 10.85 -7.85
CA GLY B 67 -16.91 10.74 -9.11
C GLY B 67 -18.13 11.64 -9.11
N ALA B 68 -19.31 11.05 -9.27
CA ALA B 68 -20.51 11.86 -9.43
C ALA B 68 -20.79 12.66 -8.16
N MET B 69 -21.16 13.93 -8.36
CA MET B 69 -21.35 14.85 -7.25
C MET B 69 -22.51 15.82 -7.41
N ARG B 70 -23.10 15.98 -8.60
CA ARG B 70 -24.12 17.00 -8.79
C ARG B 70 -25.16 16.54 -9.81
N TYR B 71 -26.42 16.91 -9.58
CA TYR B 71 -27.53 16.36 -10.36
C TYR B 71 -28.46 17.49 -10.80
N PRO B 72 -28.47 17.82 -12.09
CA PRO B 72 -29.36 18.90 -12.60
C PRO B 72 -30.74 18.32 -12.92
N LEU B 73 -31.55 18.23 -11.88
CA LEU B 73 -32.82 17.53 -11.93
C LEU B 73 -33.95 18.43 -12.39
N PRO B 74 -35.04 17.86 -12.91
CA PRO B 74 -36.24 18.67 -13.14
C PRO B 74 -36.80 19.19 -11.83
N LYS B 75 -37.66 20.20 -11.93
CA LYS B 75 -38.39 20.64 -10.76
C LYS B 75 -39.24 19.49 -10.21
N SER B 76 -39.48 19.50 -8.90
CA SER B 76 -40.29 18.46 -8.29
C SER B 76 -41.21 19.06 -7.25
N ASP B 77 -42.26 18.31 -6.90
CA ASP B 77 -43.20 18.76 -5.89
C ASP B 77 -42.85 18.20 -4.51
N ASP B 78 -43.71 18.53 -3.53
CA ASP B 78 -43.49 18.13 -2.14
C ASP B 78 -43.39 16.62 -1.98
N LYS B 79 -43.94 15.86 -2.91
CA LYS B 79 -44.01 14.40 -2.82
C LYS B 79 -42.94 13.71 -3.63
N GLY B 80 -42.05 14.46 -4.26
CA GLY B 80 -41.03 13.85 -5.06
C GLY B 80 -41.46 13.45 -6.45
N ASN B 81 -42.57 14.02 -6.95
CA ASN B 81 -42.97 13.88 -8.35
C ASN B 81 -42.17 14.86 -9.19
N TYR B 82 -41.46 14.38 -10.21
CA TYR B 82 -40.61 15.22 -11.03
C TYR B 82 -41.29 15.59 -12.34
N GLN B 83 -41.12 16.84 -12.76
CA GLN B 83 -41.54 17.25 -14.08
C GLN B 83 -40.77 16.48 -15.14
N PRO B 84 -41.31 16.35 -16.35
CA PRO B 84 -40.55 15.69 -17.41
C PRO B 84 -39.27 16.46 -17.67
N GLY B 85 -38.22 15.74 -18.04
CA GLY B 85 -36.94 16.37 -18.24
C GLY B 85 -35.86 15.36 -18.43
N VAL B 86 -34.68 15.87 -18.78
CA VAL B 86 -33.55 15.01 -19.13
C VAL B 86 -33.21 14.07 -17.97
N MET B 87 -33.25 14.56 -16.74
CA MET B 87 -32.86 13.76 -15.59
C MET B 87 -34.06 13.36 -14.73
N GLN B 88 -35.26 13.37 -15.31
CA GLN B 88 -36.41 12.91 -14.56
C GLN B 88 -36.21 11.51 -14.00
N ARG B 89 -35.53 10.64 -14.77
CA ARG B 89 -35.37 9.25 -14.32
C ARG B 89 -34.52 9.17 -13.04
N VAL B 90 -33.53 10.04 -12.92
CA VAL B 90 -32.75 10.09 -11.69
C VAL B 90 -33.61 10.57 -10.53
N GLY B 91 -34.37 11.64 -10.75
CA GLY B 91 -35.25 12.12 -9.70
C GLY B 91 -36.22 11.05 -9.25
N GLN B 92 -36.84 10.35 -10.19
CA GLN B 92 -37.79 9.30 -9.82
C GLN B 92 -37.11 8.18 -9.04
N LEU B 93 -35.84 7.91 -9.33
CA LEU B 93 -35.11 6.88 -8.57
C LEU B 93 -34.92 7.31 -7.12
N PHE B 94 -34.52 8.56 -6.89
CA PHE B 94 -34.44 9.06 -5.53
C PHE B 94 -35.78 8.89 -4.81
N THR B 95 -36.87 9.32 -5.46
CA THR B 95 -38.17 9.21 -4.81
C THR B 95 -38.54 7.75 -4.54
N TYR B 96 -38.27 6.87 -5.49
CA TYR B 96 -38.57 5.45 -5.32
C TYR B 96 -37.92 4.87 -4.08
N LEU B 97 -36.71 5.34 -3.76
CA LEU B 97 -35.93 4.83 -2.65
C LEU B 97 -36.18 5.58 -1.36
N GLY B 98 -37.12 6.51 -1.35
CA GLY B 98 -37.34 7.27 -0.14
C GLY B 98 -36.27 8.29 0.16
N MET B 99 -35.53 8.74 -0.85
CA MET B 99 -34.42 9.66 -0.67
C MET B 99 -34.75 11.10 -1.02
N HIS B 100 -35.95 11.40 -1.52
CA HIS B 100 -36.20 12.74 -2.05
C HIS B 100 -35.89 13.81 -1.03
N LYS B 101 -36.21 13.57 0.25
CA LYS B 101 -35.96 14.58 1.28
C LYS B 101 -34.51 14.61 1.75
N GLN B 102 -33.66 13.67 1.34
CA GLN B 102 -32.22 13.72 1.59
C GLN B 102 -31.45 14.47 0.51
N LEU B 103 -32.16 15.01 -0.48
CA LEU B 103 -31.53 15.81 -1.51
C LEU B 103 -31.36 17.23 -0.98
N ILE B 104 -30.16 17.77 -1.15
CA ILE B 104 -29.87 19.10 -0.64
C ILE B 104 -29.40 19.95 -1.81
N PRO B 105 -29.48 21.28 -1.67
CA PRO B 105 -29.07 22.16 -2.77
C PRO B 105 -27.61 21.99 -3.15
N TYR B 106 -27.36 21.97 -4.46
CA TYR B 106 -26.03 22.10 -5.02
C TYR B 106 -25.96 23.47 -5.68
N TYR B 107 -24.99 24.28 -5.27
CA TYR B 107 -24.83 25.64 -5.78
C TYR B 107 -23.84 25.59 -6.94
N PHE B 108 -24.36 25.65 -8.16
CA PHE B 108 -23.50 25.63 -9.35
C PHE B 108 -22.67 26.90 -9.41
N LYS B 109 -23.28 28.04 -9.07
CA LYS B 109 -22.61 29.30 -8.79
C LYS B 109 -22.66 29.55 -7.29
N SER B 110 -21.73 30.39 -6.82
CA SER B 110 -21.67 30.69 -5.40
C SER B 110 -22.99 31.29 -4.92
N ASN B 111 -23.40 30.90 -3.73
CA ASN B 111 -24.64 31.43 -3.16
C ASN B 111 -24.44 32.79 -2.51
N LYS B 112 -23.20 33.27 -2.40
CA LYS B 112 -22.92 34.63 -1.92
C LYS B 112 -22.16 35.39 -3.00
N SER B 113 -20.90 35.79 -2.75
CA SER B 113 -20.21 36.53 -3.80
C SER B 113 -19.75 35.59 -4.91
N PRO B 114 -19.61 36.08 -6.13
CA PRO B 114 -19.28 35.18 -7.26
C PRO B 114 -17.90 34.58 -7.13
N GLY B 115 -17.73 33.41 -7.74
CA GLY B 115 -16.44 32.77 -7.83
C GLY B 115 -15.47 33.58 -8.67
N PHE B 116 -14.23 33.09 -8.71
CA PHE B 116 -13.17 33.77 -9.41
C PHE B 116 -12.92 33.15 -10.79
N GLN B 117 -12.41 33.99 -11.69
CA GLN B 117 -11.82 33.57 -12.95
C GLN B 117 -10.40 34.12 -12.99
N TYR B 118 -9.46 33.30 -13.42
CA TYR B 118 -8.05 33.70 -13.48
C TYR B 118 -7.47 33.16 -14.78
N PHE B 119 -7.33 34.04 -15.77
CA PHE B 119 -6.91 33.65 -17.11
C PHE B 119 -5.92 34.66 -17.63
N ASN B 120 -4.83 34.18 -18.22
CA ASN B 120 -3.81 35.05 -18.81
C ASN B 120 -3.28 36.05 -17.79
N GLY B 121 -3.19 35.62 -16.53
CA GLY B 121 -2.69 36.46 -15.47
C GLY B 121 -3.64 37.52 -14.97
N VAL B 122 -4.89 37.50 -15.43
CA VAL B 122 -5.88 38.50 -15.08
C VAL B 122 -6.91 37.85 -14.17
N ARG B 123 -7.17 38.47 -13.02
CA ARG B 123 -8.11 37.96 -12.02
C ARG B 123 -9.36 38.82 -12.02
N ALA B 124 -10.53 38.17 -11.95
CA ALA B 124 -11.81 38.88 -11.89
C ALA B 124 -12.83 37.95 -11.26
N ARG B 125 -13.96 38.53 -10.84
CA ARG B 125 -15.11 37.75 -10.42
C ARG B 125 -15.96 37.36 -11.61
N ILE B 126 -16.59 36.19 -11.52
CA ILE B 126 -17.57 35.80 -12.54
C ILE B 126 -18.62 36.88 -12.65
N GLY B 127 -18.90 37.31 -13.88
CA GLY B 127 -19.87 38.36 -14.15
C GLY B 127 -19.30 39.77 -14.23
N GLU B 128 -18.03 39.99 -13.93
CA GLU B 128 -17.48 41.34 -13.95
C GLU B 128 -17.12 41.82 -15.36
N GLY B 129 -17.26 40.96 -16.36
CA GLY B 129 -17.04 41.38 -17.72
C GLY B 129 -15.60 41.58 -18.12
N SER B 130 -14.66 40.98 -17.39
CA SER B 130 -13.27 41.09 -17.80
C SER B 130 -13.06 40.44 -19.16
N SER B 131 -12.12 40.99 -19.93
CA SER B 131 -11.69 40.37 -21.19
C SER B 131 -10.45 39.50 -21.03
N PHE B 132 -9.82 39.49 -19.86
CA PHE B 132 -8.68 38.61 -19.57
C PHE B 132 -7.57 38.78 -20.61
N ASP B 133 -7.31 40.03 -20.99
CA ASP B 133 -6.23 40.35 -21.93
C ASP B 133 -6.43 39.73 -23.31
N ALA B 134 -7.67 39.38 -23.66
CA ALA B 134 -7.90 38.81 -24.99
C ALA B 134 -7.48 39.71 -26.13
N PRO B 135 -7.56 41.06 -26.05
CA PRO B 135 -7.03 41.85 -27.17
C PRO B 135 -5.59 41.52 -27.50
N ALA B 136 -4.75 41.27 -26.49
CA ALA B 136 -3.35 40.93 -26.75
C ALA B 136 -3.21 39.57 -27.41
N LEU B 137 -4.18 38.68 -27.24
CA LEU B 137 -4.22 37.41 -27.95
C LEU B 137 -4.73 37.55 -29.37
N GLY B 138 -5.17 38.74 -29.76
CA GLY B 138 -5.67 38.94 -31.10
C GLY B 138 -7.15 38.68 -31.25
N ILE B 139 -7.92 38.73 -30.17
CA ILE B 139 -9.36 38.61 -30.25
C ILE B 139 -9.92 40.02 -30.41
N ASN B 140 -10.62 40.26 -31.51
CA ASN B 140 -11.04 41.63 -31.75
C ASN B 140 -12.19 42.00 -30.82
N SER B 141 -12.43 43.30 -30.71
CA SER B 141 -13.35 43.80 -29.70
C SER B 141 -14.79 43.39 -29.98
N SER B 142 -15.16 43.18 -31.25
CA SER B 142 -16.51 42.72 -31.55
C SER B 142 -16.77 41.35 -30.93
N LEU B 143 -15.80 40.44 -31.08
CA LEU B 143 -15.96 39.11 -30.49
C LEU B 143 -16.00 39.18 -28.98
N ILE B 144 -15.14 40.00 -28.38
CA ILE B 144 -15.12 40.12 -26.93
C ILE B 144 -16.46 40.62 -26.41
N ASP B 145 -17.06 41.59 -27.12
CA ASP B 145 -18.33 42.17 -26.69
C ASP B 145 -19.45 41.16 -26.71
N ILE B 146 -19.49 40.31 -27.73
CA ILE B 146 -20.49 39.25 -27.77
C ILE B 146 -20.24 38.25 -26.66
N GLY B 147 -19.01 37.74 -26.58
CA GLY B 147 -18.66 36.83 -25.52
C GLY B 147 -18.75 35.38 -25.93
N VAL B 148 -17.97 34.54 -25.25
CA VAL B 148 -17.85 33.13 -25.60
C VAL B 148 -19.20 32.42 -25.47
N THR B 149 -19.90 32.66 -24.36
CA THR B 149 -21.15 31.93 -24.10
C THR B 149 -22.15 32.14 -25.23
N LYS B 150 -22.36 33.39 -25.64
CA LYS B 150 -23.33 33.67 -26.70
C LYS B 150 -22.90 33.08 -28.03
N ILE B 151 -21.60 33.13 -28.34
CA ILE B 151 -21.10 32.56 -29.59
C ILE B 151 -21.34 31.06 -29.62
N VAL B 152 -20.95 30.37 -28.55
CA VAL B 152 -21.11 28.93 -28.50
C VAL B 152 -22.58 28.56 -28.56
N ASN B 153 -23.43 29.32 -27.84
CA ASN B 153 -24.85 29.04 -27.88
CA ASN B 153 -24.85 29.04 -27.88
C ASN B 153 -25.42 29.20 -29.28
N ASP B 154 -24.92 30.20 -30.04
CA ASP B 154 -25.40 30.37 -31.40
C ASP B 154 -25.06 29.17 -32.26
N ALA B 155 -23.91 28.53 -32.02
CA ALA B 155 -23.50 27.39 -32.83
C ALA B 155 -24.18 26.10 -32.39
N VAL B 156 -24.26 25.88 -31.08
CA VAL B 156 -24.76 24.62 -30.53
C VAL B 156 -26.28 24.60 -30.42
N GLY B 157 -26.90 25.76 -30.20
CA GLY B 157 -28.31 25.89 -29.93
C GLY B 157 -29.22 25.21 -30.93
N PRO B 158 -28.99 25.45 -32.22
CA PRO B 158 -29.88 24.81 -33.21
C PRO B 158 -29.89 23.30 -33.09
N PHE B 159 -28.72 22.68 -32.92
CA PHE B 159 -28.68 21.24 -32.74
C PHE B 159 -29.38 20.82 -31.46
N ALA B 160 -29.12 21.55 -30.37
CA ALA B 160 -29.66 21.17 -29.07
C ALA B 160 -31.18 21.33 -29.03
N GLN B 161 -31.69 22.40 -29.64
CA GLN B 161 -33.15 22.58 -29.67
C GLN B 161 -33.83 21.46 -30.43
N ALA B 162 -33.22 21.00 -31.53
CA ALA B 162 -33.83 19.90 -32.28
C ALA B 162 -33.82 18.60 -31.47
N LEU B 163 -32.76 18.39 -30.68
CA LEU B 163 -32.73 17.19 -29.85
C LEU B 163 -33.72 17.31 -28.71
N PHE B 164 -33.86 18.51 -28.15
CA PHE B 164 -34.84 18.70 -27.10
C PHE B 164 -36.25 18.50 -27.64
N ASP B 165 -36.52 19.00 -28.84
CA ASP B 165 -37.81 18.76 -29.48
C ASP B 165 -38.07 17.26 -29.67
N ASP B 166 -37.05 16.49 -30.04
CA ASP B 166 -37.20 15.05 -30.12
C ASP B 166 -37.74 14.48 -28.81
N LEU B 167 -37.15 14.89 -27.69
CA LEU B 167 -37.53 14.36 -26.38
C LEU B 167 -38.96 14.77 -26.04
N GLN B 168 -39.33 16.02 -26.31
CA GLN B 168 -40.66 16.51 -25.96
C GLN B 168 -41.73 15.94 -26.89
N LYS B 169 -41.44 15.89 -28.18
CA LYS B 169 -42.41 15.52 -29.19
C LYS B 169 -42.36 14.05 -29.58
N HIS B 170 -41.40 13.29 -29.05
CA HIS B 170 -41.26 11.87 -29.37
C HIS B 170 -41.01 11.68 -30.86
N THR B 171 -39.92 12.29 -31.32
CA THR B 171 -39.46 12.18 -32.69
C THR B 171 -37.98 11.81 -32.68
N THR B 172 -37.44 11.53 -33.87
CA THR B 172 -36.02 11.28 -34.01
C THR B 172 -35.37 12.09 -35.12
N THR B 173 -36.11 13.04 -35.69
CA THR B 173 -35.54 13.84 -36.78
C THR B 173 -34.39 14.71 -36.29
N GLY B 174 -34.47 15.21 -35.05
CA GLY B 174 -33.36 15.95 -34.50
C GLY B 174 -32.09 15.11 -34.42
N TRP B 175 -32.23 13.86 -33.97
CA TRP B 175 -31.07 12.98 -33.93
C TRP B 175 -30.56 12.64 -35.33
N ASP B 176 -31.47 12.42 -36.30
CA ASP B 176 -31.01 12.16 -37.67
C ASP B 176 -30.17 13.33 -38.18
N ASP B 177 -30.60 14.56 -37.91
CA ASP B 177 -29.83 15.73 -38.33
C ASP B 177 -28.50 15.82 -37.58
N MET B 178 -28.50 15.53 -36.28
CA MET B 178 -27.24 15.48 -35.55
C MET B 178 -26.27 14.47 -36.19
N MET B 179 -26.78 13.31 -36.57
CA MET B 179 -25.91 12.28 -37.14
C MET B 179 -25.41 12.69 -38.53
N LYS B 180 -26.19 13.46 -39.30
CA LYS B 180 -25.69 14.02 -40.55
C LYS B 180 -24.43 14.86 -40.30
N ASN B 181 -24.27 15.39 -39.07
CA ASN B 181 -23.17 16.26 -38.70
C ASN B 181 -22.19 15.62 -37.72
N ASP B 182 -22.30 14.32 -37.47
CA ASP B 182 -21.53 13.68 -36.42
C ASP B 182 -20.06 13.49 -36.79
N ALA B 183 -19.72 13.61 -38.06
CA ALA B 183 -18.31 13.54 -38.44
C ALA B 183 -17.54 14.79 -38.04
N TYR B 184 -18.22 15.87 -37.63
CA TYR B 184 -17.53 17.06 -37.13
C TYR B 184 -17.08 16.87 -35.69
N SER B 185 -15.87 17.32 -35.40
CA SER B 185 -15.54 17.75 -34.05
C SER B 185 -16.11 19.16 -33.85
N THR B 186 -16.17 19.62 -32.60
CA THR B 186 -16.59 21.00 -32.38
C THR B 186 -15.64 21.95 -33.10
N ARG B 187 -14.34 21.65 -33.09
CA ARG B 187 -13.37 22.48 -33.78
C ARG B 187 -13.64 22.51 -35.28
N SER B 188 -13.77 21.35 -35.91
CA SER B 188 -13.94 21.34 -37.36
C SER B 188 -15.31 21.90 -37.76
N TYR B 189 -16.30 21.83 -36.87
CA TYR B 189 -17.55 22.54 -37.12
C TYR B 189 -17.30 24.04 -37.21
N PHE B 190 -16.56 24.60 -36.24
CA PHE B 190 -16.26 26.03 -36.27
C PHE B 190 -15.33 26.38 -37.43
N SER B 191 -14.38 25.50 -37.75
CA SER B 191 -13.39 25.85 -38.76
C SER B 191 -13.95 25.80 -40.18
N PHE B 192 -14.93 24.93 -40.44
CA PHE B 192 -15.33 24.62 -41.81
C PHE B 192 -16.81 24.76 -42.11
N LYS B 193 -17.67 25.00 -41.12
CA LYS B 193 -19.10 25.04 -41.40
C LYS B 193 -19.78 26.23 -40.74
N TYR B 194 -19.55 26.44 -39.44
CA TYR B 194 -20.26 27.48 -38.74
C TYR B 194 -19.96 28.86 -39.29
N LEU B 195 -21.01 29.66 -39.47
CA LEU B 195 -20.88 31.08 -39.77
C LEU B 195 -21.72 31.86 -38.77
N PRO B 196 -21.19 32.97 -38.26
CA PRO B 196 -21.90 33.68 -37.18
C PRO B 196 -23.25 34.24 -37.64
N SER B 197 -24.18 34.27 -36.71
CA SER B 197 -25.46 34.91 -36.96
C SER B 197 -25.25 36.34 -37.48
N PRO B 198 -25.92 36.75 -38.55
CA PRO B 198 -25.76 38.14 -39.02
C PRO B 198 -26.05 39.18 -37.97
N SER B 199 -26.91 38.89 -37.00
CA SER B 199 -27.15 39.85 -35.92
C SER B 199 -25.87 40.18 -35.16
N PHE B 200 -24.85 39.31 -35.21
CA PHE B 200 -23.62 39.57 -34.48
C PHE B 200 -22.79 40.69 -35.11
N GLY B 201 -23.05 41.06 -36.36
CA GLY B 201 -22.27 42.07 -37.03
C GLY B 201 -20.83 41.71 -37.30
N LEU B 202 -20.52 40.41 -37.37
CA LEU B 202 -19.19 39.91 -37.62
C LEU B 202 -18.99 39.60 -39.09
N PRO B 203 -17.74 39.48 -39.54
CA PRO B 203 -17.52 39.00 -40.92
C PRO B 203 -18.17 37.64 -41.11
N SER B 204 -18.74 37.41 -42.30
CA SER B 204 -19.34 36.12 -42.62
C SER B 204 -18.24 35.17 -43.10
N GLU B 205 -17.41 34.75 -42.15
CA GLU B 205 -16.35 33.80 -42.44
C GLU B 205 -16.14 32.92 -41.22
N HIS B 206 -15.53 31.77 -41.43
CA HIS B 206 -15.33 30.86 -40.32
C HIS B 206 -14.30 31.43 -39.37
N PHE B 207 -14.46 31.12 -38.09
CA PHE B 207 -13.52 31.62 -37.10
C PHE B 207 -12.14 31.04 -37.36
N SER B 208 -11.12 31.84 -37.06
CA SER B 208 -9.75 31.35 -37.06
C SER B 208 -9.53 30.40 -35.89
N THR B 209 -8.43 29.64 -35.96
CA THR B 209 -8.07 28.75 -34.86
C THR B 209 -7.81 29.53 -33.58
N ARG B 210 -7.20 30.71 -33.68
CA ARG B 210 -6.97 31.53 -32.49
C ARG B 210 -8.27 31.82 -31.77
N VAL B 211 -9.32 32.17 -32.53
CA VAL B 211 -10.63 32.45 -31.94
C VAL B 211 -11.26 31.18 -31.39
N ILE B 212 -11.15 30.07 -32.13
CA ILE B 212 -11.75 28.81 -31.67
C ILE B 212 -11.09 28.37 -30.36
N ASN B 213 -9.77 28.57 -30.24
CA ASN B 213 -9.05 28.20 -29.03
C ASN B 213 -9.41 29.10 -27.86
N TRP B 214 -9.75 30.36 -28.15
CA TRP B 214 -10.29 31.25 -27.12
C TRP B 214 -11.64 30.74 -26.63
N LEU B 215 -12.51 30.31 -27.55
CA LEU B 215 -13.77 29.69 -27.15
C LEU B 215 -13.53 28.48 -26.24
N GLU B 216 -12.67 27.55 -26.66
CA GLU B 216 -12.48 26.35 -25.85
C GLU B 216 -11.96 26.70 -24.46
N THR B 217 -11.04 27.68 -24.38
CA THR B 217 -10.44 28.07 -23.11
C THR B 217 -11.50 28.42 -22.07
N PHE B 218 -12.49 29.22 -22.46
CA PHE B 218 -13.51 29.69 -21.53
C PHE B 218 -14.77 28.83 -21.53
N ASP B 219 -14.98 27.99 -22.55
CA ASP B 219 -16.17 27.18 -22.62
C ASP B 219 -15.98 25.83 -21.94
N LYS B 220 -14.87 25.16 -22.20
CA LYS B 220 -14.69 23.78 -21.75
C LYS B 220 -13.30 23.54 -21.16
N SER B 221 -12.59 22.53 -21.66
CA SER B 221 -11.34 22.05 -21.12
C SER B 221 -10.36 21.90 -22.28
N THR B 222 -9.07 21.82 -21.98
CA THR B 222 -8.09 21.75 -23.06
C THR B 222 -8.26 20.45 -23.85
N GLY B 223 -8.58 20.57 -25.14
CA GLY B 223 -8.80 19.44 -26.01
C GLY B 223 -10.25 19.03 -26.20
N TRP B 224 -11.18 19.62 -25.47
CA TRP B 224 -12.59 19.25 -25.61
C TRP B 224 -13.07 19.36 -27.05
N TYR B 225 -12.66 20.41 -27.74
CA TYR B 225 -13.21 20.68 -29.06
C TYR B 225 -12.73 19.72 -30.13
N ASP B 226 -11.74 18.87 -29.85
CA ASP B 226 -11.33 17.87 -30.81
C ASP B 226 -12.13 16.57 -30.71
N ARG B 227 -13.02 16.46 -29.72
CA ARG B 227 -13.95 15.35 -29.64
C ARG B 227 -15.20 15.70 -30.43
N GLY B 228 -16.18 14.81 -30.43
CA GLY B 228 -17.32 14.96 -31.31
C GLY B 228 -18.15 16.19 -30.99
N LEU B 229 -18.59 16.90 -32.05
CA LEU B 229 -19.56 17.97 -31.90
C LEU B 229 -20.79 17.48 -31.17
N THR B 230 -21.21 16.25 -31.47
CA THR B 230 -22.42 15.71 -30.86
C THR B 230 -22.31 15.70 -29.35
N GLU B 231 -21.12 15.38 -28.83
CA GLU B 231 -20.93 15.39 -27.37
C GLU B 231 -21.10 16.80 -26.81
N THR B 232 -20.60 17.83 -27.53
CA THR B 232 -20.82 19.20 -27.06
C THR B 232 -22.31 19.52 -27.00
N VAL B 233 -23.07 19.09 -28.02
CA VAL B 233 -24.50 19.35 -28.02
C VAL B 233 -25.18 18.61 -26.88
N LEU B 234 -24.87 17.32 -26.72
CA LEU B 234 -25.55 16.53 -25.68
C LEU B 234 -25.20 17.05 -24.28
N GLU B 235 -23.98 17.49 -24.08
CA GLU B 235 -23.64 17.95 -22.74
CA GLU B 235 -23.57 18.01 -22.78
C GLU B 235 -24.30 19.30 -22.45
N ALA B 236 -24.51 20.14 -23.46
CA ALA B 236 -25.29 21.36 -23.26
C ALA B 236 -26.71 21.03 -22.80
N ILE B 237 -27.34 20.05 -23.44
CA ILE B 237 -28.66 19.60 -23.01
C ILE B 237 -28.61 19.08 -21.58
N ALA B 238 -27.60 18.28 -21.26
CA ALA B 238 -27.54 17.68 -19.92
C ALA B 238 -27.34 18.74 -18.84
N PHE B 239 -26.50 19.73 -19.12
CA PHE B 239 -26.25 20.78 -18.13
C PHE B 239 -27.41 21.76 -18.01
N GLY B 240 -28.49 21.57 -18.77
CA GLY B 240 -29.68 22.37 -18.60
C GLY B 240 -29.74 23.63 -19.42
N GLU B 241 -28.83 23.82 -20.38
CA GLU B 241 -28.79 25.04 -21.17
C GLU B 241 -29.78 25.03 -22.33
N VAL B 242 -30.85 24.26 -22.20
CA VAL B 242 -31.81 24.11 -23.29
C VAL B 242 -33.20 23.84 -22.75
N GLU B 246 -36.37 25.02 -16.10
CA GLU B 246 -35.13 25.18 -15.38
C GLU B 246 -34.80 23.91 -14.60
N VAL B 247 -33.54 23.81 -14.17
CA VAL B 247 -33.08 22.65 -13.42
C VAL B 247 -32.96 23.05 -11.96
N ASP B 248 -33.11 22.07 -11.09
CA ASP B 248 -32.83 22.17 -9.67
C ASP B 248 -31.52 21.41 -9.45
N TRP B 249 -30.42 22.13 -9.22
CA TRP B 249 -29.16 21.45 -8.93
C TRP B 249 -29.20 20.87 -7.52
N ARG B 250 -28.95 19.56 -7.41
CA ARG B 250 -28.97 18.86 -6.14
C ARG B 250 -27.71 18.03 -5.93
N CYS B 251 -27.39 17.79 -4.67
CA CYS B 251 -26.42 16.76 -4.30
C CYS B 251 -27.02 15.94 -3.17
N ILE B 252 -26.31 14.88 -2.77
CA ILE B 252 -26.81 13.89 -1.83
C ILE B 252 -26.11 14.08 -0.49
N ASP B 253 -26.91 14.29 0.56
CA ASP B 253 -26.38 14.53 1.90
C ASP B 253 -25.62 13.31 2.39
N GLY B 254 -24.33 13.51 2.70
CA GLY B 254 -23.45 12.42 3.05
C GLY B 254 -22.61 11.89 1.91
N GLY B 255 -22.85 12.38 0.69
CA GLY B 255 -22.09 11.98 -0.47
C GLY B 255 -22.85 11.01 -1.36
N SER B 256 -22.42 10.93 -2.62
CA SER B 256 -23.16 10.14 -3.59
C SER B 256 -23.19 8.66 -3.21
N HIS B 257 -22.26 8.20 -2.37
CA HIS B 257 -22.26 6.79 -1.99
C HIS B 257 -23.59 6.37 -1.37
N VAL B 258 -24.32 7.33 -0.78
CA VAL B 258 -25.59 7.00 -0.13
C VAL B 258 -26.57 6.37 -1.12
N LEU B 259 -26.54 6.78 -2.39
CA LEU B 259 -27.50 6.23 -3.35
C LEU B 259 -27.25 4.75 -3.59
N PRO B 260 -26.07 4.31 -4.02
CA PRO B 260 -25.87 2.86 -4.21
C PRO B 260 -25.97 2.07 -2.93
N ASP B 261 -25.49 2.61 -1.80
CA ASP B 261 -25.64 1.91 -0.53
C ASP B 261 -27.11 1.67 -0.21
N THR B 262 -27.96 2.66 -0.49
CA THR B 262 -29.38 2.51 -0.19
C THR B 262 -30.02 1.46 -1.09
N ILE B 263 -29.62 1.40 -2.35
CA ILE B 263 -30.18 0.37 -3.23
C ILE B 263 -29.73 -1.00 -2.78
N ALA B 264 -28.42 -1.17 -2.50
CA ALA B 264 -27.92 -2.45 -2.06
C ALA B 264 -28.59 -2.91 -0.77
N ALA B 265 -28.80 -1.97 0.17
CA ALA B 265 -29.45 -2.34 1.42
C ALA B 265 -30.86 -2.84 1.17
N PHE B 266 -31.58 -2.19 0.26
CA PHE B 266 -32.91 -2.66 -0.11
C PHE B 266 -32.87 -4.04 -0.74
N LEU B 267 -31.99 -4.23 -1.72
CA LEU B 267 -31.90 -5.52 -2.40
C LEU B 267 -31.46 -6.61 -1.45
N HIS B 268 -30.65 -6.28 -0.45
CA HIS B 268 -30.17 -7.32 0.45
C HIS B 268 -31.26 -7.85 1.35
N LYS B 269 -32.28 -7.05 1.62
CA LYS B 269 -33.34 -7.44 2.52
C LYS B 269 -34.35 -8.37 1.86
N LYS B 270 -34.05 -8.87 0.65
CA LYS B 270 -35.04 -9.53 -0.18
C LYS B 270 -34.45 -10.76 -0.87
N GLY B 271 -35.36 -11.66 -1.28
CA GLY B 271 -34.98 -12.84 -2.01
C GLY B 271 -35.00 -12.62 -3.52
N GLY B 272 -34.70 -13.68 -4.24
CA GLY B 272 -34.52 -13.60 -5.68
C GLY B 272 -33.21 -13.00 -6.13
N ASN B 273 -32.27 -12.76 -5.21
CA ASN B 273 -31.05 -12.07 -5.60
C ASN B 273 -29.95 -12.31 -4.58
N ALA B 274 -28.74 -11.88 -4.96
CA ALA B 274 -27.57 -11.87 -4.10
C ALA B 274 -26.44 -11.16 -4.82
N PHE B 275 -25.51 -10.61 -4.03
CA PHE B 275 -24.28 -10.02 -4.53
C PHE B 275 -23.18 -11.06 -4.46
N VAL B 276 -22.34 -11.10 -5.48
CA VAL B 276 -21.09 -11.85 -5.47
C VAL B 276 -19.98 -10.80 -5.49
N MET B 277 -19.38 -10.50 -4.34
CA MET B 277 -18.40 -9.44 -4.25
C MET B 277 -16.99 -10.01 -4.43
N ASN B 278 -16.03 -9.11 -4.65
CA ASN B 278 -14.61 -9.50 -4.76
C ASN B 278 -14.43 -10.59 -5.80
N ALA B 279 -15.12 -10.45 -6.93
CA ALA B 279 -15.09 -11.46 -7.99
C ALA B 279 -14.97 -10.76 -9.33
N SER B 280 -13.75 -10.65 -9.85
CA SER B 280 -13.56 -9.97 -11.11
CA SER B 280 -13.53 -9.98 -11.11
C SER B 280 -13.89 -10.90 -12.28
N VAL B 281 -14.67 -10.37 -13.22
CA VAL B 281 -15.05 -11.12 -14.42
C VAL B 281 -13.86 -11.21 -15.36
N THR B 282 -13.55 -12.43 -15.82
CA THR B 282 -12.49 -12.65 -16.80
C THR B 282 -12.96 -13.28 -18.10
N ALA B 283 -14.18 -13.81 -18.16
CA ALA B 283 -14.66 -14.41 -19.39
C ALA B 283 -16.18 -14.39 -19.40
N ILE B 284 -16.76 -14.16 -20.57
CA ILE B 284 -18.21 -14.17 -20.78
C ILE B 284 -18.48 -14.89 -22.09
N GLY B 285 -19.35 -15.90 -22.05
CA GLY B 285 -19.69 -16.59 -23.28
C GLY B 285 -20.77 -17.62 -23.08
N LEU B 286 -21.35 -18.04 -24.20
CA LEU B 286 -22.28 -19.16 -24.19
C LEU B 286 -21.57 -20.44 -23.79
N GLU B 287 -22.23 -21.26 -22.95
CA GLU B 287 -21.68 -22.55 -22.59
C GLU B 287 -21.40 -23.40 -23.82
N ASN B 288 -22.38 -23.45 -24.75
CA ASN B 288 -22.21 -24.13 -26.02
C ASN B 288 -22.87 -23.28 -27.10
N PRO B 289 -22.09 -22.53 -27.88
CA PRO B 289 -22.70 -21.60 -28.84
C PRO B 289 -23.47 -22.28 -29.97
N ASN B 290 -23.33 -23.59 -30.17
CA ASN B 290 -24.08 -24.28 -31.21
C ASN B 290 -25.44 -24.80 -30.73
N LYS B 291 -25.77 -24.64 -29.44
CA LYS B 291 -27.04 -25.08 -28.91
C LYS B 291 -27.94 -23.87 -28.69
N GLU B 292 -29.18 -23.95 -29.17
CA GLU B 292 -30.08 -22.81 -29.12
C GLU B 292 -30.46 -22.44 -27.69
N ASP B 293 -30.60 -23.43 -26.81
CA ASP B 293 -30.97 -23.16 -25.43
C ASP B 293 -29.75 -22.99 -24.52
N SER B 294 -28.58 -22.72 -25.08
CA SER B 294 -27.38 -22.66 -24.26
C SER B 294 -27.50 -21.57 -23.21
N PRO B 295 -27.15 -21.85 -21.95
CA PRO B 295 -27.02 -20.78 -20.96
C PRO B 295 -25.74 -20.00 -21.20
N MET B 296 -25.67 -18.83 -20.56
CA MET B 296 -24.44 -18.05 -20.51
C MET B 296 -23.56 -18.53 -19.36
N VAL B 297 -22.26 -18.44 -19.56
CA VAL B 297 -21.27 -18.72 -18.54
C VAL B 297 -20.47 -17.44 -18.29
N VAL B 298 -20.33 -17.06 -17.03
CA VAL B 298 -19.48 -15.96 -16.62
C VAL B 298 -18.42 -16.53 -15.69
N VAL B 299 -17.15 -16.33 -16.04
CA VAL B 299 -16.06 -16.69 -15.14
C VAL B 299 -15.70 -15.45 -14.34
N ALA B 300 -15.83 -15.55 -13.03
CA ALA B 300 -15.57 -14.43 -12.13
C ALA B 300 -14.92 -14.98 -10.86
N GLY B 301 -13.82 -14.35 -10.47
CA GLY B 301 -13.08 -14.86 -9.33
C GLY B 301 -12.65 -16.29 -9.50
N GLY B 302 -12.41 -16.71 -10.73
CA GLY B 302 -12.01 -18.08 -11.00
C GLY B 302 -13.11 -19.11 -10.90
N GLN B 303 -14.36 -18.70 -10.73
CA GLN B 303 -15.49 -19.62 -10.68
C GLN B 303 -16.39 -19.42 -11.89
N LYS B 304 -16.89 -20.53 -12.43
CA LYS B 304 -17.86 -20.48 -13.51
C LYS B 304 -19.26 -20.34 -12.93
N ARG B 305 -20.00 -19.34 -13.39
CA ARG B 305 -21.39 -19.14 -12.99
C ARG B 305 -22.26 -19.14 -14.23
N LYS B 306 -23.42 -19.78 -14.13
CA LYS B 306 -24.31 -19.93 -15.27
C LYS B 306 -25.53 -19.03 -15.11
N TYR B 307 -25.96 -18.41 -16.20
CA TYR B 307 -27.13 -17.53 -16.23
C TYR B 307 -27.90 -17.79 -17.52
N SER B 308 -29.19 -17.49 -17.49
CA SER B 308 -29.97 -17.53 -18.72
C SER B 308 -29.57 -16.37 -19.63
N HIS B 309 -29.47 -15.17 -19.08
CA HIS B 309 -29.05 -13.96 -19.78
C HIS B 309 -28.08 -13.20 -18.89
N VAL B 310 -27.23 -12.37 -19.52
CA VAL B 310 -26.25 -11.53 -18.83
C VAL B 310 -26.47 -10.08 -19.23
N ILE B 311 -26.53 -9.19 -18.25
CA ILE B 311 -26.53 -7.75 -18.46
C ILE B 311 -25.18 -7.24 -17.96
N SER B 312 -24.34 -6.80 -18.88
CA SER B 312 -23.04 -6.27 -18.55
C SER B 312 -23.13 -4.75 -18.38
N THR B 313 -22.63 -4.24 -17.25
CA THR B 313 -22.44 -2.81 -17.10
C THR B 313 -20.95 -2.42 -17.05
N LEU B 314 -20.07 -3.32 -17.46
CA LEU B 314 -18.65 -3.03 -17.45
C LEU B 314 -18.31 -1.98 -18.51
N PRO B 315 -17.45 -1.01 -18.18
CA PRO B 315 -16.99 -0.06 -19.20
C PRO B 315 -16.44 -0.80 -20.41
N LEU B 316 -16.57 -0.16 -21.58
CA LEU B 316 -16.10 -0.80 -22.80
C LEU B 316 -14.63 -1.19 -22.74
N PRO B 317 -13.71 -0.35 -22.26
CA PRO B 317 -12.30 -0.79 -22.19
C PRO B 317 -12.11 -1.97 -21.26
N VAL B 318 -12.97 -2.11 -20.23
CA VAL B 318 -12.89 -3.29 -19.36
C VAL B 318 -13.31 -4.53 -20.14
N LEU B 319 -14.38 -4.45 -20.93
CA LEU B 319 -14.81 -5.59 -21.74
C LEU B 319 -13.71 -6.04 -22.69
N ARG B 320 -12.87 -5.10 -23.13
CA ARG B 320 -11.74 -5.45 -23.98
C ARG B 320 -10.68 -6.24 -23.22
N THR B 321 -10.73 -6.28 -21.88
CA THR B 321 -9.83 -7.11 -21.11
C THR B 321 -10.45 -8.45 -20.71
N VAL B 322 -11.69 -8.69 -21.11
CA VAL B 322 -12.41 -9.91 -20.80
C VAL B 322 -12.42 -10.81 -22.02
N ASP B 323 -12.34 -12.12 -21.80
CA ASP B 323 -12.41 -13.08 -22.90
C ASP B 323 -13.86 -13.24 -23.36
N LEU B 324 -14.20 -12.65 -24.52
CA LEU B 324 -15.54 -12.72 -25.07
C LEU B 324 -15.68 -13.76 -26.16
N LYS B 325 -14.72 -14.69 -26.27
CA LYS B 325 -14.92 -15.83 -27.16
C LYS B 325 -16.14 -16.60 -26.70
N ASN B 326 -16.99 -16.96 -27.65
CA ASN B 326 -18.25 -17.64 -27.44
C ASN B 326 -19.35 -16.66 -27.04
N SER B 327 -19.08 -15.36 -26.95
CA SER B 327 -20.16 -14.38 -26.93
C SER B 327 -20.57 -13.94 -28.34
N LYS B 328 -19.84 -14.35 -29.38
CA LYS B 328 -20.30 -14.18 -30.75
C LYS B 328 -20.66 -12.73 -31.06
N LEU B 329 -19.81 -11.80 -30.64
CA LEU B 329 -19.98 -10.42 -31.06
C LEU B 329 -19.85 -10.32 -32.58
N ASP B 330 -20.69 -9.51 -33.21
CA ASP B 330 -20.49 -9.31 -34.63
C ASP B 330 -19.35 -8.30 -34.83
N ILE B 331 -18.93 -8.14 -36.08
CA ILE B 331 -17.71 -7.40 -36.37
C ILE B 331 -17.85 -5.92 -36.02
N VAL B 332 -19.04 -5.36 -36.12
CA VAL B 332 -19.21 -3.96 -35.73
C VAL B 332 -19.12 -3.83 -34.22
N GLN B 333 -19.79 -4.73 -33.50
CA GLN B 333 -19.74 -4.70 -32.04
C GLN B 333 -18.31 -4.82 -31.53
N SER B 334 -17.51 -5.73 -32.09
CA SER B 334 -16.15 -5.87 -31.57
C SER B 334 -15.30 -4.64 -31.90
N ASN B 335 -15.54 -4.01 -33.05
CA ASN B 335 -14.89 -2.74 -33.36
C ASN B 335 -15.33 -1.63 -32.41
N ALA B 336 -16.61 -1.59 -32.10
CA ALA B 336 -17.15 -0.57 -31.19
C ALA B 336 -16.50 -0.63 -29.83
N LEU B 337 -16.29 -1.84 -29.29
CA LEU B 337 -15.66 -1.93 -27.97
C LEU B 337 -14.30 -1.24 -27.97
N ARG B 338 -13.56 -1.32 -29.08
CA ARG B 338 -12.24 -0.72 -29.14
C ARG B 338 -12.30 0.77 -29.45
N LYS B 339 -13.11 1.18 -30.42
CA LYS B 339 -13.03 2.52 -30.98
C LYS B 339 -13.90 3.54 -30.25
N LEU B 340 -15.05 3.16 -29.71
CA LEU B 340 -15.88 4.15 -29.03
C LEU B 340 -15.08 4.79 -27.89
N GLN B 341 -14.88 6.11 -27.96
CA GLN B 341 -13.82 6.75 -27.19
C GLN B 341 -14.24 7.13 -25.76
N TYR B 342 -13.31 6.95 -24.83
CA TYR B 342 -13.41 7.37 -23.44
C TYR B 342 -12.59 8.64 -23.22
N GLY B 343 -12.96 9.37 -22.16
CA GLY B 343 -12.23 10.54 -21.73
C GLY B 343 -11.69 10.44 -20.31
N PRO B 344 -10.66 11.21 -20.00
CA PRO B 344 -10.03 11.16 -18.68
C PRO B 344 -10.60 12.22 -17.74
N SER B 345 -10.33 12.03 -16.45
CA SER B 345 -10.65 13.03 -15.44
C SER B 345 -9.85 12.75 -14.17
N ILE B 346 -9.50 13.83 -13.47
CA ILE B 346 -8.88 13.77 -12.15
C ILE B 346 -9.61 14.71 -11.21
N LYS B 347 -9.53 14.40 -9.93
CA LYS B 347 -9.96 15.32 -8.88
C LYS B 347 -8.93 15.28 -7.77
N ILE B 348 -8.77 16.42 -7.10
CA ILE B 348 -7.91 16.54 -5.94
C ILE B 348 -8.72 17.22 -4.85
N GLY B 349 -8.93 16.53 -3.74
CA GLY B 349 -9.65 17.07 -2.58
C GLY B 349 -8.67 17.38 -1.48
N ILE B 350 -8.89 18.52 -0.81
CA ILE B 350 -8.00 18.96 0.26
C ILE B 350 -8.84 19.30 1.48
N LEU B 351 -8.53 18.65 2.60
CA LEU B 351 -9.07 19.02 3.89
C LEU B 351 -8.23 20.17 4.45
N PHE B 352 -8.88 21.29 4.75
CA PHE B 352 -8.26 22.43 5.39
C PHE B 352 -8.75 22.52 6.84
N LYS B 353 -8.15 23.45 7.58
CA LYS B 353 -8.52 23.64 8.99
C LYS B 353 -9.82 24.42 9.14
N GLU B 354 -10.26 25.12 8.09
CA GLU B 354 -11.41 26.02 8.14
C GLU B 354 -11.85 26.26 6.70
N PRO B 355 -13.12 26.64 6.49
CA PRO B 355 -13.57 26.96 5.12
C PRO B 355 -13.16 28.40 4.79
N TRP B 356 -11.87 28.57 4.49
CA TRP B 356 -11.28 29.88 4.31
C TRP B 356 -11.91 30.63 3.14
N TRP B 357 -12.42 29.90 2.16
CA TRP B 357 -13.10 30.50 1.02
C TRP B 357 -14.39 31.19 1.43
N THR B 358 -14.98 30.78 2.54
CA THR B 358 -16.18 31.41 3.06
C THR B 358 -15.87 32.51 4.07
N THR B 359 -14.88 32.29 4.95
CA THR B 359 -14.64 33.17 6.07
C THR B 359 -13.40 34.05 5.94
N GLY B 360 -12.51 33.76 4.99
CA GLY B 360 -11.21 34.41 4.95
C GLY B 360 -11.17 35.62 4.03
N GLN B 361 -9.98 36.19 3.91
CA GLN B 361 -9.73 37.36 3.10
C GLN B 361 -8.42 37.16 2.36
N ASP B 362 -8.27 37.88 1.25
CA ASP B 362 -7.09 37.72 0.39
C ASP B 362 -5.94 38.56 0.95
N LYS B 363 -4.83 38.60 0.22
CA LYS B 363 -3.64 39.25 0.73
C LYS B 363 -3.84 40.75 0.94
N ASN B 364 -4.88 41.32 0.32
CA ASN B 364 -5.20 42.74 0.48
C ASN B 364 -6.38 42.97 1.40
N GLY B 365 -6.85 41.96 2.11
CA GLY B 365 -7.94 42.14 3.04
C GLY B 365 -9.33 42.04 2.46
N GLU B 366 -9.46 41.62 1.20
CA GLU B 366 -10.77 41.50 0.56
C GLU B 366 -11.36 40.14 0.84
N LYS B 367 -12.59 40.11 1.35
CA LYS B 367 -13.24 38.85 1.68
C LYS B 367 -13.57 38.05 0.43
N PHE B 368 -13.21 36.76 0.44
CA PHE B 368 -13.60 35.88 -0.67
C PHE B 368 -15.12 35.74 -0.72
N ASP B 369 -15.73 35.44 0.43
CA ASP B 369 -17.19 35.38 0.56
C ASP B 369 -17.83 34.37 -0.41
N LEU B 370 -17.25 33.17 -0.47
CA LEU B 370 -17.71 32.11 -1.37
C LEU B 370 -18.46 31.04 -0.60
N VAL B 371 -19.64 30.66 -1.10
CA VAL B 371 -20.44 29.58 -0.52
C VAL B 371 -20.88 28.68 -1.67
N GLY B 372 -20.37 27.46 -1.70
CA GLY B 372 -20.60 26.67 -2.90
C GLY B 372 -20.03 27.37 -4.13
N GLY B 373 -20.51 26.94 -5.29
CA GLY B 373 -20.04 27.53 -6.53
C GLY B 373 -18.68 27.00 -6.95
N GLN B 374 -18.08 27.69 -7.92
CA GLN B 374 -16.86 27.23 -8.57
C GLN B 374 -16.01 28.42 -8.98
N SER B 375 -14.70 28.20 -9.08
CA SER B 375 -13.77 29.14 -9.69
C SER B 375 -13.08 28.45 -10.86
N TYR B 376 -12.66 29.25 -11.85
CA TYR B 376 -12.13 28.75 -13.11
C TYR B 376 -10.82 29.45 -13.43
N THR B 377 -9.89 28.71 -14.03
CA THR B 377 -8.58 29.28 -14.34
C THR B 377 -7.96 28.50 -15.49
N ASP B 378 -7.03 29.13 -16.18
CA ASP B 378 -6.24 28.40 -17.16
C ASP B 378 -5.00 27.75 -16.54
N LEU B 379 -4.77 27.96 -15.24
CA LEU B 379 -3.71 27.25 -14.55
C LEU B 379 -4.01 25.75 -14.51
N PRO B 380 -2.99 24.92 -14.27
CA PRO B 380 -3.20 23.47 -14.31
C PRO B 380 -4.37 22.94 -13.49
N ILE B 381 -4.73 23.56 -12.36
CA ILE B 381 -5.84 22.97 -11.59
C ILE B 381 -7.18 23.13 -12.32
N ARG B 382 -7.32 24.12 -13.21
CA ARG B 382 -8.46 24.43 -14.07
C ARG B 382 -9.78 24.80 -13.38
N THR B 383 -10.28 23.98 -12.46
CA THR B 383 -11.57 24.23 -11.81
C THR B 383 -11.46 23.92 -10.32
N VAL B 384 -12.03 24.82 -9.50
CA VAL B 384 -12.11 24.66 -8.05
C VAL B 384 -13.60 24.59 -7.72
N VAL B 385 -14.00 23.63 -6.88
CA VAL B 385 -15.40 23.47 -6.50
C VAL B 385 -15.50 23.59 -4.98
N TYR B 386 -16.19 24.63 -4.50
CA TYR B 386 -16.44 24.80 -3.08
C TYR B 386 -17.66 23.98 -2.67
N PRO B 387 -17.61 23.32 -1.51
CA PRO B 387 -18.71 22.41 -1.16
C PRO B 387 -20.01 23.14 -0.91
N SER B 388 -21.10 22.54 -1.39
CA SER B 388 -22.45 23.01 -1.11
C SER B 388 -23.07 22.29 0.08
N TYR B 389 -22.59 21.09 0.41
CA TYR B 389 -23.14 20.33 1.52
C TYR B 389 -22.63 20.88 2.86
N GLY B 390 -23.53 21.03 3.81
CA GLY B 390 -23.18 21.41 5.16
C GLY B 390 -23.05 22.89 5.44
N VAL B 391 -23.28 23.75 4.44
CA VAL B 391 -22.87 25.15 4.58
C VAL B 391 -23.66 25.88 5.67
N ASN B 392 -24.88 25.46 5.96
CA ASN B 392 -25.70 26.14 6.95
C ASN B 392 -25.76 25.42 8.29
N THR B 393 -24.97 24.35 8.46
CA THR B 393 -24.97 23.61 9.70
C THR B 393 -23.96 24.19 10.68
N ASN B 394 -23.93 23.60 11.89
CA ASN B 394 -23.00 24.04 12.93
C ASN B 394 -21.56 23.65 12.63
N ALA B 395 -21.33 22.74 11.69
CA ALA B 395 -19.98 22.31 11.30
C ALA B 395 -19.94 22.25 9.79
N PRO B 396 -19.76 23.41 9.13
CA PRO B 396 -19.60 23.41 7.68
C PRO B 396 -18.40 22.58 7.26
N SER B 397 -18.43 22.16 6.00
CA SER B 397 -17.31 21.43 5.44
C SER B 397 -16.04 22.28 5.45
N ASN B 398 -14.92 21.65 5.80
CA ASN B 398 -13.60 22.22 5.62
C ASN B 398 -12.88 21.62 4.41
N THR B 399 -13.61 20.93 3.54
CA THR B 399 -13.03 20.18 2.44
C THR B 399 -13.32 20.87 1.11
N LEU B 400 -12.27 21.04 0.31
CA LEU B 400 -12.32 21.72 -0.97
C LEU B 400 -12.00 20.73 -2.09
N ILE B 401 -12.70 20.84 -3.21
CA ILE B 401 -12.22 20.22 -4.45
C ILE B 401 -11.28 21.24 -5.09
N ALA B 402 -9.99 21.06 -4.83
CA ALA B 402 -8.95 21.99 -5.24
C ALA B 402 -8.66 21.92 -6.73
N SER B 403 -8.94 20.77 -7.35
CA SER B 403 -8.75 20.63 -8.79
C SER B 403 -9.73 19.59 -9.32
N TYR B 404 -10.39 19.92 -10.43
CA TYR B 404 -11.24 18.99 -11.17
C TYR B 404 -11.00 19.26 -12.64
N CYS B 405 -10.38 18.30 -13.33
CA CYS B 405 -9.88 18.46 -14.69
C CYS B 405 -10.48 17.42 -15.63
N TRP B 406 -10.57 17.81 -16.91
CA TRP B 406 -10.95 16.96 -18.02
C TRP B 406 -9.86 16.93 -19.09
N THR B 407 -10.07 16.08 -20.10
CA THR B 407 -9.29 16.00 -21.33
C THR B 407 -7.79 16.21 -21.08
N ASN B 408 -7.13 17.08 -21.86
CA ASN B 408 -5.67 17.17 -21.76
C ASN B 408 -5.23 17.63 -20.37
N ASP B 409 -6.03 18.49 -19.72
CA ASP B 409 -5.67 18.97 -18.39
C ASP B 409 -5.59 17.81 -17.41
N ALA B 410 -6.53 16.87 -17.51
CA ALA B 410 -6.52 15.69 -16.66
C ALA B 410 -5.40 14.73 -17.05
N GLU B 411 -5.14 14.56 -18.35
CA GLU B 411 -4.04 13.69 -18.77
C GLU B 411 -2.72 14.14 -18.19
N ARG B 412 -2.43 15.44 -18.28
CA ARG B 412 -1.17 15.97 -17.78
C ARG B 412 -1.09 15.86 -16.25
N MET B 413 -2.16 16.26 -15.54
CA MET B 413 -2.11 16.21 -14.08
C MET B 413 -2.01 14.78 -13.57
N GLY B 414 -2.59 13.83 -14.30
CA GLY B 414 -2.59 12.44 -13.85
C GLY B 414 -1.20 11.88 -13.63
N SER B 415 -0.20 12.43 -14.31
CA SER B 415 1.16 11.93 -14.10
C SER B 415 1.68 12.23 -12.71
N LEU B 416 1.11 13.22 -12.01
CA LEU B 416 1.56 13.57 -10.67
C LEU B 416 0.75 12.87 -9.59
N ILE B 417 -0.26 12.09 -9.98
CA ILE B 417 -1.19 11.47 -9.05
C ILE B 417 -0.90 9.98 -8.97
N GLY B 418 -0.96 9.44 -7.76
CA GLY B 418 -0.83 8.01 -7.55
C GLY B 418 0.54 7.44 -7.84
N THR B 419 1.60 8.25 -7.70
CA THR B 419 2.95 7.76 -7.92
C THR B 419 3.44 6.91 -6.76
N GLY B 420 2.87 7.07 -5.57
CA GLY B 420 3.37 6.39 -4.41
C GLY B 420 4.65 6.96 -3.85
N ALA B 421 5.13 8.07 -4.41
CA ALA B 421 6.42 8.64 -4.06
C ALA B 421 6.20 9.96 -3.34
N ALA B 422 6.77 10.08 -2.13
CA ALA B 422 6.63 11.30 -1.35
C ALA B 422 7.04 12.54 -2.14
N THR B 423 8.10 12.44 -2.95
CA THR B 423 8.60 13.61 -3.64
C THR B 423 7.62 14.14 -4.67
N TYR B 424 6.90 13.25 -5.35
CA TYR B 424 5.88 13.73 -6.29
C TYR B 424 4.61 14.13 -5.56
N GLU B 425 4.25 13.47 -4.46
CA GLU B 425 3.14 13.96 -3.65
C GLU B 425 3.38 15.37 -3.17
N GLU B 426 4.62 15.69 -2.77
CA GLU B 426 4.94 17.04 -2.34
C GLU B 426 4.93 18.01 -3.52
N GLN B 427 5.44 17.58 -4.69
CA GLN B 427 5.36 18.43 -5.88
C GLN B 427 3.92 18.74 -6.21
N LEU B 428 3.05 17.73 -6.14
CA LEU B 428 1.65 17.93 -6.49
C LEU B 428 0.99 18.91 -5.55
N GLU B 429 1.21 18.75 -4.24
CA GLU B 429 0.60 19.64 -3.27
C GLU B 429 1.06 21.06 -3.50
N HIS B 430 2.35 21.25 -3.76
CA HIS B 430 2.86 22.60 -3.91
C HIS B 430 2.28 23.27 -5.15
N LEU B 431 2.16 22.52 -6.25
CA LEU B 431 1.54 23.07 -7.45
C LEU B 431 0.09 23.45 -7.19
N VAL B 432 -0.65 22.57 -6.54
CA VAL B 432 -2.08 22.85 -6.33
C VAL B 432 -2.25 24.07 -5.45
N LEU B 433 -1.49 24.15 -4.36
CA LEU B 433 -1.61 25.31 -3.47
C LEU B 433 -1.16 26.58 -4.17
N SER B 434 -0.06 26.50 -4.94
N SER B 434 -0.06 26.50 -4.94
CA SER B 434 0.41 27.68 -5.66
CA SER B 434 0.41 27.67 -5.66
C SER B 434 -0.65 28.18 -6.62
C SER B 434 -0.66 28.17 -6.62
N ASN B 435 -1.28 27.27 -7.37
CA ASN B 435 -2.36 27.65 -8.28
C ASN B 435 -3.53 28.27 -7.51
N LEU B 436 -3.96 27.61 -6.42
CA LEU B 436 -5.06 28.16 -5.63
C LEU B 436 -4.72 29.56 -5.14
N ALA B 437 -3.47 29.77 -4.73
CA ALA B 437 -3.08 31.09 -4.23
C ALA B 437 -3.22 32.13 -5.33
N ALA B 438 -2.80 31.79 -6.55
CA ALA B 438 -2.90 32.73 -7.65
C ALA B 438 -4.34 33.03 -8.01
N VAL B 439 -5.19 32.01 -8.01
CA VAL B 439 -6.60 32.21 -8.34
C VAL B 439 -7.25 33.15 -7.34
N HIS B 440 -6.99 32.95 -6.04
CA HIS B 440 -7.71 33.68 -5.01
C HIS B 440 -6.97 34.93 -4.53
N ASN B 441 -5.74 35.15 -5.00
CA ASN B 441 -4.88 36.27 -4.57
C ASN B 441 -4.45 36.15 -3.11
N THR B 442 -3.92 34.98 -2.74
CA THR B 442 -3.31 34.80 -1.44
C THR B 442 -1.83 34.48 -1.62
N ASP B 443 -1.11 34.52 -0.50
CA ASP B 443 0.22 33.93 -0.44
C ASP B 443 0.10 32.40 -0.37
N TYR B 444 1.13 31.72 -0.87
CA TYR B 444 1.18 30.28 -0.73
C TYR B 444 1.07 29.85 0.73
N GLN B 445 1.76 30.56 1.63
CA GLN B 445 1.84 30.11 3.02
C GLN B 445 0.50 30.21 3.73
N TYR B 446 -0.35 31.17 3.33
CA TYR B 446 -1.71 31.26 3.86
C TYR B 446 -2.45 29.94 3.70
N LEU B 447 -2.34 29.31 2.53
CA LEU B 447 -3.03 28.05 2.30
C LEU B 447 -2.29 26.87 2.91
N LYS B 448 -0.96 26.86 2.80
CA LYS B 448 -0.20 25.77 3.38
C LYS B 448 -0.42 25.68 4.88
N ASP B 449 -0.45 26.85 5.56
CA ASP B 449 -0.66 26.88 7.01
C ASP B 449 -2.01 26.27 7.38
N ARG B 450 -2.98 26.27 6.47
CA ARG B 450 -4.32 25.77 6.73
C ARG B 450 -4.53 24.36 6.20
N LEU B 451 -3.53 23.75 5.57
CA LEU B 451 -3.72 22.44 4.96
C LEU B 451 -3.61 21.34 6.01
N VAL B 452 -4.50 20.35 5.91
CA VAL B 452 -4.50 19.19 6.80
C VAL B 452 -4.18 17.91 6.03
N ASP B 453 -4.89 17.65 4.93
CA ASP B 453 -4.77 16.38 4.23
C ASP B 453 -5.18 16.52 2.76
N VAL B 454 -4.54 15.71 1.91
CA VAL B 454 -4.77 15.75 0.46
C VAL B 454 -5.16 14.35 0.01
N HIS B 455 -6.18 14.26 -0.84
CA HIS B 455 -6.56 13.01 -1.49
C HIS B 455 -6.72 13.28 -2.98
N SER B 456 -6.12 12.45 -3.83
CA SER B 456 -6.20 12.67 -5.26
C SER B 456 -6.54 11.37 -5.97
N TRP B 457 -7.15 11.50 -7.14
CA TRP B 457 -7.67 10.35 -7.88
C TRP B 457 -7.64 10.63 -9.37
N ASP B 458 -7.19 9.62 -10.13
CA ASP B 458 -7.10 9.66 -11.58
C ASP B 458 -7.94 8.52 -12.13
N TRP B 459 -9.10 8.86 -12.68
CA TRP B 459 -9.98 7.83 -13.24
C TRP B 459 -9.39 7.20 -14.50
N ASN B 460 -8.34 7.77 -15.08
CA ASN B 460 -7.64 7.20 -16.22
C ASN B 460 -6.41 6.38 -15.81
N HIS B 461 -6.27 6.09 -14.53
CA HIS B 461 -5.27 5.20 -13.95
CA HIS B 461 -5.28 5.11 -14.04
C HIS B 461 -5.96 4.28 -12.96
N ASN B 462 -6.97 3.57 -13.42
CA ASN B 462 -7.86 2.80 -12.57
C ASN B 462 -8.40 1.60 -13.33
N PRO B 463 -7.96 0.40 -12.96
CA PRO B 463 -8.36 -0.79 -13.73
C PRO B 463 -9.85 -1.02 -13.75
N LEU B 464 -10.60 -0.51 -12.78
CA LEU B 464 -12.03 -0.74 -12.76
C LEU B 464 -12.81 0.19 -13.68
N THR B 465 -12.18 1.25 -14.23
CA THR B 465 -12.84 2.17 -15.14
C THR B 465 -12.09 2.37 -16.45
N MET B 466 -10.75 2.44 -16.41
CA MET B 466 -9.93 2.56 -17.61
C MET B 466 -10.35 3.79 -18.43
N GLY B 467 -10.49 4.90 -17.72
CA GLY B 467 -11.06 6.12 -18.23
C GLY B 467 -12.10 6.64 -17.24
N ALA B 468 -12.41 7.93 -17.30
CA ALA B 468 -13.45 8.48 -16.45
C ALA B 468 -14.83 8.09 -16.96
N PHE B 469 -15.04 8.18 -18.27
CA PHE B 469 -16.36 7.98 -18.84
C PHE B 469 -16.25 8.05 -20.36
N ALA B 470 -17.30 7.57 -21.02
CA ALA B 470 -17.38 7.73 -22.47
C ALA B 470 -17.32 9.21 -22.83
N PHE B 471 -16.55 9.51 -23.88
CA PHE B 471 -16.46 10.88 -24.43
C PHE B 471 -16.11 10.67 -25.90
N PHE B 472 -17.15 10.46 -26.71
CA PHE B 472 -16.99 9.95 -28.06
C PHE B 472 -16.29 10.95 -28.97
N GLY B 473 -15.46 10.43 -29.87
CA GLY B 473 -14.92 11.24 -30.94
C GLY B 473 -15.92 11.38 -32.06
N PRO B 474 -15.59 12.23 -33.02
CA PRO B 474 -16.47 12.37 -34.19
C PRO B 474 -16.67 11.04 -34.90
N GLY B 475 -17.91 10.78 -35.33
CA GLY B 475 -18.26 9.57 -36.05
C GLY B 475 -18.69 8.40 -35.18
N ASP B 476 -18.31 8.40 -33.90
CA ASP B 476 -18.62 7.28 -33.02
C ASP B 476 -20.13 7.06 -32.91
N PHE B 477 -20.89 8.11 -32.65
CA PHE B 477 -22.34 7.95 -32.51
C PHE B 477 -22.97 7.47 -33.82
N GLN B 478 -22.54 8.03 -34.95
CA GLN B 478 -23.19 7.69 -36.21
CA GLN B 478 -23.18 7.70 -36.22
C GLN B 478 -22.78 6.32 -36.73
N ASP B 479 -21.56 5.86 -36.40
CA ASP B 479 -21.03 4.64 -37.00
C ASP B 479 -21.13 3.41 -36.11
N LEU B 480 -20.82 3.51 -34.83
CA LEU B 480 -20.58 2.36 -33.99
C LEU B 480 -21.53 2.22 -32.80
N TYR B 481 -22.13 3.32 -32.34
CA TYR B 481 -22.95 3.29 -31.13
C TYR B 481 -24.10 2.30 -31.22
N THR B 482 -24.81 2.26 -32.36
CA THR B 482 -26.01 1.44 -32.40
C THR B 482 -25.68 -0.06 -32.31
N SER B 483 -24.47 -0.46 -32.71
CA SER B 483 -24.15 -1.89 -32.71
C SER B 483 -24.22 -2.49 -31.32
N LEU B 484 -23.90 -1.71 -30.29
CA LEU B 484 -23.91 -2.25 -28.94
C LEU B 484 -25.28 -2.14 -28.28
N ASN B 485 -26.25 -1.47 -28.90
CA ASN B 485 -27.62 -1.63 -28.42
C ASN B 485 -28.29 -2.88 -28.98
N ARG B 486 -27.63 -3.60 -29.90
CA ARG B 486 -28.06 -4.96 -30.23
C ARG B 486 -27.40 -5.94 -29.27
N PRO B 487 -28.08 -7.02 -28.85
CA PRO B 487 -27.44 -7.99 -27.97
C PRO B 487 -26.41 -8.80 -28.73
N ALA B 488 -25.57 -9.51 -27.99
CA ALA B 488 -24.69 -10.53 -28.55
C ALA B 488 -25.09 -11.89 -27.96
N ALA B 489 -24.28 -12.91 -28.27
CA ALA B 489 -24.43 -14.24 -27.67
C ALA B 489 -25.83 -14.82 -27.90
N ASN B 490 -26.23 -14.85 -29.16
CA ASN B 490 -27.53 -15.39 -29.55
C ASN B 490 -28.65 -14.72 -28.76
N GLY B 491 -28.51 -13.42 -28.54
CA GLY B 491 -29.51 -12.64 -27.84
C GLY B 491 -29.41 -12.63 -26.34
N LYS B 492 -28.41 -13.28 -25.76
CA LYS B 492 -28.36 -13.47 -24.32
C LYS B 492 -27.33 -12.61 -23.60
N LEU B 493 -26.57 -11.79 -24.31
CA LEU B 493 -25.64 -10.84 -23.72
C LEU B 493 -26.10 -9.43 -24.05
N HIS B 494 -26.39 -8.64 -23.01
CA HIS B 494 -26.89 -7.29 -23.18
C HIS B 494 -25.87 -6.30 -22.65
N PHE B 495 -25.48 -5.35 -23.50
CA PHE B 495 -24.50 -4.34 -23.15
C PHE B 495 -25.18 -3.14 -22.51
N ALA B 496 -24.68 -2.72 -21.36
CA ALA B 496 -25.21 -1.56 -20.67
C ALA B 496 -24.06 -0.83 -19.98
N GLY B 497 -24.40 0.11 -19.10
CA GLY B 497 -23.46 1.09 -18.59
C GLY B 497 -23.58 2.42 -19.31
N GLU B 498 -23.05 3.47 -18.68
CA GLU B 498 -23.31 4.84 -19.16
C GLU B 498 -22.84 5.07 -20.59
N ALA B 499 -21.86 4.30 -21.06
CA ALA B 499 -21.43 4.46 -22.45
C ALA B 499 -22.58 4.19 -23.42
N LEU B 500 -23.49 3.31 -23.06
CA LEU B 500 -24.63 2.96 -23.92
C LEU B 500 -25.80 3.92 -23.68
N SER B 501 -25.52 5.21 -23.85
CA SER B 501 -26.52 6.26 -23.68
C SER B 501 -26.08 7.48 -24.47
N VAL B 502 -26.95 8.48 -24.51
CA VAL B 502 -26.62 9.80 -25.04
C VAL B 502 -26.45 10.82 -23.91
N ARG B 503 -26.22 10.33 -22.69
CA ARG B 503 -25.94 11.16 -21.52
C ARG B 503 -24.65 10.65 -20.87
N HIS B 504 -23.60 10.61 -21.69
CA HIS B 504 -22.30 10.21 -21.20
C HIS B 504 -21.87 11.06 -20.02
N ALA B 505 -21.25 10.41 -19.04
CA ALA B 505 -20.68 11.06 -17.85
C ALA B 505 -21.77 11.60 -16.92
N TRP B 506 -22.96 10.99 -16.98
CA TRP B 506 -24.06 11.26 -16.07
C TRP B 506 -24.65 9.96 -15.54
N VAL B 507 -25.15 10.01 -14.30
CA VAL B 507 -25.86 8.85 -13.76
C VAL B 507 -27.01 8.47 -14.68
N VAL B 508 -27.73 9.46 -15.22
CA VAL B 508 -28.90 9.16 -16.02
C VAL B 508 -28.52 8.30 -17.23
N GLY B 509 -27.30 8.48 -17.74
CA GLY B 509 -26.87 7.64 -18.85
C GLY B 509 -26.82 6.17 -18.47
N ALA B 510 -26.28 5.87 -17.29
CA ALA B 510 -26.27 4.50 -16.80
C ALA B 510 -27.70 3.99 -16.61
N LEU B 511 -28.60 4.82 -16.07
CA LEU B 511 -29.96 4.35 -15.88
C LEU B 511 -30.65 4.05 -17.21
N ASP B 512 -30.48 4.95 -18.20
CA ASP B 512 -31.08 4.71 -19.51
C ASP B 512 -30.58 3.40 -20.12
N SER B 513 -29.27 3.13 -19.99
CA SER B 513 -28.70 1.91 -20.54
C SER B 513 -29.31 0.68 -19.88
N ALA B 514 -29.60 0.78 -18.58
CA ALA B 514 -30.20 -0.32 -17.84
C ALA B 514 -31.65 -0.53 -18.28
N TRP B 515 -32.40 0.55 -18.46
CA TRP B 515 -33.74 0.43 -19.03
C TRP B 515 -33.71 -0.33 -20.36
N ARG B 516 -32.79 0.04 -21.25
CA ARG B 516 -32.78 -0.59 -22.58
C ARG B 516 -32.36 -2.06 -22.49
N ALA B 517 -31.45 -2.40 -21.58
CA ALA B 517 -31.02 -3.79 -21.46
C ALA B 517 -32.15 -4.66 -20.90
N VAL B 518 -32.83 -4.19 -19.86
CA VAL B 518 -33.94 -4.96 -19.32
C VAL B 518 -35.08 -5.05 -20.33
N TYR B 519 -35.36 -3.94 -21.03
CA TYR B 519 -36.37 -3.97 -22.08
C TYR B 519 -36.08 -5.07 -23.08
N ASN B 520 -34.84 -5.13 -23.57
CA ASN B 520 -34.55 -6.18 -24.55
C ASN B 520 -34.66 -7.56 -23.91
N TYR B 521 -34.18 -7.71 -22.68
CA TYR B 521 -34.28 -8.99 -21.98
C TYR B 521 -35.73 -9.44 -21.90
N LEU B 522 -36.62 -8.55 -21.45
CA LEU B 522 -38.03 -8.90 -21.32
C LEU B 522 -38.65 -9.21 -22.68
N TYR B 523 -38.27 -8.42 -23.70
CA TYR B 523 -38.83 -8.59 -25.04
C TYR B 523 -38.61 -9.99 -25.56
N VAL B 524 -37.41 -10.55 -25.34
CA VAL B 524 -37.10 -11.86 -25.89
C VAL B 524 -37.46 -13.02 -24.97
N THR B 525 -37.67 -12.78 -23.67
CA THR B 525 -37.93 -13.89 -22.75
C THR B 525 -39.33 -13.89 -22.16
N ASP B 526 -39.94 -12.75 -21.87
CA ASP B 526 -41.26 -12.71 -21.23
C ASP B 526 -41.95 -11.41 -21.57
N PRO B 527 -42.42 -11.26 -22.83
CA PRO B 527 -43.01 -9.98 -23.22
C PRO B 527 -44.30 -9.64 -22.48
N ALA B 528 -44.94 -10.63 -21.84
CA ALA B 528 -46.13 -10.33 -21.04
C ALA B 528 -45.79 -9.42 -19.86
N LYS B 529 -44.52 -9.30 -19.50
CA LYS B 529 -44.14 -8.37 -18.44
C LYS B 529 -43.94 -6.96 -18.96
N LEU B 530 -44.02 -6.74 -20.28
CA LEU B 530 -43.74 -5.39 -20.79
C LEU B 530 -44.72 -4.35 -20.25
N PRO B 531 -46.03 -4.60 -20.18
CA PRO B 531 -46.92 -3.55 -19.65
C PRO B 531 -46.53 -3.09 -18.24
N LYS B 532 -46.22 -4.00 -17.33
CA LYS B 532 -45.83 -3.59 -15.99
C LYS B 532 -44.48 -2.88 -15.99
N PHE B 533 -43.55 -3.36 -16.81
CA PHE B 533 -42.26 -2.68 -16.97
C PHE B 533 -42.46 -1.23 -17.40
N PHE B 534 -43.30 -1.02 -18.43
CA PHE B 534 -43.60 0.34 -18.87
C PHE B 534 -44.26 1.16 -17.76
N GLU B 535 -45.18 0.55 -17.03
CA GLU B 535 -45.90 1.28 -15.98
C GLU B 535 -44.96 1.75 -14.87
N LEU B 536 -44.04 0.89 -14.43
CA LEU B 536 -43.16 1.22 -13.31
C LEU B 536 -41.94 2.03 -13.74
N TRP B 537 -41.41 1.77 -14.94
CA TRP B 537 -40.11 2.31 -15.32
C TRP B 537 -40.15 3.12 -16.60
N GLY B 538 -41.32 3.34 -17.19
CA GLY B 538 -41.46 4.22 -18.34
C GLY B 538 -41.58 3.47 -19.65
N LYS B 539 -42.33 4.08 -20.58
CA LYS B 539 -42.55 3.52 -21.92
C LYS B 539 -41.33 3.67 -22.83
N ASN B 540 -40.45 4.61 -22.50
CA ASN B 540 -39.28 4.91 -23.30
C ASN B 540 -38.12 5.20 -22.37
N ALA B 541 -36.91 4.96 -22.85
CA ALA B 541 -35.73 5.32 -22.08
C ALA B 541 -35.63 6.83 -21.91
N GLU B 542 -35.68 7.57 -23.02
CA GLU B 542 -35.38 9.00 -23.08
C GLU B 542 -36.58 9.90 -23.35
N TRP B 543 -37.46 9.52 -24.28
CA TRP B 543 -38.61 10.36 -24.61
C TRP B 543 -39.36 10.76 -23.35
N PHE B 544 -39.69 12.05 -23.25
CA PHE B 544 -40.24 12.60 -22.02
C PHE B 544 -41.62 12.02 -21.71
N GLU B 545 -41.95 11.98 -20.43
CA GLU B 545 -43.32 11.68 -20.01
C GLU B 545 -44.26 12.78 -20.49
N GLY C 11 0.46 24.29 51.86
CA GLY C 11 0.89 22.92 52.13
C GLY C 11 1.16 22.11 50.87
N GLU C 12 2.16 22.53 50.11
CA GLU C 12 2.54 21.80 48.91
C GLU C 12 3.60 20.75 49.24
N ARG C 13 3.36 19.52 48.78
CA ARG C 13 4.35 18.47 48.86
C ARG C 13 4.02 17.47 47.76
N VAL C 14 4.96 17.23 46.86
CA VAL C 14 4.74 16.37 45.71
C VAL C 14 5.22 14.97 46.04
N GLY C 15 4.34 13.99 45.89
CA GLY C 15 4.73 12.60 45.98
C GLY C 15 5.19 12.07 44.65
N ILE C 16 6.45 11.63 44.57
CA ILE C 16 7.04 11.08 43.35
C ILE C 16 7.10 9.57 43.52
N LEU C 17 6.43 8.85 42.62
CA LEU C 17 6.36 7.39 42.67
C LEU C 17 7.41 6.82 41.74
N GLY C 18 8.41 6.15 42.33
CA GLY C 18 9.46 5.53 41.56
C GLY C 18 10.73 6.34 41.62
N ALA C 19 11.80 5.70 42.08
CA ALA C 19 13.13 6.31 42.14
C ALA C 19 14.01 5.88 40.97
N GLY C 20 13.42 5.72 39.79
CA GLY C 20 14.18 5.62 38.57
C GLY C 20 14.65 7.01 38.14
N ILE C 21 15.22 7.08 36.94
CA ILE C 21 15.82 8.33 36.49
C ILE C 21 14.75 9.40 36.27
N GLY C 22 13.53 8.99 35.88
CA GLY C 22 12.46 9.96 35.75
C GLY C 22 12.05 10.57 37.07
N GLY C 23 11.91 9.73 38.10
CA GLY C 23 11.54 10.26 39.40
C GLY C 23 12.66 11.06 40.03
N LEU C 24 13.90 10.60 39.84
CA LEU C 24 15.05 11.34 40.37
C LEU C 24 15.20 12.68 39.67
N TYR C 25 14.94 12.74 38.37
CA TYR C 25 15.03 14.02 37.65
C TYR C 25 13.91 14.97 38.07
N SER C 26 12.70 14.45 38.24
CA SER C 26 11.61 15.26 38.80
C SER C 26 12.02 15.88 40.13
N ALA C 27 12.63 15.05 41.00
CA ALA C 27 13.05 15.52 42.32
C ALA C 27 14.14 16.58 42.19
N LEU C 28 15.08 16.38 41.27
CA LEU C 28 16.13 17.38 41.03
C LEU C 28 15.53 18.72 40.61
N ILE C 29 14.53 18.69 39.74
CA ILE C 29 13.89 19.92 39.30
C ILE C 29 13.15 20.59 40.45
N LEU C 30 12.35 19.81 41.18
CA LEU C 30 11.56 20.40 42.27
C LEU C 30 12.48 21.00 43.33
N GLN C 31 13.53 20.27 43.71
CA GLN C 31 14.45 20.81 44.70
C GLN C 31 15.11 22.09 44.21
N SER C 32 15.43 22.17 42.92
CA SER C 32 16.00 23.40 42.38
C SER C 32 15.01 24.56 42.47
N LEU C 33 13.72 24.26 42.59
CA LEU C 33 12.67 25.28 42.70
C LEU C 33 12.12 25.40 44.11
N ASP C 34 12.73 24.71 45.08
CA ASP C 34 12.30 24.76 46.49
C ASP C 34 10.86 24.31 46.67
N VAL C 35 10.47 23.27 45.95
CA VAL C 35 9.17 22.61 46.13
C VAL C 35 9.40 21.34 46.94
N PRO C 36 8.73 21.15 48.08
CA PRO C 36 8.94 19.92 48.85
C PRO C 36 8.44 18.69 48.10
N PHE C 37 9.14 17.58 48.31
CA PHE C 37 8.77 16.33 47.65
C PHE C 37 9.18 15.15 48.54
N GLU C 38 8.67 13.98 48.18
CA GLU C 38 9.06 12.70 48.77
C GLU C 38 9.01 11.67 47.64
N ILE C 39 10.03 10.81 47.59
CA ILE C 39 10.11 9.75 46.59
C ILE C 39 9.78 8.42 47.27
N ILE C 40 8.80 7.72 46.71
CA ILE C 40 8.40 6.40 47.19
C ILE C 40 8.89 5.37 46.17
N GLU C 41 9.63 4.38 46.65
CA GLU C 41 10.27 3.37 45.80
C GLU C 41 9.96 1.99 46.33
N ALA C 42 9.55 1.09 45.43
CA ALA C 42 9.16 -0.26 45.84
C ALA C 42 10.34 -1.09 46.32
N SER C 43 11.50 -0.92 45.69
CA SER C 43 12.63 -1.80 45.91
C SER C 43 13.58 -1.18 46.94
N ASN C 44 14.74 -1.82 47.11
CA ASN C 44 15.78 -1.34 48.01
C ASN C 44 16.87 -0.57 47.28
N ARG C 45 16.64 -0.17 46.02
CA ARG C 45 17.66 0.49 45.23
C ARG C 45 17.04 1.61 44.40
N VAL C 46 17.88 2.59 44.07
CA VAL C 46 17.50 3.63 43.13
C VAL C 46 18.06 3.28 41.77
N GLY C 47 17.47 3.87 40.72
CA GLY C 47 17.99 3.77 39.36
C GLY C 47 17.06 3.08 38.39
N GLY C 48 16.20 2.21 38.88
CA GLY C 48 15.24 1.54 38.02
C GLY C 48 15.94 0.77 36.92
N ARG C 49 15.58 1.07 35.66
CA ARG C 49 16.16 0.41 34.51
C ARG C 49 17.56 0.91 34.17
N LEU C 50 18.14 1.78 35.00
CA LEU C 50 19.59 1.98 35.03
C LEU C 50 20.11 1.01 36.08
N PHE C 51 20.69 -0.10 35.61
CA PHE C 51 20.98 -1.27 36.45
C PHE C 51 22.29 -1.86 35.96
N THR C 52 23.35 -1.66 36.75
CA THR C 52 24.69 -2.14 36.44
C THR C 52 24.96 -3.37 37.29
N HIS C 53 25.28 -4.50 36.64
CA HIS C 53 25.68 -5.71 37.34
C HIS C 53 27.20 -5.80 37.35
N LYS C 54 27.78 -5.84 38.54
CA LYS C 54 29.21 -6.05 38.72
C LYS C 54 29.43 -7.52 39.05
N PHE C 55 30.34 -8.17 38.32
CA PHE C 55 30.72 -9.54 38.63
C PHE C 55 31.73 -9.52 39.77
N PRO C 56 31.44 -10.12 40.92
CA PRO C 56 32.42 -10.08 42.01
C PRO C 56 33.76 -10.74 41.68
N ASN C 57 33.77 -11.79 40.85
CA ASN C 57 35.01 -12.51 40.57
C ASN C 57 35.92 -11.80 39.58
N GLY C 58 35.51 -10.63 39.08
CA GLY C 58 36.28 -9.86 38.13
C GLY C 58 36.91 -8.62 38.75
N GLY C 59 37.54 -7.84 37.86
CA GLY C 59 38.16 -6.60 38.23
C GLY C 59 37.24 -5.39 38.06
N LYS C 60 37.87 -4.21 38.08
CA LYS C 60 37.16 -2.95 38.11
C LYS C 60 36.17 -2.80 36.96
N TYR C 61 36.55 -3.21 35.74
CA TYR C 61 35.68 -3.00 34.59
C TYR C 61 34.89 -4.26 34.24
N ASP C 62 34.81 -5.20 35.17
CA ASP C 62 34.01 -6.42 34.96
C ASP C 62 32.61 -6.21 35.53
N TYR C 63 31.92 -5.29 34.88
CA TYR C 63 30.50 -5.04 35.07
C TYR C 63 29.87 -5.01 33.68
N TYR C 64 28.55 -5.10 33.62
CA TYR C 64 27.84 -4.74 32.40
C TYR C 64 26.52 -4.07 32.78
N ASP C 65 26.02 -3.27 31.87
CA ASP C 65 24.76 -2.56 32.07
C ASP C 65 23.61 -3.42 31.56
N VAL C 66 22.73 -3.80 32.49
CA VAL C 66 21.59 -4.65 32.19
C VAL C 66 20.49 -3.87 31.51
N GLY C 67 20.37 -2.58 31.82
CA GLY C 67 19.47 -1.68 31.14
C GLY C 67 20.25 -0.69 30.30
N ALA C 68 20.07 0.61 30.56
CA ALA C 68 20.67 1.62 29.70
C ALA C 68 22.19 1.54 29.77
N MET C 69 22.83 1.67 28.60
CA MET C 69 24.28 1.52 28.48
C MET C 69 24.98 2.48 27.52
N ARG C 70 24.26 3.21 26.66
CA ARG C 70 24.91 4.04 25.65
C ARG C 70 24.07 5.29 25.39
N TYR C 71 24.73 6.40 25.10
CA TYR C 71 24.08 7.70 25.00
C TYR C 71 24.54 8.45 23.75
N PRO C 72 23.68 8.57 22.73
CA PRO C 72 24.10 9.31 21.52
C PRO C 72 23.91 10.81 21.74
N LEU C 73 24.89 11.40 22.38
CA LEU C 73 24.79 12.78 22.81
C LEU C 73 25.22 13.74 21.71
N PRO C 74 24.83 15.01 21.81
CA PRO C 74 25.39 16.03 20.91
C PRO C 74 26.87 16.22 21.21
N LYS C 75 27.56 16.82 20.24
CA LYS C 75 28.93 17.26 20.52
C LYS C 75 28.91 18.23 21.68
N SER C 76 30.02 18.26 22.43
CA SER C 76 30.16 19.15 23.56
C SER C 76 31.58 19.67 23.63
N ASP C 77 31.76 20.76 24.37
CA ASP C 77 33.10 21.27 24.62
C ASP C 77 33.62 20.66 25.93
N ASP C 78 34.80 21.09 26.37
CA ASP C 78 35.47 20.44 27.49
C ASP C 78 34.84 20.85 28.83
N LYS C 79 33.99 21.87 28.88
CA LYS C 79 33.26 22.20 30.11
C LYS C 79 31.89 21.59 30.20
N GLY C 80 31.50 20.77 29.22
CA GLY C 80 30.19 20.16 29.22
C GLY C 80 29.07 20.99 28.62
N ASN C 81 29.39 21.98 27.78
CA ASN C 81 28.38 22.69 27.01
C ASN C 81 28.04 21.89 25.76
N TYR C 82 26.76 21.59 25.59
CA TYR C 82 26.30 20.73 24.50
C TYR C 82 25.66 21.54 23.38
N GLN C 83 25.94 21.13 22.14
CA GLN C 83 25.18 21.63 21.00
C GLN C 83 23.72 21.19 21.14
N PRO C 84 22.79 21.86 20.46
CA PRO C 84 21.40 21.39 20.46
C PRO C 84 21.31 20.00 19.84
N GLY C 85 20.34 19.21 20.29
CA GLY C 85 20.18 17.87 19.77
C GLY C 85 19.17 17.08 20.54
N VAL C 86 18.87 15.90 20.00
CA VAL C 86 17.84 15.04 20.57
C VAL C 86 18.13 14.76 22.04
N MET C 87 19.40 14.56 22.40
CA MET C 87 19.77 14.16 23.75
C MET C 87 20.52 15.24 24.50
N GLN C 88 20.38 16.50 24.09
CA GLN C 88 21.03 17.60 24.82
C GLN C 88 20.60 17.61 26.27
N ARG C 89 19.34 17.30 26.55
CA ARG C 89 18.85 17.32 27.93
C ARG C 89 19.60 16.33 28.80
N VAL C 90 19.94 15.17 28.24
CA VAL C 90 20.74 14.20 28.98
C VAL C 90 22.14 14.76 29.21
N GLY C 91 22.74 15.35 28.16
CA GLY C 91 24.05 15.93 28.31
C GLY C 91 24.09 17.00 29.39
N GLN C 92 23.11 17.89 29.38
CA GLN C 92 23.06 18.96 30.37
C GLN C 92 22.89 18.42 31.78
N LEU C 93 22.20 17.28 31.93
CA LEU C 93 22.06 16.67 33.25
C LEU C 93 23.40 16.19 33.78
N PHE C 94 24.17 15.50 32.94
CA PHE C 94 25.52 15.09 33.32
C PHE C 94 26.34 16.28 33.80
N THR C 95 26.32 17.38 33.03
CA THR C 95 27.08 18.56 33.40
C THR C 95 26.59 19.16 34.70
N TYR C 96 25.27 19.25 34.87
CA TYR C 96 24.70 19.78 36.11
C TYR C 96 25.23 19.03 37.33
N LEU C 97 25.43 17.73 37.20
CA LEU C 97 25.89 16.86 38.27
C LEU C 97 27.41 16.78 38.35
N GLY C 98 28.14 17.51 37.51
CA GLY C 98 29.59 17.46 37.54
C GLY C 98 30.20 16.20 36.98
N MET C 99 29.49 15.51 36.09
CA MET C 99 29.89 14.20 35.60
C MET C 99 30.57 14.21 34.24
N HIS C 100 30.83 15.38 33.65
CA HIS C 100 31.31 15.43 32.28
C HIS C 100 32.56 14.58 32.07
N LYS C 101 33.46 14.57 33.04
CA LYS C 101 34.71 13.83 32.85
C LYS C 101 34.52 12.34 33.08
N GLN C 102 33.36 11.90 33.56
CA GLN C 102 33.05 10.49 33.65
C GLN C 102 32.36 9.94 32.40
N LEU C 103 32.11 10.78 31.39
CA LEU C 103 31.57 10.32 30.13
C LEU C 103 32.74 9.91 29.24
N ILE C 104 32.75 8.65 28.82
CA ILE C 104 33.87 8.10 28.07
C ILE C 104 33.33 7.60 26.74
N PRO C 105 34.21 7.39 25.77
CA PRO C 105 33.73 6.96 24.44
C PRO C 105 32.99 5.62 24.52
N TYR C 106 31.86 5.58 23.82
CA TYR C 106 31.16 4.34 23.49
C TYR C 106 31.37 4.09 22.00
N TYR C 107 31.90 2.92 21.67
CA TYR C 107 32.19 2.57 20.28
C TYR C 107 31.01 1.78 19.72
N PHE C 108 30.18 2.46 18.92
CA PHE C 108 29.02 1.79 18.33
C PHE C 108 29.48 0.75 17.32
N LYS C 109 30.50 1.07 16.55
CA LYS C 109 31.26 0.12 15.74
C LYS C 109 32.60 -0.11 16.41
N SER C 110 33.23 -1.24 16.10
CA SER C 110 34.52 -1.54 16.68
C SER C 110 35.52 -0.44 16.37
N ASN C 111 36.34 -0.12 17.36
CA ASN C 111 37.40 0.86 17.17
C ASN C 111 38.63 0.26 16.49
N LYS C 112 38.64 -1.05 16.25
CA LYS C 112 39.76 -1.67 15.53
C LYS C 112 39.17 -2.35 14.29
N SER C 113 39.25 -3.68 14.18
CA SER C 113 38.68 -4.34 13.01
C SER C 113 37.16 -4.43 13.16
N PRO C 114 36.42 -4.49 12.06
CA PRO C 114 34.95 -4.46 12.15
C PRO C 114 34.40 -5.69 12.86
N GLY C 115 33.20 -5.51 13.43
CA GLY C 115 32.48 -6.64 14.00
C GLY C 115 32.05 -7.63 12.95
N PHE C 116 31.49 -8.74 13.44
CA PHE C 116 31.05 -9.85 12.60
C PHE C 116 29.56 -9.78 12.31
N GLN C 117 29.19 -10.33 11.15
CA GLN C 117 27.81 -10.64 10.82
C GLN C 117 27.75 -12.12 10.47
N TYR C 118 26.73 -12.81 10.99
CA TYR C 118 26.58 -14.24 10.74
C TYR C 118 25.11 -14.51 10.47
N PHE C 119 24.77 -14.66 9.18
CA PHE C 119 23.39 -14.79 8.72
C PHE C 119 23.32 -15.90 7.68
N ASN C 120 22.32 -16.78 7.83
CA ASN C 120 22.09 -17.86 6.88
C ASN C 120 23.33 -18.74 6.73
N GLY C 121 24.07 -18.92 7.82
CA GLY C 121 25.27 -19.73 7.81
C GLY C 121 26.47 -19.08 7.15
N VAL C 122 26.39 -17.82 6.78
CA VAL C 122 27.46 -17.09 6.10
C VAL C 122 28.03 -16.07 7.06
N ARG C 123 29.36 -16.07 7.21
CA ARG C 123 30.07 -15.19 8.11
C ARG C 123 30.83 -14.13 7.31
N ALA C 124 30.78 -12.89 7.78
CA ALA C 124 31.50 -11.81 7.13
C ALA C 124 31.74 -10.72 8.15
N ARG C 125 32.69 -9.84 7.82
CA ARG C 125 32.88 -8.63 8.61
C ARG C 125 31.90 -7.56 8.14
N ILE C 126 31.47 -6.72 9.08
CA ILE C 126 30.67 -5.56 8.73
C ILE C 126 31.45 -4.71 7.73
N GLY C 127 30.78 -4.32 6.64
CA GLY C 127 31.41 -3.54 5.60
C GLY C 127 31.98 -4.34 4.46
N GLU C 128 32.02 -5.67 4.54
CA GLU C 128 32.57 -6.48 3.47
C GLU C 128 31.60 -6.70 2.32
N GLY C 129 30.35 -6.27 2.44
CA GLY C 129 29.42 -6.35 1.33
C GLY C 129 28.87 -7.73 1.02
N SER C 130 28.90 -8.65 1.98
CA SER C 130 28.32 -9.97 1.76
C SER C 130 26.82 -9.85 1.52
N SER C 131 26.29 -10.76 0.70
CA SER C 131 24.85 -10.88 0.51
C SER C 131 24.23 -11.93 1.42
N PHE C 132 25.03 -12.67 2.19
CA PHE C 132 24.52 -13.65 3.14
C PHE C 132 23.53 -14.60 2.47
N ASP C 133 23.88 -15.02 1.25
CA ASP C 133 23.10 -16.01 0.51
C ASP C 133 21.69 -15.52 0.19
N ALA C 134 21.47 -14.20 0.18
CA ALA C 134 20.13 -13.69 -0.11
C ALA C 134 19.60 -14.13 -1.47
N PRO C 135 20.40 -14.33 -2.52
CA PRO C 135 19.81 -14.84 -3.77
C PRO C 135 19.05 -16.14 -3.57
N ALA C 136 19.56 -17.03 -2.71
CA ALA C 136 18.87 -18.30 -2.48
C ALA C 136 17.54 -18.09 -1.75
N LEU C 137 17.43 -17.01 -1.01
CA LEU C 137 16.18 -16.62 -0.36
C LEU C 137 15.21 -15.95 -1.31
N GLY C 138 15.62 -15.72 -2.55
CA GLY C 138 14.75 -15.08 -3.52
C GLY C 138 14.80 -13.57 -3.54
N ILE C 139 15.86 -12.97 -3.02
CA ILE C 139 16.05 -11.52 -3.09
C ILE C 139 16.80 -11.21 -4.37
N ASN C 140 16.19 -10.44 -5.27
CA ASN C 140 16.82 -10.22 -6.56
C ASN C 140 17.99 -9.26 -6.42
N SER C 141 18.86 -9.27 -7.43
CA SER C 141 20.13 -8.58 -7.33
C SER C 141 19.97 -7.06 -7.25
N SER C 142 18.90 -6.52 -7.85
CA SER C 142 18.69 -5.09 -7.78
C SER C 142 18.50 -4.64 -6.34
N LEU C 143 17.70 -5.37 -5.57
CA LEU C 143 17.52 -5.01 -4.17
C LEU C 143 18.81 -5.21 -3.38
N ILE C 144 19.53 -6.29 -3.64
CA ILE C 144 20.77 -6.56 -2.92
C ILE C 144 21.78 -5.44 -3.17
N ASP C 145 21.89 -4.99 -4.41
CA ASP C 145 22.87 -3.95 -4.73
C ASP C 145 22.56 -2.66 -3.96
N ILE C 146 21.28 -2.31 -3.84
CA ILE C 146 20.91 -1.14 -3.05
C ILE C 146 21.19 -1.39 -1.58
N GLY C 147 20.69 -2.49 -1.04
CA GLY C 147 20.98 -2.84 0.33
C GLY C 147 19.89 -2.40 1.30
N VAL C 148 19.82 -3.13 2.42
CA VAL C 148 18.75 -2.92 3.41
C VAL C 148 18.82 -1.51 3.98
N THR C 149 20.01 -1.06 4.35
CA THR C 149 20.14 0.25 4.97
C THR C 149 19.57 1.35 4.08
N LYS C 150 19.96 1.37 2.81
CA LYS C 150 19.50 2.42 1.92
C LYS C 150 18.00 2.34 1.71
N ILE C 151 17.46 1.13 1.57
CA ILE C 151 16.03 0.97 1.35
C ILE C 151 15.24 1.49 2.55
N VAL C 152 15.64 1.07 3.75
CA VAL C 152 14.91 1.49 4.94
C VAL C 152 15.01 3.00 5.11
N ASN C 153 16.20 3.55 4.88
N ASN C 153 16.18 3.57 4.85
CA ASN C 153 16.37 5.01 4.94
CA ASN C 153 16.34 5.01 4.97
C ASN C 153 15.40 5.71 3.99
C ASN C 153 15.46 5.76 3.97
N ASP C 154 15.29 5.20 2.76
CA ASP C 154 14.42 5.84 1.79
C ASP C 154 12.97 5.86 2.27
N ALA C 155 12.54 4.81 2.99
CA ALA C 155 11.16 4.75 3.47
C ALA C 155 10.95 5.60 4.72
N VAL C 156 11.90 5.56 5.64
CA VAL C 156 11.76 6.23 6.92
C VAL C 156 12.19 7.69 6.85
N GLY C 157 13.12 8.03 5.96
CA GLY C 157 13.73 9.33 5.89
C GLY C 157 12.80 10.53 5.84
N PRO C 158 11.81 10.51 4.94
CA PRO C 158 10.92 11.68 4.86
C PRO C 158 10.22 11.98 6.17
N PHE C 159 9.73 10.95 6.86
CA PHE C 159 9.10 11.16 8.17
C PHE C 159 10.11 11.69 9.17
N ALA C 160 11.30 11.07 9.22
CA ALA C 160 12.26 11.43 10.25
C ALA C 160 12.79 12.83 10.04
N GLN C 161 13.01 13.24 8.78
CA GLN C 161 13.48 14.59 8.52
C GLN C 161 12.44 15.62 8.96
N ALA C 162 11.16 15.33 8.70
CA ALA C 162 10.10 16.27 9.10
C ALA C 162 10.00 16.39 10.60
N LEU C 163 10.25 15.29 11.32
CA LEU C 163 10.26 15.36 12.78
C LEU C 163 11.50 16.08 13.27
N PHE C 164 12.65 15.86 12.63
CA PHE C 164 13.82 16.63 13.02
C PHE C 164 13.62 18.11 12.75
N ASP C 165 13.00 18.45 11.62
CA ASP C 165 12.66 19.84 11.33
C ASP C 165 11.77 20.43 12.42
N ASP C 166 10.79 19.65 12.91
CA ASP C 166 9.97 20.09 14.03
C ASP C 166 10.83 20.55 15.20
N LEU C 167 11.84 19.73 15.54
CA LEU C 167 12.69 20.03 16.70
C LEU C 167 13.50 21.30 16.49
N GLN C 168 14.05 21.48 15.29
CA GLN C 168 14.89 22.65 15.03
C GLN C 168 14.08 23.92 14.86
N LYS C 169 12.96 23.84 14.15
CA LYS C 169 12.21 25.02 13.77
C LYS C 169 11.08 25.32 14.75
N HIS C 170 10.82 24.44 15.72
CA HIS C 170 9.76 24.62 16.70
C HIS C 170 8.39 24.58 16.01
N THR C 171 8.12 23.46 15.36
CA THR C 171 6.85 23.23 14.68
C THR C 171 6.32 21.87 15.11
N THR C 172 5.09 21.57 14.70
CA THR C 172 4.51 20.25 14.93
C THR C 172 3.90 19.64 13.66
N THR C 173 4.15 20.25 12.50
CA THR C 173 3.62 19.70 11.25
C THR C 173 4.20 18.34 10.93
N GLY C 174 5.47 18.11 11.28
CA GLY C 174 6.06 16.78 11.09
C GLY C 174 5.34 15.70 11.89
N TRP C 175 4.99 16.01 13.14
CA TRP C 175 4.25 15.04 13.95
C TRP C 175 2.85 14.81 13.39
N ASP C 176 2.20 15.89 12.93
CA ASP C 176 0.87 15.73 12.34
C ASP C 176 0.91 14.77 11.15
N ASP C 177 1.94 14.89 10.31
CA ASP C 177 2.05 13.99 9.17
C ASP C 177 2.34 12.57 9.61
N MET C 178 3.22 12.41 10.60
CA MET C 178 3.47 11.10 11.18
C MET C 178 2.18 10.49 11.72
N MET C 179 1.37 11.29 12.41
CA MET C 179 0.14 10.75 12.99
C MET C 179 -0.87 10.36 11.92
N LYS C 180 -0.90 11.06 10.78
CA LYS C 180 -1.76 10.60 9.68
C LYS C 180 -1.38 9.20 9.21
N ASN C 181 -0.15 8.76 9.50
CA ASN C 181 0.36 7.48 9.07
C ASN C 181 0.57 6.51 10.24
N ASP C 182 0.05 6.83 11.42
CA ASP C 182 0.33 6.03 12.60
C ASP C 182 -0.43 4.71 12.62
N ALA C 183 -1.48 4.56 11.82
CA ALA C 183 -2.17 3.28 11.75
C ALA C 183 -1.33 2.23 11.04
N TYR C 184 -0.23 2.63 10.39
CA TYR C 184 0.66 1.67 9.75
C TYR C 184 1.63 1.07 10.77
N SER C 185 1.83 -0.24 10.68
CA SER C 185 3.06 -0.85 11.15
C SER C 185 4.13 -0.62 10.09
N THR C 186 5.38 -0.86 10.44
CA THR C 186 6.40 -0.77 9.40
C THR C 186 6.10 -1.73 8.26
N ARG C 187 5.68 -2.95 8.59
CA ARG C 187 5.34 -3.94 7.57
C ARG C 187 4.20 -3.46 6.67
N SER C 188 3.09 -3.04 7.27
CA SER C 188 1.96 -2.67 6.41
C SER C 188 2.25 -1.38 5.64
N TYR C 189 3.16 -0.54 6.14
CA TYR C 189 3.63 0.57 5.31
C TYR C 189 4.33 0.04 4.07
N PHE C 190 5.23 -0.94 4.26
CA PHE C 190 5.92 -1.51 3.11
C PHE C 190 4.97 -2.30 2.22
N SER C 191 4.01 -3.02 2.81
CA SER C 191 3.19 -3.90 1.99
C SER C 191 2.15 -3.13 1.18
N PHE C 192 1.66 -1.99 1.71
CA PHE C 192 0.48 -1.35 1.14
C PHE C 192 0.62 0.11 0.75
N LYS C 193 1.70 0.78 1.09
CA LYS C 193 1.76 2.19 0.75
C LYS C 193 3.07 2.57 0.07
N TYR C 194 4.18 2.17 0.67
CA TYR C 194 5.49 2.57 0.18
C TYR C 194 5.78 2.04 -1.22
N LEU C 195 6.32 2.91 -2.08
CA LEU C 195 6.91 2.50 -3.34
C LEU C 195 8.33 3.06 -3.39
N PRO C 196 9.31 2.29 -3.88
CA PRO C 196 10.69 2.76 -3.81
C PRO C 196 10.90 4.02 -4.63
N SER C 197 11.71 4.92 -4.09
CA SER C 197 12.00 6.18 -4.77
C SER C 197 12.41 5.89 -6.21
N PRO C 198 12.05 6.76 -7.15
CA PRO C 198 12.34 6.46 -8.56
C PRO C 198 13.83 6.28 -8.85
N SER C 199 14.71 6.90 -8.05
CA SER C 199 16.14 6.81 -8.33
CA SER C 199 16.15 6.82 -8.32
C SER C 199 16.68 5.40 -8.14
N PHE C 200 15.94 4.53 -7.47
CA PHE C 200 16.37 3.15 -7.29
C PHE C 200 16.21 2.30 -8.54
N GLY C 201 15.40 2.74 -9.50
CA GLY C 201 15.18 1.93 -10.70
C GLY C 201 14.47 0.63 -10.45
N LEU C 202 13.68 0.53 -9.37
CA LEU C 202 12.96 -0.69 -9.05
C LEU C 202 11.54 -0.62 -9.60
N PRO C 203 10.87 -1.78 -9.70
CA PRO C 203 9.46 -1.78 -10.15
C PRO C 203 8.57 -0.96 -9.23
N SER C 204 7.56 -0.33 -9.83
CA SER C 204 6.59 0.48 -9.08
C SER C 204 5.57 -0.46 -8.44
N GLU C 205 6.07 -1.26 -7.51
CA GLU C 205 5.32 -2.35 -6.89
C GLU C 205 5.71 -2.45 -5.42
N HIS C 206 4.72 -2.66 -4.56
CA HIS C 206 5.03 -2.84 -3.15
C HIS C 206 5.89 -4.09 -2.96
N PHE C 207 6.74 -4.04 -1.95
CA PHE C 207 7.63 -5.16 -1.66
C PHE C 207 6.83 -6.39 -1.21
N SER C 208 7.29 -7.56 -1.63
CA SER C 208 6.71 -8.79 -1.14
C SER C 208 7.11 -9.02 0.32
N THR C 209 6.38 -9.94 0.97
CA THR C 209 6.70 -10.28 2.35
C THR C 209 8.11 -10.85 2.48
N ARG C 210 8.55 -11.68 1.51
CA ARG C 210 9.91 -12.21 1.58
C ARG C 210 10.92 -11.08 1.65
N VAL C 211 10.73 -10.05 0.83
CA VAL C 211 11.65 -8.91 0.82
C VAL C 211 11.54 -8.13 2.12
N ILE C 212 10.32 -7.89 2.60
CA ILE C 212 10.13 -7.13 3.84
C ILE C 212 10.77 -7.88 5.01
N ASN C 213 10.66 -9.20 5.03
CA ASN C 213 11.25 -9.97 6.12
C ASN C 213 12.77 -9.93 6.06
N TRP C 214 13.33 -9.81 4.85
CA TRP C 214 14.78 -9.62 4.68
C TRP C 214 15.22 -8.27 5.25
N LEU C 215 14.45 -7.21 4.97
CA LEU C 215 14.73 -5.92 5.59
C LEU C 215 14.76 -6.05 7.12
N GLU C 216 13.71 -6.67 7.69
CA GLU C 216 13.63 -6.75 9.15
C GLU C 216 14.81 -7.53 9.71
N THR C 217 15.21 -8.61 9.05
CA THR C 217 16.29 -9.46 9.53
C THR C 217 17.56 -8.66 9.80
N PHE C 218 17.91 -7.77 8.87
CA PHE C 218 19.15 -7.01 8.96
C PHE C 218 18.97 -5.62 9.55
N ASP C 219 17.75 -5.09 9.59
CA ASP C 219 17.50 -3.74 10.10
C ASP C 219 17.24 -3.73 11.60
N LYS C 220 16.46 -4.69 12.10
CA LYS C 220 16.06 -4.66 13.50
C LYS C 220 16.06 -6.04 14.14
N SER C 221 14.90 -6.49 14.62
CA SER C 221 14.77 -7.70 15.42
C SER C 221 13.52 -8.42 14.97
N THR C 222 13.42 -9.71 15.30
CA THR C 222 12.30 -10.52 14.82
C THR C 222 11.00 -9.99 15.43
N GLY C 223 10.09 -9.53 14.57
CA GLY C 223 8.82 -8.99 14.96
C GLY C 223 8.77 -7.47 15.08
N TRP C 224 9.90 -6.78 14.95
CA TRP C 224 9.91 -5.33 15.07
C TRP C 224 8.90 -4.68 14.12
N TYR C 225 8.85 -5.16 12.88
CA TYR C 225 8.10 -4.47 11.85
C TYR C 225 6.59 -4.58 12.04
N ASP C 226 6.12 -5.45 12.95
CA ASP C 226 4.69 -5.52 13.23
C ASP C 226 4.25 -4.51 14.28
N ARG C 227 5.18 -3.79 14.87
CA ARG C 227 4.86 -2.68 15.73
C ARG C 227 4.73 -1.41 14.89
N GLY C 228 4.52 -0.29 15.56
CA GLY C 228 4.17 0.93 14.86
C GLY C 228 5.29 1.43 13.96
N LEU C 229 4.90 1.89 12.76
CA LEU C 229 5.83 2.60 11.90
C LEU C 229 6.45 3.79 12.63
N THR C 230 5.65 4.49 13.43
CA THR C 230 6.14 5.68 14.12
C THR C 230 7.35 5.34 15.01
N GLU C 231 7.32 4.19 15.68
CA GLU C 231 8.45 3.83 16.53
C GLU C 231 9.72 3.63 15.70
N THR C 232 9.58 3.05 14.50
CA THR C 232 10.73 2.93 13.60
C THR C 232 11.29 4.31 13.26
N VAL C 233 10.40 5.27 13.00
CA VAL C 233 10.84 6.62 12.67
C VAL C 233 11.54 7.27 13.85
N LEU C 234 10.91 7.20 15.03
CA LEU C 234 11.46 7.86 16.21
C LEU C 234 12.79 7.25 16.63
N GLU C 235 12.94 5.92 16.48
CA GLU C 235 14.20 5.31 16.90
CA GLU C 235 14.18 5.26 16.85
C GLU C 235 15.32 5.66 15.92
N ALA C 236 15.02 5.84 14.64
CA ALA C 236 16.03 6.36 13.71
C ALA C 236 16.48 7.75 14.14
N ILE C 237 15.56 8.59 14.59
CA ILE C 237 15.96 9.90 15.09
C ILE C 237 16.86 9.76 16.31
N ALA C 238 16.49 8.87 17.23
CA ALA C 238 17.24 8.77 18.49
C ALA C 238 18.65 8.25 18.24
N PHE C 239 18.81 7.29 17.34
CA PHE C 239 20.13 6.71 17.07
C PHE C 239 21.01 7.64 16.23
N GLY C 240 20.50 8.80 15.82
CA GLY C 240 21.32 9.78 15.15
C GLY C 240 21.40 9.61 13.66
N GLU C 241 20.59 8.74 13.06
CA GLU C 241 20.68 8.44 11.64
C GLU C 241 20.02 9.50 10.77
N VAL C 242 19.81 10.71 11.27
CA VAL C 242 19.20 11.79 10.51
C VAL C 242 19.67 13.09 11.17
N GLY C 243 19.79 14.14 10.37
CA GLY C 243 20.00 15.48 10.89
C GLY C 243 21.35 16.05 10.53
N ASP C 244 21.49 17.34 10.86
CA ASP C 244 22.67 18.10 10.47
C ASP C 244 23.89 17.72 11.31
N GLY C 245 23.72 17.65 12.63
CA GLY C 245 24.84 17.48 13.53
C GLY C 245 25.27 16.04 13.72
N GLU C 246 26.49 15.87 14.20
CA GLU C 246 27.04 14.56 14.45
C GLU C 246 26.68 14.12 15.87
N VAL C 247 26.70 12.82 16.10
CA VAL C 247 26.36 12.26 17.41
C VAL C 247 27.67 11.83 18.06
N ASP C 248 27.79 12.07 19.37
CA ASP C 248 28.95 11.66 20.17
C ASP C 248 28.51 10.56 21.12
N TRP C 249 28.80 9.32 20.76
CA TRP C 249 28.38 8.20 21.58
C TRP C 249 29.20 8.14 22.86
N ARG C 250 28.51 8.15 24.00
CA ARG C 250 29.19 8.08 25.28
C ARG C 250 28.60 6.95 26.12
N CYS C 251 29.39 6.46 27.07
CA CYS C 251 28.89 5.66 28.19
C CYS C 251 29.50 6.25 29.47
N ILE C 252 29.08 5.72 30.61
CA ILE C 252 29.43 6.30 31.90
C ILE C 252 30.48 5.39 32.55
N ASP C 253 31.62 5.98 32.91
CA ASP C 253 32.71 5.24 33.54
C ASP C 253 32.21 4.65 34.85
N GLY C 254 32.32 3.31 34.98
CA GLY C 254 31.78 2.61 36.12
C GLY C 254 30.38 2.06 35.92
N GLY C 255 29.72 2.40 34.82
CA GLY C 255 28.39 1.89 34.54
C GLY C 255 27.31 2.93 34.81
N SER C 256 26.15 2.70 34.17
CA SER C 256 25.09 3.69 34.21
C SER C 256 24.57 3.93 35.63
N HIS C 257 24.75 2.99 36.56
CA HIS C 257 24.31 3.21 37.93
C HIS C 257 24.90 4.50 38.51
N VAL C 258 26.06 4.93 38.00
CA VAL C 258 26.69 6.13 38.55
C VAL C 258 25.76 7.33 38.47
N LEU C 259 24.94 7.41 37.41
CA LEU C 259 24.07 8.57 37.24
C LEU C 259 23.03 8.65 38.35
N PRO C 260 22.18 7.65 38.57
CA PRO C 260 21.21 7.75 39.68
C PRO C 260 21.88 7.82 41.05
N ASP C 261 22.98 7.10 41.27
CA ASP C 261 23.66 7.22 42.56
C ASP C 261 24.12 8.66 42.79
N THR C 262 24.62 9.31 41.74
CA THR C 262 25.09 10.68 41.90
C THR C 262 23.94 11.63 42.18
N ILE C 263 22.77 11.39 41.57
CA ILE C 263 21.62 12.25 41.87
C ILE C 263 21.16 12.06 43.30
N ALA C 264 21.05 10.79 43.75
CA ALA C 264 20.61 10.54 45.11
C ALA C 264 21.54 11.21 46.12
N ALA C 265 22.85 11.15 45.88
CA ALA C 265 23.80 11.82 46.78
C ALA C 265 23.60 13.33 46.74
N PHE C 266 23.37 13.88 45.55
CA PHE C 266 23.15 15.32 45.42
C PHE C 266 21.90 15.74 46.20
N LEU C 267 20.82 14.99 46.05
CA LEU C 267 19.60 15.25 46.79
C LEU C 267 19.78 15.09 48.29
N HIS C 268 20.69 14.20 48.69
CA HIS C 268 20.89 14.00 50.11
C HIS C 268 21.69 15.14 50.74
N LYS C 269 22.35 15.98 49.94
CA LYS C 269 23.20 17.03 50.47
C LYS C 269 22.40 18.15 51.13
N ALA C 274 13.57 13.41 50.59
CA ALA C 274 14.23 12.17 51.01
C ALA C 274 13.43 10.97 50.43
N PHE C 275 13.98 9.77 50.58
CA PHE C 275 13.40 8.55 50.01
C PHE C 275 12.64 7.68 51.01
N VAL C 276 11.53 7.11 50.54
CA VAL C 276 10.83 6.03 51.24
C VAL C 276 11.06 4.74 50.45
N MET C 277 11.96 3.89 50.95
CA MET C 277 12.34 2.68 50.22
C MET C 277 11.52 1.47 50.67
N ASN C 278 11.56 0.42 49.85
CA ASN C 278 10.90 -0.84 50.17
C ASN C 278 9.43 -0.62 50.49
N ALA C 279 8.78 0.21 49.68
CA ALA C 279 7.37 0.57 49.89
C ALA C 279 6.67 0.53 48.54
N SER C 280 6.02 -0.58 48.24
CA SER C 280 5.37 -0.77 46.96
C SER C 280 4.01 -0.08 46.96
N VAL C 281 3.76 0.75 45.95
CA VAL C 281 2.49 1.45 45.84
C VAL C 281 1.39 0.48 45.45
N THR C 282 0.29 0.49 46.21
CA THR C 282 -0.86 -0.36 45.91
C THR C 282 -2.13 0.42 45.60
N ALA C 283 -2.19 1.72 45.91
CA ALA C 283 -3.37 2.50 45.59
C ALA C 283 -2.98 3.97 45.47
N ILE C 284 -3.63 4.66 44.53
CA ILE C 284 -3.46 6.10 44.33
C ILE C 284 -4.83 6.71 44.11
N GLY C 285 -5.17 7.72 44.90
CA GLY C 285 -6.44 8.39 44.69
C GLY C 285 -6.59 9.61 45.58
N LEU C 286 -7.57 10.44 45.21
CA LEU C 286 -7.95 11.56 46.04
C LEU C 286 -8.55 11.08 47.34
N GLU C 287 -8.22 11.77 48.43
CA GLU C 287 -8.82 11.44 49.72
C GLU C 287 -10.33 11.55 49.69
N ASN C 288 -10.85 12.61 49.09
CA ASN C 288 -12.29 12.77 48.87
C ASN C 288 -12.48 13.37 47.49
N PRO C 289 -12.83 12.56 46.49
CA PRO C 289 -12.90 13.09 45.11
C PRO C 289 -13.99 14.12 44.90
N ASN C 290 -14.94 14.26 45.82
CA ASN C 290 -16.00 15.27 45.70
C ASN C 290 -15.60 16.60 46.30
N LYS C 291 -14.42 16.72 46.89
CA LYS C 291 -13.93 17.96 47.47
C LYS C 291 -12.86 18.57 46.57
N GLU C 292 -13.00 19.86 46.29
CA GLU C 292 -12.10 20.51 45.33
C GLU C 292 -10.67 20.58 45.86
N ASP C 293 -10.49 20.79 47.16
CA ASP C 293 -9.15 20.90 47.72
C ASP C 293 -8.61 19.57 48.26
N SER C 294 -9.18 18.45 47.84
CA SER C 294 -8.79 17.16 48.40
C SER C 294 -7.31 16.90 48.16
N PRO C 295 -6.58 16.42 49.16
CA PRO C 295 -5.22 15.92 48.89
C PRO C 295 -5.26 14.58 48.17
N MET C 296 -4.11 14.22 47.62
CA MET C 296 -3.90 12.88 47.10
C MET C 296 -3.46 11.97 48.23
N VAL C 297 -3.86 10.70 48.13
CA VAL C 297 -3.47 9.65 49.06
C VAL C 297 -2.74 8.58 48.26
N VAL C 298 -1.56 8.17 48.73
CA VAL C 298 -0.83 7.06 48.16
C VAL C 298 -0.67 6.02 49.26
N VAL C 299 -1.14 4.81 49.00
CA VAL C 299 -0.94 3.69 49.90
C VAL C 299 0.27 2.91 49.39
N ALA C 300 1.28 2.80 50.23
CA ALA C 300 2.51 2.11 49.86
C ALA C 300 3.02 1.43 51.12
N GLY C 301 3.34 0.15 51.01
CA GLY C 301 3.74 -0.60 52.18
C GLY C 301 2.68 -0.66 53.26
N GLY C 302 1.40 -0.62 52.90
CA GLY C 302 0.32 -0.65 53.87
C GLY C 302 0.10 0.64 54.64
N GLN C 303 0.79 1.71 54.29
CA GLN C 303 0.70 2.98 54.97
CA GLN C 303 0.68 2.99 54.96
C GLN C 303 0.16 4.03 54.00
N LYS C 304 -0.70 4.91 54.51
CA LYS C 304 -1.24 6.01 53.73
C LYS C 304 -0.31 7.21 53.85
N ARG C 305 0.02 7.83 52.72
CA ARG C 305 0.80 9.07 52.70
C ARG C 305 0.03 10.11 51.89
N LYS C 306 0.06 11.36 52.36
CA LYS C 306 -0.73 12.44 51.77
C LYS C 306 0.17 13.42 51.04
N TYR C 307 -0.28 13.83 49.85
CA TYR C 307 0.47 14.78 49.03
C TYR C 307 -0.52 15.75 48.40
N SER C 308 -0.01 16.93 48.06
CA SER C 308 -0.84 17.88 47.31
C SER C 308 -1.01 17.41 45.88
N HIS C 309 0.08 16.98 45.24
CA HIS C 309 0.08 16.44 43.89
C HIS C 309 0.97 15.21 43.88
N VAL C 310 0.72 14.32 42.91
CA VAL C 310 1.52 13.12 42.75
C VAL C 310 2.05 13.06 41.32
N ILE C 311 3.34 12.80 41.17
CA ILE C 311 3.95 12.52 39.88
C ILE C 311 4.30 11.04 39.86
N SER C 312 3.63 10.27 39.01
CA SER C 312 3.89 8.85 38.86
C SER C 312 4.90 8.60 37.75
N THR C 313 5.96 7.85 38.04
CA THR C 313 6.85 7.32 37.01
C THR C 313 6.71 5.81 36.87
N LEU C 314 5.66 5.24 37.42
CA LEU C 314 5.47 3.79 37.32
C LEU C 314 5.16 3.41 35.87
N PRO C 315 5.75 2.32 35.37
CA PRO C 315 5.36 1.82 34.05
C PRO C 315 3.86 1.61 33.95
N LEU C 316 3.31 1.78 32.75
CA LEU C 316 1.88 1.64 32.58
C LEU C 316 1.36 0.27 33.03
N PRO C 317 2.00 -0.85 32.71
CA PRO C 317 1.47 -2.13 33.20
C PRO C 317 1.49 -2.24 34.71
N VAL C 318 2.41 -1.54 35.38
CA VAL C 318 2.41 -1.48 36.83
C VAL C 318 1.20 -0.70 37.33
N LEU C 319 0.88 0.42 36.69
CA LEU C 319 -0.31 1.17 37.11
C LEU C 319 -1.57 0.32 37.03
N ARG C 320 -1.63 -0.63 36.08
CA ARG C 320 -2.77 -1.54 35.98
C ARG C 320 -2.84 -2.51 37.15
N THR C 321 -1.80 -2.65 37.95
CA THR C 321 -1.85 -3.46 39.15
C THR C 321 -2.14 -2.63 40.40
N VAL C 322 -2.31 -1.32 40.25
CA VAL C 322 -2.59 -0.41 41.35
C VAL C 322 -4.06 -0.02 41.33
N ASP C 323 -4.65 0.15 42.52
CA ASP C 323 -6.02 0.60 42.64
C ASP C 323 -6.09 2.10 42.39
N LEU C 324 -6.60 2.48 41.22
CA LEU C 324 -6.77 3.87 40.84
C LEU C 324 -8.19 4.37 41.00
N LYS C 325 -9.03 3.64 41.72
CA LYS C 325 -10.31 4.21 42.13
C LYS C 325 -10.03 5.47 42.93
N ASN C 326 -10.78 6.52 42.64
CA ASN C 326 -10.69 7.83 43.25
C ASN C 326 -9.58 8.66 42.61
N SER C 327 -8.83 8.12 41.64
CA SER C 327 -8.03 8.96 40.77
C SER C 327 -8.81 9.44 39.54
N LYS C 328 -10.03 8.92 39.34
CA LYS C 328 -10.96 9.49 38.36
C LYS C 328 -10.34 9.64 36.98
N LEU C 329 -9.69 8.56 36.53
CA LEU C 329 -9.19 8.53 35.15
C LEU C 329 -10.37 8.58 34.19
N ASP C 330 -10.23 9.33 33.10
CA ASP C 330 -11.30 9.29 32.10
C ASP C 330 -11.17 8.01 31.28
N ILE C 331 -12.20 7.74 30.47
CA ILE C 331 -12.29 6.44 29.82
C ILE C 331 -11.14 6.23 28.83
N VAL C 332 -10.64 7.31 28.24
CA VAL C 332 -9.52 7.17 27.31
C VAL C 332 -8.24 6.83 28.08
N GLN C 333 -7.99 7.55 29.18
CA GLN C 333 -6.83 7.28 30.00
C GLN C 333 -6.81 5.83 30.49
N SER C 334 -7.96 5.33 30.96
CA SER C 334 -7.94 3.97 31.48
C SER C 334 -7.72 2.95 30.37
N ASN C 335 -8.23 3.21 29.16
CA ASN C 335 -7.91 2.35 28.03
C ASN C 335 -6.44 2.44 27.68
N ALA C 336 -5.89 3.65 27.70
CA ALA C 336 -4.48 3.83 27.37
C ALA C 336 -3.60 3.00 28.28
N LEU C 337 -3.91 2.96 29.58
CA LEU C 337 -3.07 2.16 30.47
C LEU C 337 -2.97 0.72 30.01
N ARG C 338 -4.07 0.16 29.48
CA ARG C 338 -4.08 -1.23 29.05
C ARG C 338 -3.47 -1.43 27.66
N LYS C 339 -3.82 -0.58 26.70
CA LYS C 339 -3.53 -0.83 25.29
C LYS C 339 -2.17 -0.31 24.85
N LEU C 340 -1.69 0.81 25.38
CA LEU C 340 -0.39 1.33 24.94
C LEU C 340 0.69 0.27 25.18
N GLN C 341 1.34 -0.15 24.10
CA GLN C 341 2.07 -1.42 24.11
C GLN C 341 3.49 -1.28 24.62
N TYR C 342 3.92 -2.28 25.37
CA TYR C 342 5.29 -2.44 25.81
C TYR C 342 6.00 -3.52 25.00
N GLY C 343 7.32 -3.46 24.99
CA GLY C 343 8.14 -4.45 24.34
C GLY C 343 9.09 -5.13 25.30
N PRO C 344 9.54 -6.33 24.94
CA PRO C 344 10.44 -7.09 25.80
C PRO C 344 11.90 -6.88 25.47
N SER C 345 12.76 -7.30 26.40
CA SER C 345 14.20 -7.33 26.15
C SER C 345 14.89 -8.22 27.16
N ILE C 346 15.95 -8.91 26.72
CA ILE C 346 16.79 -9.69 27.61
C ILE C 346 18.24 -9.31 27.33
N LYS C 347 19.10 -9.48 28.33
CA LYS C 347 20.53 -9.38 28.14
C LYS C 347 21.19 -10.54 28.89
N ILE C 348 22.32 -10.99 28.36
CA ILE C 348 23.10 -12.03 29.01
C ILE C 348 24.54 -11.53 29.04
N GLY C 349 25.09 -11.37 30.23
CA GLY C 349 26.48 -10.94 30.40
C GLY C 349 27.33 -12.12 30.86
N ILE C 350 28.53 -12.21 30.31
CA ILE C 350 29.44 -13.31 30.65
C ILE C 350 30.79 -12.72 31.01
N LEU C 351 31.27 -13.07 32.20
CA LEU C 351 32.65 -12.78 32.57
C LEU C 351 33.56 -13.86 32.03
N PHE C 352 34.54 -13.46 31.24
CA PHE C 352 35.57 -14.37 30.74
C PHE C 352 36.87 -14.14 31.50
N LYS C 353 37.84 -15.02 31.24
CA LYS C 353 39.15 -14.95 31.85
C LYS C 353 40.04 -13.91 31.20
N GLU C 354 39.66 -13.45 30.01
CA GLU C 354 40.45 -12.53 29.21
C GLU C 354 39.52 -11.93 28.16
N PRO C 355 39.86 -10.77 27.60
CA PRO C 355 39.03 -10.22 26.51
C PRO C 355 39.42 -10.86 25.18
N TRP C 356 38.98 -12.11 24.99
CA TRP C 356 39.43 -12.90 23.85
C TRP C 356 39.04 -12.23 22.53
N TRP C 357 37.96 -11.44 22.54
CA TRP C 357 37.54 -10.74 21.33
C TRP C 357 38.57 -9.71 20.89
N THR C 358 39.37 -9.20 21.81
CA THR C 358 40.40 -8.22 21.51
C THR C 358 41.75 -8.86 21.21
N THR C 359 42.14 -9.88 21.99
CA THR C 359 43.47 -10.44 21.93
C THR C 359 43.57 -11.79 21.23
N GLY C 360 42.45 -12.48 21.01
CA GLY C 360 42.47 -13.85 20.56
C GLY C 360 42.38 -14.00 19.04
N GLN C 361 42.29 -15.27 18.61
CA GLN C 361 42.22 -15.62 17.21
C GLN C 361 41.23 -16.76 17.03
N ASP C 362 40.70 -16.89 15.81
CA ASP C 362 39.69 -17.90 15.54
C ASP C 362 40.36 -19.25 15.25
N LYS C 363 39.53 -20.25 14.90
CA LYS C 363 40.03 -21.61 14.76
C LYS C 363 41.03 -21.74 13.62
N ASN C 364 41.08 -20.76 12.71
CA ASN C 364 42.03 -20.75 11.61
C ASN C 364 43.18 -19.78 11.84
N GLY C 365 43.31 -19.23 13.04
CA GLY C 365 44.41 -18.35 13.38
C GLY C 365 44.22 -16.89 13.05
N GLU C 366 43.03 -16.48 12.65
CA GLU C 366 42.76 -15.10 12.29
C GLU C 366 42.34 -14.30 13.52
N LYS C 367 43.04 -13.19 13.76
CA LYS C 367 42.74 -12.34 14.91
C LYS C 367 41.36 -11.70 14.77
N PHE C 368 40.59 -11.75 15.86
CA PHE C 368 39.31 -11.03 15.89
C PHE C 368 39.54 -9.52 15.83
N ASP C 369 40.45 -9.01 16.67
CA ASP C 369 40.86 -7.61 16.68
C ASP C 369 39.67 -6.67 16.89
N LEU C 370 38.83 -6.99 17.87
CA LEU C 370 37.63 -6.21 18.17
C LEU C 370 37.84 -5.38 19.44
N VAL C 371 37.52 -4.09 19.37
CA VAL C 371 37.53 -3.20 20.52
C VAL C 371 36.23 -2.41 20.51
N GLY C 372 35.38 -2.65 21.50
CA GLY C 372 34.05 -2.10 21.43
C GLY C 372 33.31 -2.62 20.21
N GLY C 373 32.24 -1.93 19.86
CA GLY C 373 31.46 -2.33 18.72
C GLY C 373 30.55 -3.52 19.01
N GLN C 374 30.00 -4.08 17.92
CA GLN C 374 28.97 -5.10 18.03
C GLN C 374 29.08 -6.09 16.89
N SER C 375 28.60 -7.30 17.12
CA SER C 375 28.40 -8.31 16.09
C SER C 375 26.93 -8.67 16.04
N TYR C 376 26.47 -9.10 14.86
CA TYR C 376 25.07 -9.33 14.58
C TYR C 376 24.88 -10.70 13.94
N THR C 377 23.77 -11.36 14.28
CA THR C 377 23.54 -12.70 13.75
C THR C 377 22.06 -12.97 13.78
N ASP C 378 21.63 -13.91 12.94
CA ASP C 378 20.27 -14.43 13.03
C ASP C 378 20.16 -15.59 14.02
N LEU C 379 21.27 -16.02 14.62
CA LEU C 379 21.20 -17.00 15.68
C LEU C 379 20.48 -16.42 16.88
N PRO C 380 20.01 -17.28 17.79
CA PRO C 380 19.21 -16.81 18.93
C PRO C 380 19.82 -15.67 19.75
N ILE C 381 21.15 -15.59 19.87
CA ILE C 381 21.68 -14.49 20.67
C ILE C 381 21.48 -13.13 20.00
N ARG C 382 21.34 -13.11 18.68
CA ARG C 382 21.07 -11.95 17.83
C ARG C 382 22.11 -10.83 17.82
N THR C 383 22.50 -10.30 18.99
CA THR C 383 23.45 -9.20 19.05
C THR C 383 24.45 -9.42 20.17
N VAL C 384 25.73 -9.17 19.86
CA VAL C 384 26.84 -9.26 20.81
C VAL C 384 27.45 -7.86 20.95
N VAL C 385 27.68 -7.41 22.18
CA VAL C 385 28.22 -6.08 22.45
C VAL C 385 29.51 -6.21 23.24
N TYR C 386 30.63 -5.79 22.63
CA TYR C 386 31.93 -5.76 23.30
C TYR C 386 32.09 -4.47 24.08
N PRO C 387 32.64 -4.52 25.29
CA PRO C 387 32.65 -3.32 26.14
C PRO C 387 33.59 -2.25 25.58
N SER C 388 33.15 -1.00 25.69
CA SER C 388 33.99 0.15 25.35
C SER C 388 34.69 0.72 26.56
N TYR C 389 34.17 0.45 27.75
CA TYR C 389 34.75 0.95 28.98
C TYR C 389 35.98 0.14 29.34
N GLY C 390 37.06 0.82 29.71
CA GLY C 390 38.26 0.22 30.20
C GLY C 390 39.27 -0.24 29.17
N VAL C 391 38.99 -0.03 27.88
CA VAL C 391 39.76 -0.73 26.86
C VAL C 391 41.23 -0.28 26.83
N ASN C 392 41.52 0.95 27.25
CA ASN C 392 42.88 1.45 27.19
C ASN C 392 43.59 1.40 28.54
N THR C 393 42.98 0.80 29.56
CA THR C 393 43.60 0.72 30.86
C THR C 393 44.45 -0.54 30.99
N ASN C 394 45.14 -0.67 32.12
CA ASN C 394 45.98 -1.83 32.39
C ASN C 394 45.18 -3.08 32.72
N ALA C 395 43.88 -2.94 33.00
CA ALA C 395 42.99 -4.06 33.28
C ALA C 395 41.70 -3.84 32.49
N PRO C 396 41.73 -4.10 31.19
CA PRO C 396 40.50 -3.99 30.39
C PRO C 396 39.43 -4.95 30.91
N SER C 397 38.19 -4.64 30.57
CA SER C 397 37.08 -5.51 30.93
C SER C 397 37.26 -6.88 30.30
N ASN C 398 36.95 -7.92 31.07
CA ASN C 398 36.81 -9.28 30.56
C ASN C 398 35.36 -9.69 30.41
N THR C 399 34.44 -8.73 30.44
CA THR C 399 33.00 -9.00 30.46
C THR C 399 32.37 -8.66 29.12
N LEU C 400 31.59 -9.59 28.59
CA LEU C 400 30.93 -9.47 27.30
C LEU C 400 29.43 -9.44 27.51
N ILE C 401 28.72 -8.62 26.74
CA ILE C 401 27.27 -8.79 26.59
C ILE C 401 27.13 -9.83 25.48
N ALA C 402 26.97 -11.09 25.87
CA ALA C 402 26.94 -12.19 24.93
C ALA C 402 25.64 -12.25 24.15
N SER C 403 24.55 -11.66 24.67
CA SER C 403 23.28 -11.61 23.97
C SER C 403 22.50 -10.38 24.39
N TYR C 404 21.96 -9.65 23.41
CA TYR C 404 21.04 -8.54 23.66
C TYR C 404 19.95 -8.66 22.60
N CYS C 405 18.73 -8.95 23.05
CA CYS C 405 17.61 -9.28 22.18
C CYS C 405 16.42 -8.37 22.43
N TRP C 406 15.62 -8.17 21.37
CA TRP C 406 14.35 -7.47 21.40
C TRP C 406 13.23 -8.37 20.90
N THR C 407 12.00 -7.85 21.02
CA THR C 407 10.80 -8.43 20.42
C THR C 407 10.79 -9.95 20.48
N ASN C 408 10.50 -10.63 19.36
CA ASN C 408 10.29 -12.08 19.46
C ASN C 408 11.54 -12.81 19.94
N ASP C 409 12.72 -12.31 19.58
CA ASP C 409 13.95 -12.97 20.00
C ASP C 409 14.07 -12.96 21.52
N ALA C 410 13.67 -11.86 22.16
CA ALA C 410 13.70 -11.76 23.61
C ALA C 410 12.60 -12.59 24.26
N GLU C 411 11.41 -12.62 23.65
CA GLU C 411 10.32 -13.43 24.17
C GLU C 411 10.72 -14.89 24.24
N ARG C 412 11.30 -15.40 23.16
CA ARG C 412 11.70 -16.80 23.14
C ARG C 412 12.81 -17.07 24.15
N MET C 413 13.87 -16.26 24.14
CA MET C 413 15.00 -16.51 25.03
C MET C 413 14.60 -16.39 26.49
N GLY C 414 13.64 -15.52 26.79
CA GLY C 414 13.23 -15.32 28.17
C GLY C 414 12.78 -16.60 28.86
N SER C 415 12.31 -17.59 28.10
CA SER C 415 11.90 -18.84 28.73
C SER C 415 13.06 -19.58 29.38
N LEU C 416 14.29 -19.30 28.95
CA LEU C 416 15.48 -19.95 29.50
C LEU C 416 16.15 -19.15 30.61
N ILE C 417 15.63 -17.97 30.95
CA ILE C 417 16.22 -17.04 31.92
C ILE C 417 15.36 -17.03 33.17
N GLY C 418 16.01 -17.01 34.33
CA GLY C 418 15.29 -16.87 35.58
C GLY C 418 14.39 -18.03 35.92
N THR C 419 14.74 -19.24 35.46
CA THR C 419 13.93 -20.40 35.80
C THR C 419 14.17 -20.89 37.22
N GLY C 420 15.32 -20.53 37.81
CA GLY C 420 15.74 -21.06 39.08
C GLY C 420 16.32 -22.45 39.02
N ALA C 421 16.47 -23.03 37.83
CA ALA C 421 16.86 -24.42 37.68
C ALA C 421 18.24 -24.51 37.04
N ALA C 422 19.16 -25.16 37.74
CA ALA C 422 20.52 -25.35 37.22
C ALA C 422 20.50 -25.99 35.84
N THR C 423 19.57 -26.92 35.60
CA THR C 423 19.51 -27.58 34.30
CA THR C 423 19.51 -27.58 34.30
C THR C 423 19.31 -26.59 33.18
N TYR C 424 18.42 -25.62 33.36
CA TYR C 424 18.15 -24.63 32.32
C TYR C 424 19.21 -23.55 32.26
N GLU C 425 19.82 -23.19 33.40
CA GLU C 425 20.98 -22.30 33.37
C GLU C 425 22.11 -22.90 32.55
N GLU C 426 22.35 -24.20 32.72
CA GLU C 426 23.40 -24.87 31.94
C GLU C 426 23.02 -24.97 30.47
N GLN C 427 21.75 -25.25 30.18
CA GLN C 427 21.30 -25.24 28.79
C GLN C 427 21.49 -23.86 28.16
N LEU C 428 21.15 -22.80 28.90
CA LEU C 428 21.30 -21.45 28.38
C LEU C 428 22.75 -21.12 28.08
N GLU C 429 23.66 -21.45 29.01
CA GLU C 429 25.06 -21.13 28.78
C GLU C 429 25.59 -21.85 27.55
N HIS C 430 25.21 -23.11 27.37
CA HIS C 430 25.71 -23.88 26.24
C HIS C 430 25.19 -23.31 24.92
N LEU C 431 23.92 -22.91 24.89
CA LEU C 431 23.36 -22.30 23.69
C LEU C 431 24.09 -21.01 23.34
N VAL C 432 24.30 -20.14 24.33
CA VAL C 432 24.95 -18.86 24.10
C VAL C 432 26.39 -19.05 23.62
N LEU C 433 27.13 -19.96 24.27
CA LEU C 433 28.51 -20.21 23.85
C LEU C 433 28.57 -20.83 22.46
N SER C 434 27.65 -21.76 22.15
CA SER C 434 27.60 -22.32 20.81
C SER C 434 27.31 -21.25 19.76
N ASN C 435 26.35 -20.35 20.06
CA ASN C 435 26.07 -19.26 19.15
C ASN C 435 27.29 -18.37 18.96
N LEU C 436 27.94 -17.99 20.07
CA LEU C 436 29.15 -17.17 19.99
C LEU C 436 30.24 -17.87 19.19
N ALA C 437 30.38 -19.18 19.36
CA ALA C 437 31.41 -19.89 18.62
C ALA C 437 31.14 -19.81 17.12
N ALA C 438 29.88 -19.98 16.72
CA ALA C 438 29.54 -19.89 15.30
C ALA C 438 29.72 -18.48 14.77
N VAL C 439 29.35 -17.46 15.55
CA VAL C 439 29.51 -16.08 15.08
C VAL C 439 30.97 -15.77 14.79
N HIS C 440 31.86 -16.17 15.70
CA HIS C 440 33.27 -15.78 15.63
C HIS C 440 34.16 -16.81 14.96
N ASN C 441 33.61 -17.98 14.59
CA ASN C 441 34.36 -19.09 13.98
C ASN C 441 35.38 -19.68 14.97
N THR C 442 34.92 -20.02 16.16
CA THR C 442 35.74 -20.76 17.11
C THR C 442 35.10 -22.11 17.45
N ASP C 443 35.85 -22.93 18.20
CA ASP C 443 35.28 -24.10 18.84
C ASP C 443 34.49 -23.68 20.08
N TYR C 444 33.47 -24.49 20.43
CA TYR C 444 32.78 -24.27 21.69
C TYR C 444 33.75 -24.30 22.86
N GLN C 445 34.69 -25.26 22.84
CA GLN C 445 35.55 -25.44 23.99
C GLN C 445 36.50 -24.26 24.17
N TYR C 446 36.88 -23.59 23.08
CA TYR C 446 37.68 -22.38 23.19
C TYR C 446 37.01 -21.37 24.10
N LEU C 447 35.69 -21.19 23.96
CA LEU C 447 34.99 -20.22 24.79
C LEU C 447 34.65 -20.78 26.16
N LYS C 448 34.24 -22.06 26.24
CA LYS C 448 33.95 -22.66 27.54
C LYS C 448 35.17 -22.62 28.44
N ASP C 449 36.35 -22.91 27.89
CA ASP C 449 37.58 -22.87 28.68
C ASP C 449 37.83 -21.50 29.29
N ARG C 450 37.30 -20.45 28.68
CA ARG C 450 37.54 -19.09 29.15
C ARG C 450 36.38 -18.53 29.97
N LEU C 451 35.29 -19.27 30.13
CA LEU C 451 34.12 -18.74 30.83
C LEU C 451 34.33 -18.82 32.35
N VAL C 452 33.93 -17.74 33.04
CA VAL C 452 33.98 -17.67 34.50
C VAL C 452 32.57 -17.63 35.10
N ASP C 453 31.77 -16.65 34.71
CA ASP C 453 30.44 -16.44 35.30
C ASP C 453 29.46 -15.94 34.24
N VAL C 454 28.19 -16.29 34.43
CA VAL C 454 27.10 -15.84 33.57
C VAL C 454 26.07 -15.10 34.42
N HIS C 455 25.57 -13.98 33.91
CA HIS C 455 24.44 -13.27 34.50
C HIS C 455 23.44 -12.97 33.39
N SER C 456 22.16 -13.26 33.62
CA SER C 456 21.13 -13.10 32.61
C SER C 456 19.93 -12.39 33.22
N TRP C 457 19.20 -11.65 32.38
CA TRP C 457 18.11 -10.80 32.86
C TRP C 457 17.05 -10.70 31.78
N ASP C 458 15.78 -10.84 32.20
CA ASP C 458 14.61 -10.74 31.33
C ASP C 458 13.72 -9.61 31.86
N TRP C 459 13.71 -8.47 31.17
CA TRP C 459 12.90 -7.35 31.62
C TRP C 459 11.40 -7.60 31.46
N ASN C 460 11.00 -8.66 30.75
CA ASN C 460 9.61 -9.03 30.60
C ASN C 460 9.18 -10.12 31.60
N HIS C 461 10.02 -10.39 32.61
CA HIS C 461 9.65 -11.28 33.72
CA HIS C 461 9.73 -11.32 33.71
C HIS C 461 10.22 -10.62 34.98
N ASN C 462 9.73 -9.42 35.22
CA ASN C 462 10.22 -8.55 36.28
C ASN C 462 9.05 -7.71 36.77
N PRO C 463 8.54 -7.97 37.98
CA PRO C 463 7.35 -7.24 38.42
C PRO C 463 7.51 -5.73 38.50
N LEU C 464 8.75 -5.23 38.61
CA LEU C 464 8.94 -3.79 38.72
C LEU C 464 8.91 -3.07 37.38
N THR C 465 8.98 -3.78 36.27
CA THR C 465 8.93 -3.16 34.95
C THR C 465 7.83 -3.71 34.06
N MET C 466 7.55 -5.01 34.13
CA MET C 466 6.47 -5.67 33.38
C MET C 466 6.62 -5.42 31.88
N GLY C 467 7.85 -5.61 31.41
CA GLY C 467 8.23 -5.23 30.06
C GLY C 467 9.53 -4.45 30.10
N ALA C 468 10.25 -4.40 28.99
CA ALA C 468 11.47 -3.62 28.98
C ALA C 468 11.20 -2.13 28.91
N PHE C 469 10.26 -1.71 28.06
CA PHE C 469 10.03 -0.29 27.81
C PHE C 469 8.84 -0.20 26.86
N ALA C 470 8.27 1.00 26.76
CA ALA C 470 7.22 1.25 25.78
C ALA C 470 7.75 0.93 24.38
N PHE C 471 6.91 0.28 23.58
CA PHE C 471 7.18 -0.04 22.17
C PHE C 471 5.80 -0.12 21.52
N PHE C 472 5.28 1.05 21.14
CA PHE C 472 3.88 1.20 20.79
C PHE C 472 3.54 0.45 19.51
N GLY C 473 2.34 -0.10 19.45
CA GLY C 473 1.79 -0.66 18.23
C GLY C 473 1.21 0.42 17.35
N PRO C 474 0.80 0.03 16.13
CA PRO C 474 0.12 1.00 15.26
C PRO C 474 -1.12 1.56 15.93
N GLY C 475 -1.32 2.87 15.78
CA GLY C 475 -2.46 3.55 16.33
C GLY C 475 -2.27 4.10 17.74
N ASP C 476 -1.31 3.56 18.49
CA ASP C 476 -1.15 3.97 19.88
C ASP C 476 -0.85 5.46 19.99
N PHE C 477 0.13 5.96 19.22
CA PHE C 477 0.48 7.38 19.34
C PHE C 477 -0.68 8.29 18.93
N GLN C 478 -1.41 7.93 17.87
CA GLN C 478 -2.44 8.81 17.36
CA GLN C 478 -2.44 8.83 17.38
C GLN C 478 -3.72 8.77 18.20
N ASP C 479 -4.02 7.64 18.85
CA ASP C 479 -5.30 7.44 19.51
C ASP C 479 -5.27 7.65 21.02
N LEU C 480 -4.24 7.13 21.70
CA LEU C 480 -4.27 7.00 23.15
C LEU C 480 -3.16 7.75 23.87
N TYR C 481 -2.06 8.07 23.19
CA TYR C 481 -0.93 8.68 23.86
C TYR C 481 -1.28 10.01 24.50
N THR C 482 -2.03 10.87 23.79
CA THR C 482 -2.25 12.21 24.32
C THR C 482 -3.07 12.18 25.60
N SER C 483 -3.90 11.15 25.79
CA SER C 483 -4.76 11.12 26.97
C SER C 483 -3.96 11.10 28.27
N LEU C 484 -2.77 10.49 28.27
CA LEU C 484 -2.00 10.39 29.50
C LEU C 484 -1.07 11.58 29.73
N ASN C 485 -0.95 12.50 28.76
CA ASN C 485 -0.33 13.80 29.06
C ASN C 485 -1.34 14.77 29.66
N ARG C 486 -2.62 14.40 29.72
CA ARG C 486 -3.52 15.16 30.56
C ARG C 486 -3.46 14.62 31.98
N PRO C 487 -3.57 15.43 33.02
CA PRO C 487 -3.55 14.89 34.39
C PRO C 487 -4.84 14.13 34.67
N ALA C 488 -4.81 13.36 35.75
CA ALA C 488 -6.01 12.75 36.33
C ALA C 488 -6.24 13.32 37.72
N ALA C 489 -7.26 12.81 38.40
CA ALA C 489 -7.50 13.13 39.81
C ALA C 489 -7.64 14.63 40.04
N ASN C 490 -8.56 15.24 39.29
CA ASN C 490 -8.82 16.67 39.40
C ASN C 490 -7.54 17.48 39.26
N GLY C 491 -6.66 17.03 38.35
CA GLY C 491 -5.43 17.73 38.07
C GLY C 491 -4.26 17.42 38.98
N LYS C 492 -4.42 16.51 39.93
CA LYS C 492 -3.41 16.28 40.95
C LYS C 492 -2.63 14.99 40.75
N LEU C 493 -2.94 14.20 39.71
CA LEU C 493 -2.15 13.03 39.36
C LEU C 493 -1.53 13.27 37.99
N HIS C 494 -0.21 13.21 37.93
CA HIS C 494 0.55 13.45 36.70
C HIS C 494 1.28 12.18 36.30
N PHE C 495 1.05 11.74 35.06
CA PHE C 495 1.65 10.53 34.53
C PHE C 495 3.00 10.89 33.91
N ALA C 496 4.04 10.16 34.31
CA ALA C 496 5.36 10.37 33.73
C ALA C 496 6.06 9.01 33.64
N GLY C 497 7.35 9.04 33.35
CA GLY C 497 8.08 7.87 32.93
C GLY C 497 8.24 7.82 31.42
N GLU C 498 9.20 7.01 30.97
CA GLU C 498 9.62 7.05 29.57
C GLU C 498 8.48 6.75 28.60
N ALA C 499 7.47 6.00 29.03
CA ALA C 499 6.34 5.75 28.12
C ALA C 499 5.68 7.05 27.68
N LEU C 500 5.70 8.06 28.53
CA LEU C 500 5.09 9.36 28.23
C LEU C 500 6.10 10.27 27.52
N SER C 501 6.60 9.77 26.40
CA SER C 501 7.55 10.52 25.58
C SER C 501 7.52 9.95 24.17
N VAL C 502 8.25 10.62 23.28
CA VAL C 502 8.51 10.09 21.93
C VAL C 502 9.94 9.58 21.81
N ARG C 503 10.59 9.32 22.94
CA ARG C 503 11.91 8.71 22.99
C ARG C 503 11.83 7.48 23.89
N HIS C 504 10.91 6.58 23.55
CA HIS C 504 10.76 5.32 24.26
C HIS C 504 12.08 4.56 24.26
N ALA C 505 12.37 3.92 25.39
CA ALA C 505 13.57 3.11 25.56
C ALA C 505 14.83 3.97 25.59
N TRP C 506 14.70 5.24 25.97
CA TRP C 506 15.83 6.13 26.20
C TRP C 506 15.67 6.88 27.51
N VAL C 507 16.80 7.17 28.14
CA VAL C 507 16.80 8.01 29.33
C VAL C 507 16.15 9.35 29.01
N VAL C 508 16.45 9.94 27.85
CA VAL C 508 15.91 11.27 27.56
C VAL C 508 14.38 11.24 27.55
N GLY C 509 13.79 10.09 27.20
CA GLY C 509 12.34 9.97 27.26
C GLY C 509 11.81 10.12 28.67
N ALA C 510 12.46 9.46 29.64
CA ALA C 510 12.07 9.67 31.03
C ALA C 510 12.25 11.12 31.45
N LEU C 511 13.36 11.75 31.04
CA LEU C 511 13.58 13.14 31.42
C LEU C 511 12.51 14.06 30.83
N ASP C 512 12.17 13.86 29.55
CA ASP C 512 11.12 14.68 28.92
C ASP C 512 9.80 14.56 29.68
N SER C 513 9.44 13.33 30.09
CA SER C 513 8.18 13.11 30.79
C SER C 513 8.17 13.83 32.14
N ALA C 514 9.33 13.91 32.79
CA ALA C 514 9.43 14.61 34.07
C ALA C 514 9.30 16.11 33.86
N TRP C 515 9.97 16.65 32.84
CA TRP C 515 9.80 18.05 32.49
C TRP C 515 8.32 18.38 32.29
N ARG C 516 7.61 17.55 31.53
CA ARG C 516 6.21 17.86 31.26
C ARG C 516 5.35 17.76 32.51
N ALA C 517 5.62 16.77 33.38
CA ALA C 517 4.84 16.63 34.60
C ALA C 517 5.06 17.81 35.54
N VAL C 518 6.31 18.22 35.72
CA VAL C 518 6.58 19.35 36.60
C VAL C 518 6.00 20.64 36.00
N TYR C 519 6.11 20.80 34.68
CA TYR C 519 5.53 21.98 34.03
C TYR C 519 4.05 22.12 34.38
N ASN C 520 3.29 21.04 34.19
CA ASN C 520 1.86 21.10 34.50
C ASN C 520 1.65 21.38 35.98
N TYR C 521 2.44 20.73 36.84
CA TYR C 521 2.31 20.99 38.28
C TYR C 521 2.52 22.47 38.60
N LEU C 522 3.60 23.05 38.09
CA LEU C 522 3.87 24.46 38.37
C LEU C 522 2.79 25.35 37.76
N TYR C 523 2.38 25.05 36.52
CA TYR C 523 1.38 25.88 35.85
C TYR C 523 0.12 25.99 36.69
N VAL C 524 -0.25 24.89 37.35
CA VAL C 524 -1.49 24.82 38.11
C VAL C 524 -1.37 25.24 39.56
N THR C 525 -0.16 25.23 40.13
CA THR C 525 -0.02 25.55 41.55
C THR C 525 0.81 26.79 41.85
N ASP C 526 1.88 27.05 41.09
CA ASP C 526 2.76 28.19 41.37
C ASP C 526 3.41 28.68 40.08
N PRO C 527 2.63 29.34 39.23
CA PRO C 527 3.18 29.79 37.95
C PRO C 527 4.29 30.82 38.09
N ALA C 528 4.44 31.48 39.25
CA ALA C 528 5.55 32.42 39.41
C ALA C 528 6.90 31.72 39.33
N LYS C 529 6.92 30.39 39.47
CA LYS C 529 8.16 29.64 39.35
C LYS C 529 8.50 29.28 37.91
N LEU C 530 7.63 29.58 36.95
CA LEU C 530 7.91 29.16 35.58
C LEU C 530 9.16 29.79 34.99
N PRO C 531 9.42 31.11 35.16
CA PRO C 531 10.65 31.67 34.57
C PRO C 531 11.91 30.94 35.00
N LYS C 532 12.05 30.65 36.30
CA LYS C 532 13.24 29.93 36.77
C LYS C 532 13.24 28.50 36.26
N PHE C 533 12.07 27.85 36.23
CA PHE C 533 11.96 26.51 35.65
C PHE C 533 12.45 26.51 34.21
N PHE C 534 11.98 27.45 33.40
CA PHE C 534 12.44 27.56 32.02
C PHE C 534 13.95 27.82 31.96
N GLU C 535 14.44 28.72 32.82
CA GLU C 535 15.85 29.07 32.79
C GLU C 535 16.72 27.85 33.11
N LEU C 536 16.35 27.09 34.13
CA LEU C 536 17.20 25.99 34.55
C LEU C 536 17.01 24.75 33.68
N TRP C 537 15.78 24.48 33.24
CA TRP C 537 15.44 23.18 32.66
C TRP C 537 14.88 23.27 31.26
N GLY C 538 14.84 24.45 30.68
CA GLY C 538 14.44 24.59 29.30
C GLY C 538 13.02 25.09 29.17
N LYS C 539 12.77 25.83 28.08
CA LYS C 539 11.46 26.39 27.77
C LYS C 539 10.52 25.35 27.20
N ASN C 540 11.04 24.25 26.65
CA ASN C 540 10.26 23.21 26.01
C ASN C 540 10.88 21.86 26.38
N ALA C 541 10.05 20.81 26.40
CA ALA C 541 10.57 19.48 26.65
C ALA C 541 11.52 19.05 25.53
N GLU C 542 11.04 19.10 24.28
CA GLU C 542 11.74 18.53 23.13
C GLU C 542 12.31 19.57 22.17
N TRP C 543 11.57 20.64 21.86
CA TRP C 543 12.06 21.64 20.90
C TRP C 543 13.47 22.08 21.27
N PHE C 544 14.35 22.17 20.26
CA PHE C 544 15.75 22.43 20.51
C PHE C 544 15.99 23.83 21.08
N GLU C 545 17.04 23.96 21.90
CA GLU C 545 17.49 25.28 22.30
C GLU C 545 17.85 26.10 21.07
N GLN C 546 17.48 27.37 21.07
CA GLN C 546 17.52 28.23 19.88
C GLN C 546 16.43 27.78 18.90
N GLY D 11 15.21 -51.88 7.76
CA GLY D 11 15.91 -51.20 8.85
C GLY D 11 15.22 -49.90 9.25
N GLU D 12 13.91 -49.85 9.07
CA GLU D 12 13.14 -48.66 9.38
C GLU D 12 12.86 -48.57 10.88
N ARG D 13 13.11 -47.40 11.45
CA ARG D 13 12.70 -47.07 12.82
C ARG D 13 12.58 -45.56 12.89
N VAL D 14 11.40 -45.07 13.24
CA VAL D 14 11.14 -43.63 13.26
C VAL D 14 11.39 -43.09 14.66
N GLY D 15 12.24 -42.08 14.75
CA GLY D 15 12.40 -41.35 15.99
C GLY D 15 11.39 -40.21 16.08
N ILE D 16 10.53 -40.26 17.10
CA ILE D 16 9.52 -39.24 17.32
C ILE D 16 9.99 -38.36 18.48
N LEU D 17 10.17 -37.07 18.22
CA LEU D 17 10.69 -36.14 19.23
C LEU D 17 9.51 -35.44 19.89
N GLY D 18 9.28 -35.74 21.17
CA GLY D 18 8.22 -35.10 21.92
C GLY D 18 7.03 -36.00 22.12
N ALA D 19 6.64 -36.23 23.38
CA ALA D 19 5.48 -37.04 23.72
C ALA D 19 4.26 -36.20 24.07
N GLY D 20 4.06 -35.08 23.39
CA GLY D 20 2.78 -34.40 23.42
C GLY D 20 1.79 -35.10 22.50
N ILE D 21 0.64 -34.47 22.31
CA ILE D 21 -0.41 -35.14 21.56
C ILE D 21 0.01 -35.36 20.10
N GLY D 22 0.85 -34.49 19.54
CA GLY D 22 1.31 -34.70 18.18
C GLY D 22 2.19 -35.92 18.04
N GLY D 23 3.14 -36.09 18.95
CA GLY D 23 4.01 -37.26 18.87
C GLY D 23 3.27 -38.54 19.19
N LEU D 24 2.34 -38.47 20.14
CA LEU D 24 1.54 -39.64 20.50
C LEU D 24 0.64 -40.06 19.36
N TYR D 25 0.05 -39.09 18.64
CA TYR D 25 -0.78 -39.42 17.48
C TYR D 25 0.08 -39.99 16.37
N SER D 26 1.27 -39.43 16.15
CA SER D 26 2.22 -40.00 15.22
C SER D 26 2.51 -41.47 15.54
N ALA D 27 2.74 -41.76 16.82
CA ALA D 27 3.05 -43.14 17.20
C ALA D 27 1.86 -44.05 16.97
N LEU D 28 0.66 -43.58 17.29
CA LEU D 28 -0.55 -44.36 17.08
C LEU D 28 -0.73 -44.72 15.60
N ILE D 29 -0.47 -43.78 14.70
CA ILE D 29 -0.58 -44.08 13.28
C ILE D 29 0.47 -45.11 12.88
N LEU D 30 1.72 -44.89 13.27
CA LEU D 30 2.80 -45.80 12.87
C LEU D 30 2.58 -47.19 13.42
N GLN D 31 2.09 -47.30 14.66
CA GLN D 31 1.79 -48.60 15.24
CA GLN D 31 1.80 -48.60 15.22
C GLN D 31 0.72 -49.33 14.42
N SER D 32 -0.32 -48.60 14.00
CA SER D 32 -1.38 -49.19 13.21
C SER D 32 -0.88 -49.70 11.86
N LEU D 33 0.27 -49.19 11.41
CA LEU D 33 0.87 -49.58 10.14
C LEU D 33 2.10 -50.49 10.33
N ASP D 34 2.36 -50.95 11.55
CA ASP D 34 3.49 -51.82 11.85
C ASP D 34 4.83 -51.19 11.46
N VAL D 35 4.96 -49.89 11.68
CA VAL D 35 6.23 -49.20 11.48
C VAL D 35 6.88 -49.02 12.86
N PRO D 36 8.09 -49.54 13.07
CA PRO D 36 8.74 -49.37 14.37
C PRO D 36 9.04 -47.91 14.65
N PHE D 37 8.95 -47.53 15.92
CA PHE D 37 9.19 -46.15 16.33
C PHE D 37 9.71 -46.13 17.76
N GLU D 38 10.21 -44.96 18.16
CA GLU D 38 10.60 -44.67 19.52
C GLU D 38 10.27 -43.21 19.78
N ILE D 39 9.75 -42.90 20.97
CA ILE D 39 9.41 -41.55 21.37
C ILE D 39 10.46 -41.05 22.36
N ILE D 40 11.06 -39.91 22.06
CA ILE D 40 12.06 -39.29 22.93
C ILE D 40 11.40 -38.05 23.54
N GLU D 41 11.37 -37.97 24.87
CA GLU D 41 10.69 -36.92 25.60
C GLU D 41 11.62 -36.30 26.62
N ALA D 42 11.67 -34.97 26.65
CA ALA D 42 12.59 -34.28 27.55
C ALA D 42 12.18 -34.44 29.01
N SER D 43 10.88 -34.45 29.30
CA SER D 43 10.41 -34.40 30.67
C SER D 43 10.08 -35.80 31.18
N ASN D 44 9.52 -35.86 32.39
CA ASN D 44 9.11 -37.12 33.00
C ASN D 44 7.62 -37.40 32.79
N ARG D 45 6.96 -36.69 31.88
CA ARG D 45 5.52 -36.85 31.69
C ARG D 45 5.19 -36.83 30.20
N VAL D 46 4.09 -37.49 29.84
CA VAL D 46 3.55 -37.39 28.48
C VAL D 46 2.41 -36.37 28.52
N GLY D 47 2.09 -35.80 27.35
CA GLY D 47 0.94 -34.91 27.20
C GLY D 47 1.28 -33.49 26.80
N GLY D 48 2.48 -33.03 27.15
CA GLY D 48 2.90 -31.69 26.73
C GLY D 48 1.94 -30.62 27.20
N ARG D 49 1.40 -29.85 26.26
CA ARG D 49 0.46 -28.78 26.58
C ARG D 49 -0.94 -29.29 26.90
N LEU D 50 -1.17 -30.60 26.93
CA LEU D 50 -2.32 -31.15 27.66
C LEU D 50 -1.81 -31.40 29.08
N PHE D 51 -2.17 -30.51 30.00
CA PHE D 51 -1.54 -30.43 31.32
C PHE D 51 -2.64 -30.09 32.32
N THR D 52 -3.01 -31.08 33.14
CA THR D 52 -4.05 -30.95 34.14
C THR D 52 -3.39 -30.81 35.51
N HIS D 53 -3.70 -29.73 36.22
CA HIS D 53 -3.23 -29.54 37.59
C HIS D 53 -4.33 -29.94 38.57
N LYS D 54 -4.01 -30.88 39.46
CA LYS D 54 -4.89 -31.32 40.53
C LYS D 54 -4.43 -30.67 41.84
N PHE D 55 -5.35 -30.03 42.54
CA PHE D 55 -5.01 -29.42 43.82
C PHE D 55 -4.93 -30.52 44.89
N PRO D 56 -3.81 -30.62 45.62
CA PRO D 56 -3.66 -31.74 46.56
C PRO D 56 -4.72 -31.83 47.64
N ASN D 57 -5.28 -30.71 48.08
CA ASN D 57 -6.23 -30.72 49.18
C ASN D 57 -7.69 -30.80 48.73
N GLY D 58 -7.95 -30.95 47.44
CA GLY D 58 -9.31 -30.89 46.92
C GLY D 58 -9.95 -32.24 46.64
N GLY D 59 -11.17 -32.14 46.10
CA GLY D 59 -11.96 -33.30 45.75
C GLY D 59 -11.73 -33.75 44.32
N LYS D 60 -12.60 -34.66 43.88
CA LYS D 60 -12.43 -35.32 42.59
C LYS D 60 -12.30 -34.32 41.44
N TYR D 61 -13.15 -33.29 41.43
CA TYR D 61 -13.16 -32.34 40.33
C TYR D 61 -12.39 -31.07 40.65
N ASP D 62 -11.53 -31.10 41.67
CA ASP D 62 -10.69 -29.94 41.98
C ASP D 62 -9.35 -30.03 41.22
N TYR D 63 -9.49 -29.97 39.91
CA TYR D 63 -8.40 -29.83 38.96
C TYR D 63 -8.78 -28.70 38.02
N TYR D 64 -7.80 -28.20 37.28
CA TYR D 64 -8.09 -27.37 36.12
C TYR D 64 -7.04 -27.66 35.06
N ASP D 65 -7.42 -27.40 33.82
CA ASP D 65 -6.53 -27.64 32.68
C ASP D 65 -5.72 -26.39 32.41
N VAL D 66 -4.41 -26.52 32.56
CA VAL D 66 -3.48 -25.42 32.36
C VAL D 66 -3.30 -25.15 30.88
N GLY D 67 -3.43 -26.18 30.05
CA GLY D 67 -3.41 -26.03 28.61
C GLY D 67 -4.77 -26.28 28.02
N ALA D 68 -4.85 -27.25 27.10
CA ALA D 68 -6.09 -27.49 26.38
C ALA D 68 -7.20 -27.93 27.33
N MET D 69 -8.40 -27.38 27.13
CA MET D 69 -9.50 -27.63 28.05
C MET D 69 -10.86 -27.80 27.40
N ARG D 70 -11.05 -27.45 26.13
CA ARG D 70 -12.38 -27.47 25.54
C ARG D 70 -12.26 -27.84 24.07
N TYR D 71 -13.27 -28.56 23.57
CA TYR D 71 -13.23 -29.14 22.22
C TYR D 71 -14.53 -28.91 21.49
N PRO D 72 -14.54 -28.03 20.48
CA PRO D 72 -15.76 -27.76 19.68
C PRO D 72 -15.90 -28.81 18.57
N LEU D 73 -16.46 -29.94 18.96
CA LEU D 73 -16.52 -31.12 18.12
C LEU D 73 -17.77 -31.10 17.24
N PRO D 74 -17.77 -31.85 16.14
CA PRO D 74 -19.02 -32.04 15.40
C PRO D 74 -20.03 -32.79 16.24
N LYS D 75 -21.28 -32.73 15.81
CA LYS D 75 -22.29 -33.59 16.42
C LYS D 75 -21.88 -35.06 16.23
N SER D 76 -22.29 -35.89 17.19
CA SER D 76 -21.98 -37.30 17.17
C SER D 76 -23.18 -38.10 17.63
N ASP D 77 -23.19 -39.39 17.30
CA ASP D 77 -24.20 -40.29 17.80
C ASP D 77 -23.66 -40.99 19.05
N ASP D 78 -24.50 -41.83 19.66
CA ASP D 78 -24.15 -42.48 20.91
CA ASP D 78 -24.13 -42.47 20.91
C ASP D 78 -23.04 -43.52 20.75
N LYS D 79 -22.70 -43.90 19.53
CA LYS D 79 -21.61 -44.82 19.27
C LYS D 79 -20.31 -44.06 18.95
N GLY D 80 -20.31 -42.73 19.03
CA GLY D 80 -19.10 -41.98 18.74
C GLY D 80 -18.81 -41.77 17.27
N ASN D 81 -19.81 -41.92 16.41
CA ASN D 81 -19.66 -41.55 15.00
C ASN D 81 -19.90 -40.06 14.85
N TYR D 82 -18.93 -39.35 14.28
CA TYR D 82 -18.97 -37.90 14.18
C TYR D 82 -19.37 -37.44 12.78
N GLN D 83 -20.20 -36.40 12.73
CA GLN D 83 -20.44 -35.69 11.47
C GLN D 83 -19.13 -35.08 10.99
N PRO D 84 -19.03 -34.77 9.69
CA PRO D 84 -17.85 -34.05 9.20
C PRO D 84 -17.74 -32.67 9.84
N GLY D 85 -16.50 -32.22 10.01
CA GLY D 85 -16.29 -30.92 10.64
C GLY D 85 -14.83 -30.68 10.93
N VAL D 86 -14.56 -29.43 11.35
CA VAL D 86 -13.20 -28.99 11.59
C VAL D 86 -12.49 -29.91 12.57
N MET D 87 -13.19 -30.38 13.59
CA MET D 87 -12.57 -31.18 14.64
C MET D 87 -13.01 -32.64 14.61
N GLN D 88 -13.51 -33.11 13.46
CA GLN D 88 -13.90 -34.52 13.36
C GLN D 88 -12.74 -35.44 13.71
N ARG D 89 -11.52 -35.05 13.31
CA ARG D 89 -10.35 -35.89 13.57
C ARG D 89 -10.13 -36.07 15.07
N VAL D 90 -10.38 -35.03 15.85
CA VAL D 90 -10.27 -35.16 17.31
C VAL D 90 -11.34 -36.11 17.83
N GLY D 91 -12.58 -35.92 17.37
CA GLY D 91 -13.65 -36.81 17.79
C GLY D 91 -13.36 -38.26 17.47
N GLN D 92 -12.92 -38.52 16.24
CA GLN D 92 -12.61 -39.88 15.83
C GLN D 92 -11.49 -40.47 16.67
N LEU D 93 -10.55 -39.64 17.12
CA LEU D 93 -9.48 -40.13 18.00
C LEU D 93 -10.04 -40.58 19.34
N PHE D 94 -10.93 -39.77 19.94
CA PHE D 94 -11.59 -40.17 21.17
C PHE D 94 -12.29 -41.51 21.02
N THR D 95 -13.09 -41.66 19.95
CA THR D 95 -13.84 -42.90 19.73
C THR D 95 -12.88 -44.07 19.55
N TYR D 96 -11.81 -43.86 18.77
CA TYR D 96 -10.80 -44.88 18.56
C TYR D 96 -10.24 -45.39 19.88
N LEU D 97 -10.11 -44.50 20.86
CA LEU D 97 -9.53 -44.84 22.16
C LEU D 97 -10.56 -45.30 23.19
N GLY D 98 -11.83 -45.45 22.79
CA GLY D 98 -12.84 -45.88 23.74
C GLY D 98 -13.25 -44.82 24.73
N MET D 99 -13.10 -43.54 24.39
CA MET D 99 -13.31 -42.44 25.31
C MET D 99 -14.64 -41.73 25.12
N HIS D 100 -15.50 -42.20 24.22
CA HIS D 100 -16.68 -41.39 23.87
C HIS D 100 -17.50 -41.01 25.10
N LYS D 101 -17.64 -41.93 26.05
CA LYS D 101 -18.45 -41.66 27.24
C LYS D 101 -17.73 -40.81 28.27
N GLN D 102 -16.43 -40.58 28.11
CA GLN D 102 -15.69 -39.67 28.97
C GLN D 102 -15.72 -38.24 28.46
N LEU D 103 -16.40 -37.99 27.33
CA LEU D 103 -16.61 -36.63 26.84
C LEU D 103 -17.89 -36.11 27.50
N ILE D 104 -17.78 -35.01 28.21
CA ILE D 104 -18.90 -34.46 28.96
C ILE D 104 -19.14 -33.05 28.46
N PRO D 105 -20.31 -32.48 28.74
CA PRO D 105 -20.62 -31.14 28.23
C PRO D 105 -19.61 -30.12 28.73
N TYR D 106 -19.14 -29.27 27.80
CA TYR D 106 -18.42 -28.04 28.12
C TYR D 106 -19.37 -26.90 27.82
N TYR D 107 -19.64 -26.06 28.82
CA TYR D 107 -20.56 -24.93 28.66
C TYR D 107 -19.75 -23.68 28.31
N PHE D 108 -19.78 -23.31 27.03
CA PHE D 108 -19.08 -22.09 26.59
C PHE D 108 -19.74 -20.85 27.16
N LYS D 109 -21.07 -20.85 27.22
CA LYS D 109 -21.87 -19.89 27.97
C LYS D 109 -22.40 -20.59 29.22
N SER D 110 -22.74 -19.80 30.24
CA SER D 110 -23.29 -20.39 31.45
C SER D 110 -24.56 -21.16 31.13
N ASN D 111 -24.73 -22.31 31.76
CA ASN D 111 -25.93 -23.10 31.56
C ASN D 111 -27.11 -22.62 32.40
N LYS D 112 -26.90 -21.62 33.26
CA LYS D 112 -27.95 -21.00 34.07
C LYS D 112 -28.01 -19.52 33.70
N SER D 113 -27.70 -18.64 34.66
CA SER D 113 -27.74 -17.21 34.36
C SER D 113 -26.47 -16.81 33.60
N PRO D 114 -26.56 -15.77 32.76
CA PRO D 114 -25.42 -15.42 31.91
C PRO D 114 -24.22 -14.94 32.73
N GLY D 115 -23.04 -15.10 32.14
CA GLY D 115 -21.84 -14.57 32.73
C GLY D 115 -21.82 -13.05 32.75
N PHE D 116 -20.79 -12.52 33.38
CA PHE D 116 -20.65 -11.09 33.55
C PHE D 116 -19.72 -10.50 32.50
N GLN D 117 -19.98 -9.22 32.16
CA GLN D 117 -19.06 -8.38 31.42
C GLN D 117 -18.77 -7.14 32.26
N TYR D 118 -17.50 -6.75 32.35
CA TYR D 118 -17.10 -5.59 33.15
C TYR D 118 -16.07 -4.80 32.36
N PHE D 119 -16.51 -3.70 31.75
CA PHE D 119 -15.68 -2.90 30.87
C PHE D 119 -15.92 -1.43 31.17
N ASN D 120 -14.83 -0.66 31.28
CA ASN D 120 -14.93 0.79 31.52
C ASN D 120 -15.73 1.09 32.77
N GLY D 121 -15.60 0.23 33.78
CA GLY D 121 -16.29 0.41 35.02
C GLY D 121 -17.76 0.10 35.00
N VAL D 122 -18.27 -0.47 33.92
CA VAL D 122 -19.69 -0.79 33.76
C VAL D 122 -19.85 -2.30 33.81
N ARG D 123 -20.74 -2.76 34.69
CA ARG D 123 -20.98 -4.18 34.87
C ARG D 123 -22.33 -4.54 34.26
N ALA D 124 -22.37 -5.66 33.54
CA ALA D 124 -23.60 -6.15 32.95
C ALA D 124 -23.50 -7.66 32.75
N ARG D 125 -24.66 -8.29 32.54
CA ARG D 125 -24.69 -9.68 32.11
C ARG D 125 -24.55 -9.78 30.61
N ILE D 126 -23.92 -10.86 30.15
CA ILE D 126 -23.87 -11.15 28.73
C ILE D 126 -25.28 -11.17 28.18
N GLY D 127 -25.50 -10.47 27.07
CA GLY D 127 -26.82 -10.40 26.44
C GLY D 127 -27.69 -9.24 26.86
N GLU D 128 -27.28 -8.46 27.86
CA GLU D 128 -28.11 -7.35 28.34
C GLU D 128 -28.01 -6.11 27.46
N GLY D 129 -27.13 -6.10 26.47
CA GLY D 129 -27.07 -5.00 25.53
C GLY D 129 -26.43 -3.72 26.04
N SER D 130 -25.62 -3.80 27.09
CA SER D 130 -24.91 -2.63 27.57
C SER D 130 -23.94 -2.12 26.51
N SER D 131 -23.77 -0.79 26.46
CA SER D 131 -22.76 -0.19 25.62
C SER D 131 -21.45 0.06 26.35
N PHE D 132 -21.41 -0.19 27.66
CA PHE D 132 -20.19 -0.08 28.46
C PHE D 132 -19.53 1.29 28.28
N ASP D 133 -20.35 2.34 28.28
CA ASP D 133 -19.88 3.72 28.20
C ASP D 133 -19.18 4.00 26.88
N ALA D 134 -19.46 3.22 25.84
CA ALA D 134 -18.80 3.43 24.56
C ALA D 134 -19.02 4.82 23.99
N PRO D 135 -20.17 5.46 24.14
CA PRO D 135 -20.30 6.84 23.63
C PRO D 135 -19.23 7.78 24.18
N ALA D 136 -18.82 7.62 25.44
CA ALA D 136 -17.78 8.49 26.00
C ALA D 136 -16.43 8.27 25.32
N LEU D 137 -16.20 7.09 24.74
CA LEU D 137 -15.00 6.84 23.96
C LEU D 137 -15.10 7.42 22.54
N GLY D 138 -16.25 7.95 22.15
CA GLY D 138 -16.43 8.49 20.82
C GLY D 138 -16.91 7.49 19.80
N ILE D 139 -17.50 6.37 20.22
CA ILE D 139 -18.08 5.40 19.30
C ILE D 139 -19.51 5.84 19.03
N ASN D 140 -19.85 6.09 17.76
CA ASN D 140 -21.15 6.67 17.45
C ASN D 140 -22.25 5.62 17.60
N SER D 141 -23.49 6.11 17.66
CA SER D 141 -24.61 5.25 18.03
C SER D 141 -24.88 4.19 16.97
N SER D 142 -24.55 4.47 15.70
CA SER D 142 -24.75 3.48 14.64
C SER D 142 -23.89 2.25 14.87
N LEU D 143 -22.61 2.47 15.19
CA LEU D 143 -21.70 1.35 15.43
C LEU D 143 -22.13 0.56 16.67
N ILE D 144 -22.53 1.26 17.73
CA ILE D 144 -23.00 0.59 18.94
C ILE D 144 -24.21 -0.28 18.62
N ASP D 145 -25.15 0.26 17.84
CA ASP D 145 -26.37 -0.47 17.51
C ASP D 145 -26.07 -1.74 16.71
N ILE D 146 -25.13 -1.65 15.77
CA ILE D 146 -24.72 -2.84 15.02
C ILE D 146 -24.04 -3.83 15.94
N GLY D 147 -23.05 -3.36 16.69
CA GLY D 147 -22.36 -4.18 17.66
C GLY D 147 -21.07 -4.77 17.13
N VAL D 148 -20.14 -5.05 18.04
CA VAL D 148 -18.82 -5.55 17.67
C VAL D 148 -18.94 -6.86 16.91
N THR D 149 -19.77 -7.78 17.42
CA THR D 149 -19.88 -9.10 16.82
C THR D 149 -20.27 -9.03 15.35
N LYS D 150 -21.34 -8.28 15.04
CA LYS D 150 -21.77 -8.20 13.65
C LYS D 150 -20.73 -7.50 12.79
N ILE D 151 -20.08 -6.46 13.33
CA ILE D 151 -19.06 -5.77 12.56
C ILE D 151 -17.92 -6.71 12.22
N VAL D 152 -17.42 -7.45 13.21
CA VAL D 152 -16.29 -8.35 12.95
C VAL D 152 -16.69 -9.44 11.96
N ASN D 153 -17.88 -10.02 12.13
CA ASN D 153 -18.33 -11.04 11.19
CA ASN D 153 -18.34 -11.04 11.19
C ASN D 153 -18.44 -10.48 9.77
N ASP D 154 -18.77 -9.20 9.63
CA ASP D 154 -18.87 -8.61 8.30
C ASP D 154 -17.50 -8.55 7.62
N ALA D 155 -16.44 -8.32 8.39
CA ALA D 155 -15.10 -8.26 7.81
C ALA D 155 -14.51 -9.66 7.61
N VAL D 156 -14.72 -10.55 8.59
CA VAL D 156 -14.08 -11.87 8.57
C VAL D 156 -14.90 -12.87 7.78
N GLY D 157 -16.22 -12.74 7.77
CA GLY D 157 -17.12 -13.73 7.22
C GLY D 157 -16.77 -14.20 5.82
N PRO D 158 -16.50 -13.26 4.90
CA PRO D 158 -16.19 -13.69 3.53
C PRO D 158 -14.97 -14.59 3.45
N PHE D 159 -13.89 -14.24 4.15
CA PHE D 159 -12.70 -15.09 4.16
C PHE D 159 -13.01 -16.46 4.75
N ALA D 160 -13.75 -16.48 5.87
CA ALA D 160 -14.00 -17.74 6.57
C ALA D 160 -14.94 -18.64 5.78
N GLN D 161 -15.93 -18.07 5.09
CA GLN D 161 -16.81 -18.90 4.27
C GLN D 161 -16.02 -19.55 3.15
N ALA D 162 -15.09 -18.83 2.54
CA ALA D 162 -14.32 -19.41 1.45
C ALA D 162 -13.42 -20.54 1.93
N LEU D 163 -12.87 -20.42 3.13
CA LEU D 163 -12.05 -21.50 3.67
C LEU D 163 -12.90 -22.69 4.09
N PHE D 164 -14.08 -22.41 4.66
CA PHE D 164 -15.00 -23.51 4.96
C PHE D 164 -15.43 -24.21 3.69
N ASP D 165 -15.64 -23.43 2.62
CA ASP D 165 -15.94 -24.02 1.31
C ASP D 165 -14.83 -24.97 0.86
N ASP D 166 -13.57 -24.56 1.02
CA ASP D 166 -12.44 -25.41 0.69
C ASP D 166 -12.55 -26.77 1.40
N LEU D 167 -12.83 -26.76 2.70
CA LEU D 167 -12.88 -28.00 3.45
C LEU D 167 -13.99 -28.91 2.97
N GLN D 168 -15.16 -28.34 2.70
CA GLN D 168 -16.33 -29.16 2.37
C GLN D 168 -16.26 -29.62 0.90
N LYS D 169 -15.84 -28.75 -0.01
CA LYS D 169 -15.83 -29.07 -1.45
C LYS D 169 -14.51 -29.64 -1.93
N HIS D 170 -13.50 -29.69 -1.07
CA HIS D 170 -12.19 -30.24 -1.41
C HIS D 170 -11.48 -29.39 -2.47
N THR D 171 -11.33 -28.11 -2.14
CA THR D 171 -10.63 -27.16 -2.99
C THR D 171 -9.59 -26.42 -2.15
N THR D 172 -8.78 -25.61 -2.83
CA THR D 172 -7.78 -24.77 -2.18
C THR D 172 -7.85 -23.32 -2.67
N THR D 173 -8.88 -22.97 -3.43
CA THR D 173 -9.03 -21.60 -3.90
C THR D 173 -9.30 -20.64 -2.75
N GLY D 174 -10.02 -21.08 -1.72
CA GLY D 174 -10.21 -20.23 -0.56
C GLY D 174 -8.90 -19.86 0.10
N TRP D 175 -8.00 -20.83 0.25
CA TRP D 175 -6.70 -20.54 0.84
C TRP D 175 -5.90 -19.62 -0.08
N ASP D 176 -5.99 -19.82 -1.39
CA ASP D 176 -5.27 -18.94 -2.30
C ASP D 176 -5.69 -17.48 -2.10
N ASP D 177 -7.00 -17.23 -1.96
CA ASP D 177 -7.45 -15.87 -1.75
C ASP D 177 -7.04 -15.34 -0.38
N MET D 178 -7.11 -16.19 0.65
CA MET D 178 -6.64 -15.77 1.96
C MET D 178 -5.17 -15.34 1.88
N MET D 179 -4.35 -16.09 1.15
CA MET D 179 -2.93 -15.78 1.06
C MET D 179 -2.66 -14.51 0.27
N LYS D 180 -3.52 -14.17 -0.70
CA LYS D 180 -3.41 -12.85 -1.34
C LYS D 180 -3.61 -11.73 -0.33
N ASN D 181 -4.23 -12.01 0.81
CA ASN D 181 -4.51 -11.01 1.84
C ASN D 181 -3.71 -11.22 3.12
N ASP D 182 -2.73 -12.12 3.10
CA ASP D 182 -2.05 -12.49 4.34
C ASP D 182 -1.10 -11.42 4.85
N ALA D 183 -0.75 -10.42 4.03
CA ALA D 183 0.08 -9.33 4.52
C ALA D 183 -0.68 -8.38 5.45
N TYR D 184 -2.00 -8.52 5.53
CA TYR D 184 -2.79 -7.73 6.47
C TYR D 184 -2.70 -8.30 7.88
N SER D 185 -2.57 -7.43 8.87
CA SER D 185 -3.05 -7.74 10.21
C SER D 185 -4.54 -7.48 10.26
N THR D 186 -5.21 -7.96 11.31
CA THR D 186 -6.62 -7.61 11.44
C THR D 186 -6.78 -6.09 11.47
N ARG D 187 -5.89 -5.40 12.20
CA ARG D 187 -5.95 -3.95 12.26
C ARG D 187 -5.75 -3.30 10.89
N SER D 188 -4.71 -3.71 10.17
CA SER D 188 -4.42 -3.01 8.92
C SER D 188 -5.50 -3.29 7.88
N TYR D 189 -6.16 -4.46 7.97
CA TYR D 189 -7.31 -4.73 7.12
C TYR D 189 -8.44 -3.74 7.40
N PHE D 190 -8.76 -3.53 8.69
CA PHE D 190 -9.80 -2.58 9.05
C PHE D 190 -9.40 -1.15 8.71
N SER D 191 -8.12 -0.81 8.86
CA SER D 191 -7.67 0.56 8.64
C SER D 191 -7.54 0.92 7.17
N PHE D 192 -7.21 -0.04 6.31
CA PHE D 192 -6.82 0.29 4.95
C PHE D 192 -7.59 -0.43 3.85
N LYS D 193 -8.45 -1.40 4.17
CA LYS D 193 -9.14 -2.13 3.10
C LYS D 193 -10.63 -2.27 3.37
N TYR D 194 -11.01 -2.67 4.58
CA TYR D 194 -12.40 -2.96 4.88
C TYR D 194 -13.31 -1.78 4.58
N LEU D 195 -14.43 -2.07 3.93
CA LEU D 195 -15.51 -1.11 3.79
C LEU D 195 -16.78 -1.80 4.29
N PRO D 196 -17.55 -1.16 5.15
CA PRO D 196 -18.71 -1.83 5.74
C PRO D 196 -19.80 -2.16 4.74
N SER D 197 -20.52 -3.23 5.03
CA SER D 197 -21.64 -3.58 4.18
CA SER D 197 -21.68 -3.60 4.23
C SER D 197 -22.61 -2.41 4.07
N PRO D 198 -23.18 -2.18 2.89
CA PRO D 198 -24.14 -1.07 2.74
C PRO D 198 -25.30 -1.13 3.70
N SER D 199 -25.70 -2.32 4.16
CA SER D 199 -26.83 -2.42 5.07
C SER D 199 -26.54 -1.74 6.40
N PHE D 200 -25.26 -1.49 6.70
CA PHE D 200 -24.92 -0.85 7.95
C PHE D 200 -25.23 0.65 7.94
N GLY D 201 -25.46 1.24 6.76
CA GLY D 201 -25.76 2.66 6.71
C GLY D 201 -24.64 3.55 7.18
N LEU D 202 -23.40 3.09 7.08
CA LEU D 202 -22.26 3.88 7.55
C LEU D 202 -21.64 4.69 6.44
N PRO D 203 -20.81 5.68 6.77
CA PRO D 203 -20.03 6.37 5.74
C PRO D 203 -19.17 5.35 4.99
N SER D 204 -18.94 5.63 3.71
CA SER D 204 -18.05 4.81 2.88
C SER D 204 -16.64 5.22 3.25
N GLU D 205 -16.03 4.48 4.19
CA GLU D 205 -14.69 4.73 4.66
C GLU D 205 -14.21 3.56 5.51
N HIS D 206 -12.89 3.42 5.60
CA HIS D 206 -12.25 2.48 6.53
C HIS D 206 -12.41 3.00 7.96
N PHE D 207 -12.33 2.09 8.92
CA PHE D 207 -12.49 2.44 10.33
C PHE D 207 -11.29 3.20 10.91
N SER D 208 -11.58 4.06 11.88
CA SER D 208 -10.56 4.72 12.67
C SER D 208 -9.94 3.78 13.70
N THR D 209 -8.77 4.19 14.19
CA THR D 209 -8.09 3.43 15.24
C THR D 209 -8.94 3.36 16.51
N ARG D 210 -9.63 4.44 16.87
CA ARG D 210 -10.48 4.40 18.06
C ARG D 210 -11.54 3.31 17.91
N VAL D 211 -12.13 3.19 16.72
CA VAL D 211 -13.16 2.17 16.51
C VAL D 211 -12.55 0.78 16.49
N ILE D 212 -11.40 0.63 15.82
CA ILE D 212 -10.77 -0.69 15.74
C ILE D 212 -10.36 -1.18 17.13
N ASN D 213 -9.88 -0.27 17.98
CA ASN D 213 -9.48 -0.67 19.32
C ASN D 213 -10.69 -1.06 20.18
N TRP D 214 -11.84 -0.44 19.93
CA TRP D 214 -13.08 -0.86 20.58
C TRP D 214 -13.47 -2.27 20.14
N LEU D 215 -13.36 -2.56 18.84
CA LEU D 215 -13.58 -3.92 18.37
C LEU D 215 -12.68 -4.93 19.09
N GLU D 216 -11.37 -4.65 19.14
CA GLU D 216 -10.45 -5.61 19.75
C GLU D 216 -10.78 -5.83 21.22
N THR D 217 -11.15 -4.76 21.92
CA THR D 217 -11.46 -4.87 23.34
C THR D 217 -12.52 -5.93 23.58
N PHE D 218 -13.58 -5.93 22.78
CA PHE D 218 -14.68 -6.84 23.01
C PHE D 218 -14.59 -8.12 22.21
N ASP D 219 -13.78 -8.15 21.16
CA ASP D 219 -13.71 -9.32 20.30
C ASP D 219 -12.64 -10.31 20.77
N LYS D 220 -11.47 -9.80 21.17
CA LYS D 220 -10.34 -10.68 21.46
C LYS D 220 -9.57 -10.18 22.68
N SER D 221 -8.26 -9.97 22.52
CA SER D 221 -7.34 -9.69 23.61
C SER D 221 -6.45 -8.54 23.19
N THR D 222 -5.80 -7.91 24.16
CA THR D 222 -5.01 -6.73 23.86
C THR D 222 -3.82 -7.11 22.97
N GLY D 223 -3.81 -6.54 21.76
CA GLY D 223 -2.76 -6.79 20.79
C GLY D 223 -3.07 -7.85 19.76
N TRP D 224 -4.19 -8.57 19.91
CA TRP D 224 -4.55 -9.59 18.93
C TRP D 224 -4.58 -9.03 17.51
N TYR D 225 -5.13 -7.83 17.34
CA TYR D 225 -5.38 -7.34 15.99
C TYR D 225 -4.11 -6.96 15.25
N ASP D 226 -2.96 -6.92 15.92
CA ASP D 226 -1.70 -6.65 15.24
C ASP D 226 -1.05 -7.91 14.69
N ARG D 227 -1.61 -9.08 14.96
CA ARG D 227 -1.17 -10.31 14.34
C ARG D 227 -1.93 -10.52 13.03
N GLY D 228 -1.69 -11.64 12.37
CA GLY D 228 -2.20 -11.80 11.02
C GLY D 228 -3.72 -11.86 10.97
N LEU D 229 -4.28 -11.19 9.94
CA LEU D 229 -5.69 -11.34 9.62
C LEU D 229 -6.03 -12.82 9.45
N THR D 230 -5.15 -13.60 8.83
CA THR D 230 -5.43 -15.00 8.57
C THR D 230 -5.72 -15.77 9.85
N GLU D 231 -4.98 -15.48 10.92
CA GLU D 231 -5.22 -16.17 12.19
C GLU D 231 -6.61 -15.83 12.73
N THR D 232 -7.04 -14.57 12.59
CA THR D 232 -8.39 -14.21 13.00
C THR D 232 -9.43 -15.01 12.24
N VAL D 233 -9.22 -15.17 10.93
CA VAL D 233 -10.15 -15.93 10.12
C VAL D 233 -10.15 -17.39 10.54
N LEU D 234 -8.95 -17.97 10.70
CA LEU D 234 -8.85 -19.38 11.05
C LEU D 234 -9.41 -19.68 12.43
N GLU D 235 -9.22 -18.76 13.39
CA GLU D 235 -9.76 -19.06 14.71
CA GLU D 235 -9.76 -18.94 14.73
C GLU D 235 -11.28 -18.96 14.71
N ALA D 236 -11.88 -18.12 13.85
CA ALA D 236 -13.34 -18.10 13.74
C ALA D 236 -13.87 -19.43 13.22
N ILE D 237 -13.18 -20.00 12.24
CA ILE D 237 -13.54 -21.33 11.76
C ILE D 237 -13.45 -22.34 12.91
N ALA D 238 -12.37 -22.26 13.70
CA ALA D 238 -12.17 -23.26 14.74
C ALA D 238 -13.21 -23.15 15.84
N PHE D 239 -13.59 -21.93 16.23
CA PHE D 239 -14.57 -21.74 17.30
C PHE D 239 -15.99 -22.03 16.87
N GLY D 240 -16.22 -22.38 15.61
CA GLY D 240 -17.53 -22.78 15.14
C GLY D 240 -18.40 -21.65 14.65
N GLU D 241 -17.86 -20.44 14.53
CA GLU D 241 -18.64 -19.27 14.14
C GLU D 241 -18.80 -19.20 12.63
N VAL D 242 -18.75 -20.35 11.95
CA VAL D 242 -18.77 -20.40 10.50
C VAL D 242 -19.40 -21.71 10.06
N GLY D 243 -20.13 -21.65 8.94
CA GLY D 243 -20.62 -22.86 8.31
C GLY D 243 -21.99 -23.29 8.80
N ASP D 244 -22.42 -24.43 8.27
CA ASP D 244 -23.78 -24.91 8.52
C ASP D 244 -23.88 -25.66 9.83
N GLY D 245 -23.00 -26.63 10.05
CA GLY D 245 -23.09 -27.48 11.22
C GLY D 245 -22.55 -26.86 12.49
N GLU D 246 -23.38 -26.75 13.52
CA GLU D 246 -22.92 -26.22 14.78
C GLU D 246 -22.20 -27.29 15.60
N VAL D 247 -21.48 -26.83 16.60
CA VAL D 247 -20.52 -27.64 17.33
C VAL D 247 -21.12 -28.15 18.62
N ASP D 248 -20.60 -29.29 19.07
CA ASP D 248 -20.92 -29.90 20.36
C ASP D 248 -19.69 -29.67 21.24
N TRP D 249 -19.76 -28.67 22.12
CA TRP D 249 -18.62 -28.38 22.99
C TRP D 249 -18.49 -29.46 24.05
N ARG D 250 -17.31 -30.07 24.12
CA ARG D 250 -17.06 -31.15 25.07
C ARG D 250 -15.79 -30.84 25.85
N CYS D 251 -15.69 -31.41 27.04
CA CYS D 251 -14.43 -31.52 27.74
C CYS D 251 -14.30 -32.95 28.23
N ILE D 252 -13.15 -33.27 28.79
CA ILE D 252 -12.80 -34.65 29.13
C ILE D 252 -12.93 -34.83 30.64
N ASP D 253 -13.75 -35.79 31.05
CA ASP D 253 -13.96 -36.07 32.47
C ASP D 253 -12.64 -36.46 33.12
N GLY D 254 -12.24 -35.71 34.15
CA GLY D 254 -10.96 -35.92 34.78
C GLY D 254 -9.85 -35.02 34.26
N GLY D 255 -10.08 -34.27 33.20
CA GLY D 255 -9.10 -33.37 32.67
C GLY D 255 -8.46 -33.89 31.39
N SER D 256 -7.89 -32.95 30.62
CA SER D 256 -7.36 -33.30 29.31
C SER D 256 -6.21 -34.29 29.38
N HIS D 257 -5.57 -34.41 30.54
CA HIS D 257 -4.48 -35.37 30.69
C HIS D 257 -4.94 -36.79 30.39
N VAL D 258 -6.23 -37.06 30.55
CA VAL D 258 -6.74 -38.41 30.32
C VAL D 258 -6.43 -38.87 28.90
N LEU D 259 -6.46 -37.95 27.94
CA LEU D 259 -6.24 -38.34 26.54
C LEU D 259 -4.82 -38.85 26.31
N PRO D 260 -3.78 -38.08 26.60
CA PRO D 260 -2.42 -38.64 26.41
C PRO D 260 -2.11 -39.83 27.30
N ASP D 261 -2.63 -39.86 28.53
CA ASP D 261 -2.45 -41.04 29.37
C ASP D 261 -3.07 -42.27 28.73
N THR D 262 -4.25 -42.11 28.11
CA THR D 262 -4.90 -43.26 27.49
C THR D 262 -4.14 -43.75 26.28
N ILE D 263 -3.55 -42.83 25.50
CA ILE D 263 -2.77 -43.23 24.34
C ILE D 263 -1.51 -43.98 24.78
N ALA D 264 -0.79 -43.42 25.76
CA ALA D 264 0.42 -44.06 26.23
C ALA D 264 0.12 -45.48 26.72
N ALA D 265 -1.01 -45.66 27.43
CA ALA D 265 -1.40 -46.99 27.87
C ALA D 265 -1.73 -47.90 26.68
N PHE D 266 -2.41 -47.35 25.67
CA PHE D 266 -2.71 -48.12 24.46
C PHE D 266 -1.43 -48.55 23.77
N LEU D 267 -0.45 -47.64 23.65
CA LEU D 267 0.80 -48.00 22.99
C LEU D 267 1.54 -49.08 23.76
N HIS D 268 1.46 -49.06 25.09
CA HIS D 268 2.17 -50.08 25.85
C HIS D 268 1.44 -51.41 25.83
N LYS D 269 0.12 -51.39 25.62
CA LYS D 269 -0.64 -52.63 25.54
C LYS D 269 -0.43 -53.29 24.18
N LYS D 270 -0.77 -52.55 23.12
CA LYS D 270 -0.65 -53.02 21.74
C LYS D 270 0.75 -52.74 21.20
N GLY D 271 1.74 -53.12 22.00
CA GLY D 271 3.13 -52.92 21.65
C GLY D 271 3.97 -52.91 22.91
N GLY D 272 5.28 -52.80 22.70
CA GLY D 272 6.18 -52.66 23.81
C GLY D 272 6.11 -51.26 24.41
N ASN D 273 7.09 -50.98 25.28
CA ASN D 273 7.30 -49.62 25.76
C ASN D 273 8.38 -49.00 24.87
N ALA D 274 7.99 -47.98 24.11
CA ALA D 274 8.90 -47.33 23.17
C ALA D 274 9.13 -45.87 23.53
N PHE D 275 9.05 -45.53 24.83
CA PHE D 275 9.35 -44.18 25.28
C PHE D 275 10.75 -44.09 25.87
N VAL D 276 11.46 -43.04 25.51
CA VAL D 276 12.69 -42.62 26.18
C VAL D 276 12.36 -41.32 26.90
N MET D 277 12.20 -41.38 28.21
CA MET D 277 11.82 -40.22 28.99
C MET D 277 13.06 -39.53 29.57
N ASN D 278 12.87 -38.30 30.02
CA ASN D 278 13.93 -37.52 30.68
C ASN D 278 15.17 -37.44 29.80
N ALA D 279 14.94 -37.21 28.51
CA ALA D 279 16.01 -37.16 27.52
C ALA D 279 15.73 -35.94 26.65
N SER D 280 16.42 -34.83 26.95
CA SER D 280 16.23 -33.62 26.16
CA SER D 280 16.24 -33.61 26.17
C SER D 280 17.12 -33.65 24.93
N VAL D 281 16.51 -33.43 23.77
CA VAL D 281 17.23 -33.44 22.50
C VAL D 281 18.09 -32.19 22.41
N THR D 282 19.37 -32.38 22.09
CA THR D 282 20.29 -31.27 21.90
C THR D 282 20.83 -31.17 20.48
N ALA D 283 20.71 -32.22 19.66
CA ALA D 283 21.17 -32.17 18.28
C ALA D 283 20.41 -33.18 17.45
N ILE D 284 20.16 -32.80 16.20
CA ILE D 284 19.50 -33.64 15.20
C ILE D 284 20.24 -33.47 13.88
N GLY D 285 20.67 -34.56 13.28
CA GLY D 285 21.33 -34.42 12.00
C GLY D 285 21.64 -35.77 11.38
N LEU D 286 21.96 -35.73 10.10
CA LEU D 286 22.43 -36.92 9.40
C LEU D 286 23.77 -37.37 9.96
N GLU D 287 23.92 -38.68 10.12
CA GLU D 287 25.20 -39.25 10.54
C GLU D 287 26.31 -38.86 9.57
N ASN D 288 26.05 -38.98 8.28
CA ASN D 288 26.99 -38.54 7.25
C ASN D 288 26.18 -37.91 6.12
N PRO D 289 26.10 -36.57 6.07
CA PRO D 289 25.21 -35.93 5.08
C PRO D 289 25.61 -36.16 3.63
N ASN D 290 26.80 -36.70 3.38
CA ASN D 290 27.23 -37.01 2.02
C ASN D 290 26.86 -38.42 1.57
N LYS D 291 26.28 -39.24 2.45
CA LYS D 291 25.85 -40.58 2.09
C LYS D 291 24.34 -40.63 1.92
N GLU D 292 23.87 -41.22 0.81
CA GLU D 292 22.45 -41.22 0.52
C GLU D 292 21.69 -42.05 1.54
N ASP D 293 22.26 -43.16 1.99
CA ASP D 293 21.59 -44.03 2.96
C ASP D 293 21.91 -43.66 4.40
N SER D 294 22.40 -42.45 4.65
CA SER D 294 22.79 -42.09 6.00
C SER D 294 21.58 -42.16 6.94
N PRO D 295 21.72 -42.76 8.12
CA PRO D 295 20.67 -42.63 9.14
C PRO D 295 20.69 -41.24 9.77
N MET D 296 19.59 -40.93 10.46
CA MET D 296 19.50 -39.76 11.31
C MET D 296 20.07 -40.07 12.68
N VAL D 297 20.69 -39.08 13.30
CA VAL D 297 21.22 -39.16 14.65
C VAL D 297 20.51 -38.12 15.50
N VAL D 298 20.00 -38.55 16.65
CA VAL D 298 19.40 -37.66 17.65
C VAL D 298 20.25 -37.78 18.91
N VAL D 299 20.81 -36.67 19.37
CA VAL D 299 21.55 -36.64 20.63
C VAL D 299 20.60 -36.13 21.70
N ALA D 300 20.40 -36.94 22.74
CA ALA D 300 19.52 -36.59 23.85
C ALA D 300 20.09 -37.21 25.12
N GLY D 301 20.24 -36.38 26.15
CA GLY D 301 20.89 -36.84 27.37
C GLY D 301 22.31 -37.32 27.18
N GLY D 302 23.03 -36.73 26.22
CA GLY D 302 24.40 -37.14 25.96
C GLY D 302 24.54 -38.45 25.22
N GLN D 303 23.44 -39.10 24.85
CA GLN D 303 23.47 -40.36 24.14
C GLN D 303 23.03 -40.16 22.70
N LYS D 304 23.75 -40.79 21.77
CA LYS D 304 23.39 -40.78 20.36
C LYS D 304 22.44 -41.93 20.07
N ARG D 305 21.32 -41.63 19.43
CA ARG D 305 20.36 -42.63 18.96
CA ARG D 305 20.39 -42.65 18.96
C ARG D 305 20.19 -42.46 17.46
N LYS D 306 20.18 -43.58 16.73
CA LYS D 306 20.10 -43.56 15.28
C LYS D 306 18.72 -44.02 14.83
N TYR D 307 18.20 -43.36 13.79
CA TYR D 307 16.89 -43.63 13.23
C TYR D 307 16.99 -43.50 11.71
N SER D 308 16.06 -44.18 11.01
CA SER D 308 15.99 -44.00 9.57
C SER D 308 15.40 -42.63 9.24
N HIS D 309 14.32 -42.26 9.94
CA HIS D 309 13.66 -40.98 9.77
C HIS D 309 13.30 -40.44 11.15
N VAL D 310 13.17 -39.12 11.24
CA VAL D 310 12.79 -38.45 12.49
C VAL D 310 11.55 -37.60 12.23
N ILE D 311 10.56 -37.74 13.12
CA ILE D 311 9.40 -36.84 13.16
C ILE D 311 9.54 -35.99 14.41
N SER D 312 9.78 -34.69 14.22
CA SER D 312 9.91 -33.73 15.30
C SER D 312 8.55 -33.10 15.58
N THR D 313 8.14 -33.10 16.85
CA THR D 313 6.99 -32.31 17.28
C THR D 313 7.41 -31.17 18.20
N LEU D 314 8.71 -30.86 18.23
CA LEU D 314 9.20 -29.80 19.09
C LEU D 314 8.72 -28.44 18.57
N PRO D 315 8.28 -27.55 19.46
CA PRO D 315 7.95 -26.19 19.03
C PRO D 315 9.10 -25.54 18.27
N LEU D 316 8.75 -24.64 17.34
CA LEU D 316 9.77 -24.01 16.52
C LEU D 316 10.84 -23.30 17.34
N PRO D 317 10.52 -22.53 18.39
CA PRO D 317 11.58 -21.87 19.18
C PRO D 317 12.47 -22.87 19.89
N VAL D 318 11.95 -24.06 20.21
CA VAL D 318 12.78 -25.10 20.80
C VAL D 318 13.79 -25.61 19.77
N LEU D 319 13.35 -25.82 18.51
CA LEU D 319 14.28 -26.26 17.48
C LEU D 319 15.42 -25.27 17.31
N ARG D 320 15.17 -23.99 17.56
CA ARG D 320 16.21 -22.97 17.49
C ARG D 320 17.25 -23.14 18.60
N THR D 321 16.94 -23.94 19.64
CA THR D 321 17.90 -24.25 20.68
C THR D 321 18.59 -25.59 20.46
N VAL D 322 18.26 -26.31 19.39
CA VAL D 322 18.84 -27.61 19.07
C VAL D 322 19.88 -27.42 17.98
N ASP D 323 20.96 -28.20 18.03
CA ASP D 323 21.98 -28.13 16.98
C ASP D 323 21.46 -28.88 15.76
N LEU D 324 21.08 -28.14 14.72
CA LEU D 324 20.57 -28.72 13.48
C LEU D 324 21.62 -28.75 12.38
N LYS D 325 22.88 -28.57 12.73
CA LYS D 325 23.95 -28.86 11.78
C LYS D 325 23.80 -30.30 11.31
N ASN D 326 23.93 -30.51 10.01
CA ASN D 326 23.82 -31.81 9.37
C ASN D 326 22.37 -32.23 9.18
N SER D 327 21.40 -31.41 9.58
CA SER D 327 20.04 -31.60 9.09
C SER D 327 19.76 -30.87 7.79
N LYS D 328 20.69 -30.03 7.33
CA LYS D 328 20.64 -29.45 5.99
C LYS D 328 19.31 -28.75 5.72
N LEU D 329 18.88 -27.92 6.67
CA LEU D 329 17.72 -27.07 6.41
C LEU D 329 18.04 -26.13 5.26
N ASP D 330 17.07 -25.90 4.37
CA ASP D 330 17.31 -24.88 3.36
C ASP D 330 17.08 -23.50 3.98
N ILE D 331 17.46 -22.47 3.23
CA ILE D 331 17.50 -21.12 3.80
C ILE D 331 16.11 -20.63 4.18
N VAL D 332 15.07 -21.07 3.47
CA VAL D 332 13.73 -20.65 3.87
C VAL D 332 13.34 -21.33 5.18
N GLN D 333 13.61 -22.64 5.28
CA GLN D 333 13.29 -23.39 6.50
C GLN D 333 13.95 -22.77 7.73
N SER D 334 15.25 -22.43 7.63
CA SER D 334 15.94 -21.90 8.80
C SER D 334 15.43 -20.52 9.17
N ASN D 335 15.02 -19.73 8.17
CA ASN D 335 14.36 -18.47 8.45
C ASN D 335 13.01 -18.68 9.12
N ALA D 336 12.25 -19.67 8.64
CA ALA D 336 10.93 -19.95 9.21
C ALA D 336 11.02 -20.30 10.70
N LEU D 337 12.02 -21.10 11.08
CA LEU D 337 12.13 -21.46 12.49
C LEU D 337 12.19 -20.22 13.37
N ARG D 338 12.85 -19.17 12.90
CA ARG D 338 13.02 -17.96 13.69
C ARG D 338 11.80 -17.04 13.61
N LYS D 339 11.27 -16.84 12.42
CA LYS D 339 10.32 -15.77 12.15
C LYS D 339 8.88 -16.18 12.40
N LEU D 340 8.51 -17.43 12.15
CA LEU D 340 7.12 -17.84 12.36
C LEU D 340 6.73 -17.61 13.81
N GLN D 341 5.73 -16.77 14.03
CA GLN D 341 5.52 -16.16 15.34
C GLN D 341 4.71 -17.03 16.28
N TYR D 342 5.12 -17.02 17.55
CA TYR D 342 4.40 -17.63 18.66
C TYR D 342 3.70 -16.56 19.49
N GLY D 343 2.67 -16.99 20.22
CA GLY D 343 1.95 -16.11 21.11
C GLY D 343 1.98 -16.60 22.54
N PRO D 344 1.78 -15.68 23.49
CA PRO D 344 1.85 -16.03 24.91
C PRO D 344 0.48 -16.38 25.46
N SER D 345 0.49 -16.99 26.65
CA SER D 345 -0.74 -17.23 27.40
C SER D 345 -0.40 -17.55 28.85
N ILE D 346 -1.25 -17.12 29.77
CA ILE D 346 -1.15 -17.50 31.18
C ILE D 346 -2.53 -17.97 31.64
N LYS D 347 -2.53 -18.82 32.67
CA LYS D 347 -3.73 -19.21 33.38
C LYS D 347 -3.43 -19.18 34.88
N ILE D 348 -4.46 -18.86 35.66
CA ILE D 348 -4.39 -18.86 37.12
C ILE D 348 -5.61 -19.61 37.61
N GLY D 349 -5.37 -20.72 38.31
CA GLY D 349 -6.44 -21.51 38.91
C GLY D 349 -6.45 -21.30 40.41
N ILE D 350 -7.65 -21.23 40.98
CA ILE D 350 -7.81 -20.99 42.41
C ILE D 350 -8.75 -22.05 42.96
N LEU D 351 -8.29 -22.78 43.96
CA LEU D 351 -9.16 -23.66 44.73
C LEU D 351 -9.85 -22.82 45.80
N PHE D 352 -11.17 -22.80 45.77
CA PHE D 352 -11.98 -22.13 46.79
C PHE D 352 -12.59 -23.17 47.72
N LYS D 353 -13.25 -22.69 48.77
CA LYS D 353 -13.91 -23.58 49.72
C LYS D 353 -15.23 -24.10 49.20
N GLU D 354 -15.81 -23.44 48.20
CA GLU D 354 -17.15 -23.72 47.71
C GLU D 354 -17.27 -23.11 46.32
N PRO D 355 -18.21 -23.59 45.50
CA PRO D 355 -18.42 -22.94 44.19
C PRO D 355 -19.33 -21.72 44.31
N TRP D 356 -18.74 -20.63 44.83
CA TRP D 356 -19.53 -19.44 45.18
C TRP D 356 -20.19 -18.83 43.96
N TRP D 357 -19.59 -19.01 42.78
CA TRP D 357 -20.19 -18.49 41.55
C TRP D 357 -21.51 -19.16 41.24
N THR D 358 -21.71 -20.37 41.74
CA THR D 358 -22.96 -21.10 41.55
C THR D 358 -23.93 -20.88 42.70
N THR D 359 -23.42 -20.86 43.94
CA THR D 359 -24.29 -20.86 45.11
C THR D 359 -24.38 -19.51 45.82
N GLY D 360 -23.48 -18.57 45.54
CA GLY D 360 -23.34 -17.37 46.33
C GLY D 360 -24.16 -16.20 45.81
N GLN D 361 -23.98 -15.06 46.47
CA GLN D 361 -24.68 -13.83 46.14
C GLN D 361 -23.69 -12.67 46.21
N ASP D 362 -23.99 -11.60 45.48
CA ASP D 362 -23.09 -10.46 45.43
C ASP D 362 -23.37 -9.56 46.63
N LYS D 363 -22.68 -8.42 46.69
CA LYS D 363 -22.75 -7.58 47.88
C LYS D 363 -24.15 -7.01 48.12
N ASN D 364 -25.02 -7.03 47.11
CA ASN D 364 -26.39 -6.54 47.25
C ASN D 364 -27.41 -7.66 47.34
N GLY D 365 -26.97 -8.90 47.49
CA GLY D 365 -27.86 -10.03 47.64
C GLY D 365 -28.33 -10.70 46.37
N GLU D 366 -27.77 -10.33 45.22
CA GLU D 366 -28.19 -10.91 43.95
C GLU D 366 -27.35 -12.15 43.65
N LYS D 367 -28.04 -13.26 43.38
CA LYS D 367 -27.37 -14.52 43.09
C LYS D 367 -26.58 -14.44 41.79
N PHE D 368 -25.34 -14.94 41.81
CA PHE D 368 -24.58 -15.05 40.58
C PHE D 368 -25.22 -16.06 39.62
N ASP D 369 -25.54 -17.26 40.14
CA ASP D 369 -26.26 -18.31 39.41
C ASP D 369 -25.54 -18.70 38.12
N LEU D 370 -24.23 -18.91 38.23
CA LEU D 370 -23.39 -19.28 37.10
C LEU D 370 -23.05 -20.76 37.18
N VAL D 371 -23.23 -21.47 36.08
CA VAL D 371 -22.82 -22.87 35.96
C VAL D 371 -22.06 -22.99 34.65
N GLY D 372 -20.77 -23.27 34.73
CA GLY D 372 -19.94 -23.21 33.56
C GLY D 372 -19.94 -21.80 32.97
N GLY D 373 -19.54 -21.72 31.71
CA GLY D 373 -19.49 -20.44 31.06
C GLY D 373 -18.27 -19.64 31.46
N GLN D 374 -18.31 -18.35 31.11
CA GLN D 374 -17.18 -17.45 31.24
C GLN D 374 -17.69 -16.04 31.53
N SER D 375 -16.84 -15.25 32.19
CA SER D 375 -17.06 -13.82 32.34
C SER D 375 -15.87 -13.10 31.72
N TYR D 376 -16.11 -11.86 31.26
CA TYR D 376 -15.14 -11.09 30.50
C TYR D 376 -15.00 -9.70 31.09
N THR D 377 -13.78 -9.15 31.03
CA THR D 377 -13.52 -7.84 31.60
C THR D 377 -12.29 -7.24 30.92
N ASP D 378 -12.18 -5.91 30.99
CA ASP D 378 -10.95 -5.25 30.56
C ASP D 378 -9.93 -5.14 31.70
N LEU D 379 -10.29 -5.61 32.91
CA LEU D 379 -9.32 -5.69 34.00
C LEU D 379 -8.24 -6.69 33.66
N PRO D 380 -7.09 -6.62 34.35
CA PRO D 380 -5.96 -7.50 34.00
C PRO D 380 -6.26 -8.99 33.90
N ILE D 381 -7.22 -9.54 34.66
CA ILE D 381 -7.46 -10.97 34.55
C ILE D 381 -8.13 -11.35 33.22
N ARG D 382 -8.80 -10.39 32.56
CA ARG D 382 -9.44 -10.47 31.26
C ARG D 382 -10.58 -11.49 31.13
N THR D 383 -10.35 -12.76 31.47
CA THR D 383 -11.36 -13.79 31.29
C THR D 383 -11.39 -14.74 32.49
N VAL D 384 -12.60 -15.06 32.94
CA VAL D 384 -12.84 -16.00 34.04
C VAL D 384 -13.60 -17.19 33.45
N VAL D 385 -13.18 -18.41 33.77
CA VAL D 385 -13.82 -19.60 33.23
C VAL D 385 -14.29 -20.46 34.39
N TYR D 386 -15.60 -20.61 34.52
CA TYR D 386 -16.19 -21.47 35.55
C TYR D 386 -16.24 -22.90 35.05
N PRO D 387 -15.93 -23.86 35.92
CA PRO D 387 -15.79 -25.25 35.46
C PRO D 387 -17.12 -25.85 35.01
N SER D 388 -17.06 -26.62 33.92
CA SER D 388 -18.21 -27.39 33.45
C SER D 388 -18.20 -28.81 33.96
N TYR D 389 -17.02 -29.32 34.34
CA TYR D 389 -16.89 -30.68 34.83
C TYR D 389 -17.33 -30.80 36.27
N GLY D 390 -18.04 -31.89 36.56
CA GLY D 390 -18.44 -32.22 37.90
C GLY D 390 -19.71 -31.57 38.35
N VAL D 391 -20.29 -30.68 37.53
CA VAL D 391 -21.51 -30.03 37.94
C VAL D 391 -22.59 -31.11 37.99
N ASN D 392 -23.64 -30.85 38.75
CA ASN D 392 -24.73 -31.80 38.94
C ASN D 392 -24.29 -33.05 39.68
N THR D 393 -23.02 -33.19 40.05
CA THR D 393 -22.59 -34.34 40.83
C THR D 393 -22.66 -33.99 42.32
N ASN D 394 -22.40 -35.00 43.15
CA ASN D 394 -22.45 -34.80 44.60
C ASN D 394 -21.27 -34.00 45.13
N ALA D 395 -20.20 -33.83 44.34
CA ALA D 395 -19.05 -33.02 44.74
C ALA D 395 -18.64 -32.15 43.57
N PRO D 396 -19.39 -31.08 43.30
CA PRO D 396 -18.99 -30.17 42.22
C PRO D 396 -17.62 -29.58 42.51
N SER D 397 -16.98 -29.16 41.43
CA SER D 397 -15.68 -28.51 41.55
C SER D 397 -15.78 -27.23 42.35
N ASN D 398 -14.79 -27.01 43.21
CA ASN D 398 -14.55 -25.74 43.89
C ASN D 398 -13.40 -24.97 43.26
N THR D 399 -12.99 -25.34 42.04
CA THR D 399 -11.82 -24.77 41.38
C THR D 399 -12.24 -23.86 40.23
N LEU D 400 -11.68 -22.65 40.20
CA LEU D 400 -11.98 -21.64 39.21
C LEU D 400 -10.75 -21.32 38.39
N ILE D 401 -10.95 -21.07 37.09
CA ILE D 401 -9.92 -20.43 36.28
C ILE D 401 -10.16 -18.93 36.47
N ALA D 402 -9.43 -18.35 37.42
CA ALA D 402 -9.62 -16.96 37.79
C ALA D 402 -9.07 -16.01 36.75
N SER D 403 -8.14 -16.47 35.92
CA SER D 403 -7.59 -15.65 34.84
C SER D 403 -7.11 -16.54 33.73
N TYR D 404 -7.47 -16.17 32.50
CA TYR D 404 -6.95 -16.80 31.27
C TYR D 404 -6.74 -15.66 30.29
N CYS D 405 -5.47 -15.39 29.95
CA CYS D 405 -5.07 -14.22 29.17
C CYS D 405 -4.30 -14.64 27.93
N TRP D 406 -4.39 -13.81 26.89
CA TRP D 406 -3.60 -13.92 25.67
C TRP D 406 -2.80 -12.64 25.42
N THR D 407 -1.94 -12.69 24.39
CA THR D 407 -1.21 -11.55 23.84
C THR D 407 -0.71 -10.59 24.92
N ASN D 408 -0.93 -9.27 24.77
CA ASN D 408 -0.30 -8.34 25.69
C ASN D 408 -0.75 -8.57 27.14
N ASP D 409 -2.00 -9.01 27.34
CA ASP D 409 -2.50 -9.23 28.69
C ASP D 409 -1.72 -10.34 29.39
N ALA D 410 -1.37 -11.39 28.64
CA ALA D 410 -0.56 -12.48 29.17
C ALA D 410 0.89 -12.05 29.38
N GLU D 411 1.43 -11.24 28.46
CA GLU D 411 2.80 -10.76 28.60
C GLU D 411 2.98 -9.99 29.91
N ARG D 412 2.05 -9.07 30.19
CA ARG D 412 2.14 -8.27 31.40
C ARG D 412 1.95 -9.13 32.64
N MET D 413 0.92 -9.97 32.66
CA MET D 413 0.64 -10.77 33.85
C MET D 413 1.78 -11.74 34.14
N GLY D 414 2.44 -12.22 33.09
CA GLY D 414 3.51 -13.18 33.27
C GLY D 414 4.62 -12.70 34.18
N SER D 415 4.81 -11.38 34.29
CA SER D 415 5.86 -10.86 35.17
C SER D 415 5.57 -11.16 36.65
N LEU D 416 4.31 -11.42 37.00
CA LEU D 416 3.94 -11.71 38.38
C LEU D 416 3.87 -13.21 38.66
N ILE D 417 4.11 -14.06 37.67
CA ILE D 417 3.94 -15.51 37.76
C ILE D 417 5.30 -16.18 37.76
N GLY D 418 5.45 -17.20 38.59
CA GLY D 418 6.69 -17.97 38.56
C GLY D 418 7.92 -17.21 39.01
N THR D 419 7.76 -16.23 39.90
CA THR D 419 8.91 -15.50 40.40
C THR D 419 9.69 -16.30 41.44
N GLY D 420 9.05 -17.26 42.09
CA GLY D 420 9.64 -17.94 43.23
C GLY D 420 9.60 -17.18 44.54
N ALA D 421 8.96 -16.00 44.57
CA ALA D 421 8.95 -15.13 45.74
C ALA D 421 7.52 -15.01 46.30
N ALA D 422 7.35 -15.36 47.57
CA ALA D 422 6.04 -15.24 48.21
C ALA D 422 5.49 -13.82 48.11
N THR D 423 6.37 -12.81 48.12
CA THR D 423 5.92 -11.43 48.02
C THR D 423 5.12 -11.19 46.74
N TYR D 424 5.61 -11.70 45.62
CA TYR D 424 4.90 -11.51 44.36
C TYR D 424 3.73 -12.48 44.21
N GLU D 425 3.85 -13.69 44.78
CA GLU D 425 2.69 -14.58 44.82
C GLU D 425 1.53 -13.91 45.53
N GLU D 426 1.83 -13.20 46.62
CA GLU D 426 0.79 -12.49 47.37
C GLU D 426 0.27 -11.29 46.60
N GLN D 427 1.15 -10.55 45.92
CA GLN D 427 0.68 -9.44 45.09
C GLN D 427 -0.25 -9.96 44.00
N LEU D 428 0.12 -11.07 43.36
CA LEU D 428 -0.70 -11.64 42.29
C LEU D 428 -2.06 -12.06 42.82
N GLU D 429 -2.08 -12.77 43.95
CA GLU D 429 -3.36 -13.24 44.49
C GLU D 429 -4.27 -12.06 44.80
N HIS D 430 -3.73 -10.99 45.35
CA HIS D 430 -4.55 -9.84 45.73
C HIS D 430 -5.13 -9.15 44.50
N LEU D 431 -4.30 -9.01 43.45
CA LEU D 431 -4.78 -8.44 42.20
C LEU D 431 -5.89 -9.29 41.60
N VAL D 432 -5.69 -10.61 41.57
CA VAL D 432 -6.68 -11.49 40.95
C VAL D 432 -7.99 -11.43 41.73
N LEU D 433 -7.91 -11.48 43.07
CA LEU D 433 -9.14 -11.43 43.86
C LEU D 433 -9.82 -10.07 43.75
N SER D 434 -9.03 -8.99 43.76
CA SER D 434 -9.64 -7.66 43.59
C SER D 434 -10.32 -7.54 42.24
N ASN D 435 -9.67 -8.00 41.16
CA ASN D 435 -10.32 -8.02 39.86
C ASN D 435 -11.61 -8.84 39.90
N LEU D 436 -11.54 -10.06 40.46
CA LEU D 436 -12.73 -10.91 40.54
C LEU D 436 -13.85 -10.21 41.31
N ALA D 437 -13.50 -9.50 42.39
CA ALA D 437 -14.52 -8.82 43.19
C ALA D 437 -15.22 -7.74 42.38
N ALA D 438 -14.46 -6.98 41.59
CA ALA D 438 -15.07 -5.95 40.75
C ALA D 438 -15.94 -6.55 39.65
N VAL D 439 -15.49 -7.63 39.02
CA VAL D 439 -16.28 -8.25 37.97
C VAL D 439 -17.62 -8.73 38.51
N HIS D 440 -17.61 -9.37 39.68
CA HIS D 440 -18.80 -10.02 40.21
C HIS D 440 -19.55 -9.17 41.23
N ASN D 441 -19.00 -8.00 41.58
CA ASN D 441 -19.61 -7.10 42.57
C ASN D 441 -19.64 -7.70 43.97
N THR D 442 -18.49 -8.18 44.42
CA THR D 442 -18.33 -8.60 45.81
C THR D 442 -17.28 -7.71 46.45
N ASP D 443 -17.15 -7.85 47.78
CA ASP D 443 -16.00 -7.30 48.48
C ASP D 443 -14.80 -8.22 48.26
N TYR D 444 -13.60 -7.66 48.42
CA TYR D 444 -12.40 -8.49 48.36
C TYR D 444 -12.42 -9.58 49.43
N GLN D 445 -12.86 -9.25 50.64
CA GLN D 445 -12.76 -10.20 51.74
C GLN D 445 -13.69 -11.39 51.55
N TYR D 446 -14.83 -11.19 50.89
CA TYR D 446 -15.72 -12.31 50.56
C TYR D 446 -14.98 -13.42 49.83
N LEU D 447 -14.15 -13.05 48.86
CA LEU D 447 -13.42 -14.05 48.09
C LEU D 447 -12.18 -14.54 48.84
N LYS D 448 -11.45 -13.62 49.50
CA LYS D 448 -10.29 -14.04 50.26
C LYS D 448 -10.66 -15.04 51.35
N ASP D 449 -11.78 -14.80 52.04
CA ASP D 449 -12.20 -15.74 53.08
C ASP D 449 -12.44 -17.13 52.52
N ARG D 450 -12.75 -17.23 51.22
CA ARG D 450 -13.06 -18.52 50.61
C ARG D 450 -11.89 -19.14 49.86
N LEU D 451 -10.76 -18.47 49.80
CA LEU D 451 -9.62 -18.98 49.04
C LEU D 451 -8.87 -20.04 49.82
N VAL D 452 -8.49 -21.11 49.14
CA VAL D 452 -7.71 -22.19 49.72
C VAL D 452 -6.31 -22.25 49.11
N ASP D 453 -6.22 -22.27 47.78
CA ASP D 453 -4.94 -22.50 47.11
C ASP D 453 -4.94 -21.87 45.73
N VAL D 454 -3.74 -21.50 45.27
CA VAL D 454 -3.56 -20.85 43.97
C VAL D 454 -2.46 -21.58 43.21
N HIS D 455 -2.69 -21.79 41.92
CA HIS D 455 -1.69 -22.32 40.99
C HIS D 455 -1.70 -21.43 39.75
N SER D 456 -0.52 -21.02 39.29
CA SER D 456 -0.44 -20.14 38.12
C SER D 456 0.63 -20.65 37.17
N TRP D 457 0.47 -20.30 35.89
CA TRP D 457 1.33 -20.85 34.85
C TRP D 457 1.48 -19.84 33.73
N ASP D 458 2.71 -19.69 33.26
CA ASP D 458 3.05 -18.79 32.16
C ASP D 458 3.68 -19.64 31.05
N TRP D 459 2.93 -19.88 29.98
CA TRP D 459 3.47 -20.71 28.90
C TRP D 459 4.60 -20.00 28.14
N ASN D 460 4.78 -18.71 28.34
CA ASN D 460 5.86 -17.94 27.74
C ASN D 460 7.08 -17.82 28.65
N HIS D 461 7.08 -18.55 29.77
CA HIS D 461 8.22 -18.68 30.67
CA HIS D 461 8.27 -18.70 30.61
C HIS D 461 8.35 -20.17 31.00
N ASN D 462 8.57 -20.98 29.97
CA ASN D 462 8.58 -22.43 30.06
C ASN D 462 9.50 -22.97 28.98
N PRO D 463 10.66 -23.50 29.34
CA PRO D 463 11.61 -23.95 28.32
C PRO D 463 11.08 -25.04 27.40
N LEU D 464 10.08 -25.80 27.83
CA LEU D 464 9.55 -26.88 27.00
C LEU D 464 8.59 -26.38 25.93
N THR D 465 8.10 -25.14 26.01
CA THR D 465 7.20 -24.60 24.99
C THR D 465 7.70 -23.29 24.40
N MET D 466 8.31 -22.42 25.20
CA MET D 466 8.88 -21.16 24.73
C MET D 466 7.81 -20.33 24.02
N GLY D 467 6.66 -20.23 24.67
CA GLY D 467 5.48 -19.65 24.08
C GLY D 467 4.31 -20.58 24.30
N ALA D 468 3.09 -20.05 24.24
CA ALA D 468 1.93 -20.90 24.42
C ALA D 468 1.65 -21.72 23.17
N PHE D 469 1.75 -21.12 21.99
CA PHE D 469 1.38 -21.78 20.75
C PHE D 469 1.72 -20.82 19.60
N ALA D 470 1.73 -21.38 18.40
CA ALA D 470 1.89 -20.56 17.19
C ALA D 470 0.77 -19.53 17.11
N PHE D 471 1.12 -18.30 16.76
CA PHE D 471 0.18 -17.19 16.57
C PHE D 471 0.86 -16.27 15.55
N PHE D 472 0.68 -16.60 14.28
CA PHE D 472 1.49 -16.02 13.21
C PHE D 472 1.18 -14.54 13.01
N GLY D 473 2.23 -13.79 12.67
CA GLY D 473 2.07 -12.43 12.23
C GLY D 473 1.69 -12.36 10.77
N PRO D 474 1.36 -11.17 10.31
CA PRO D 474 1.06 -11.01 8.87
C PRO D 474 2.24 -11.49 8.04
N GLY D 475 1.92 -12.19 6.95
CA GLY D 475 2.93 -12.68 6.04
C GLY D 475 3.48 -14.05 6.35
N ASP D 476 3.36 -14.50 7.60
CA ASP D 476 3.95 -15.78 7.97
C ASP D 476 3.38 -16.93 7.15
N PHE D 477 2.05 -17.01 7.05
CA PHE D 477 1.46 -18.12 6.31
C PHE D 477 1.84 -18.09 4.83
N GLN D 478 1.83 -16.90 4.22
CA GLN D 478 2.03 -16.81 2.78
CA GLN D 478 2.04 -16.85 2.78
C GLN D 478 3.50 -17.02 2.39
N ASP D 479 4.44 -16.65 3.26
CA ASP D 479 5.85 -16.60 2.93
C ASP D 479 6.66 -17.80 3.44
N LEU D 480 6.45 -18.23 4.69
CA LEU D 480 7.36 -19.15 5.35
C LEU D 480 6.75 -20.48 5.76
N TYR D 481 5.44 -20.54 5.92
CA TYR D 481 4.79 -21.75 6.44
C TYR D 481 5.07 -22.96 5.57
N THR D 482 4.97 -22.82 4.24
CA THR D 482 5.07 -24.02 3.41
C THR D 482 6.45 -24.65 3.49
N SER D 483 7.49 -23.86 3.81
CA SER D 483 8.84 -24.41 3.80
C SER D 483 8.99 -25.54 4.80
N LEU D 484 8.28 -25.49 5.92
CA LEU D 484 8.43 -26.52 6.94
C LEU D 484 7.51 -27.72 6.72
N ASN D 485 6.65 -27.67 5.70
CA ASN D 485 5.94 -28.88 5.30
C ASN D 485 6.73 -29.70 4.29
N ARG D 486 7.84 -29.23 3.86
CA ARG D 486 8.71 -30.16 3.17
C ARG D 486 9.83 -30.60 4.11
N PRO D 487 10.34 -31.82 3.93
CA PRO D 487 11.33 -32.35 4.87
C PRO D 487 12.68 -31.64 4.74
N ALA D 488 13.51 -31.89 5.74
CA ALA D 488 14.92 -31.55 5.69
C ALA D 488 15.72 -32.86 5.74
N ALA D 489 17.05 -32.71 5.80
CA ALA D 489 17.96 -33.84 5.99
C ALA D 489 17.76 -34.90 4.91
N ASN D 490 17.82 -34.47 3.64
CA ASN D 490 17.69 -35.38 2.50
C ASN D 490 16.41 -36.21 2.62
N GLY D 491 15.34 -35.57 3.06
CA GLY D 491 14.04 -36.21 3.16
C GLY D 491 13.78 -36.95 4.44
N LYS D 492 14.70 -36.91 5.41
CA LYS D 492 14.62 -37.76 6.59
C LYS D 492 14.25 -37.03 7.87
N LEU D 493 14.09 -35.71 7.85
CA LEU D 493 13.61 -34.97 9.01
C LEU D 493 12.26 -34.35 8.63
N HIS D 494 11.22 -34.67 9.40
CA HIS D 494 9.86 -34.19 9.15
C HIS D 494 9.43 -33.31 10.32
N PHE D 495 8.99 -32.09 9.99
CA PHE D 495 8.55 -31.13 10.99
C PHE D 495 7.06 -31.31 11.26
N ALA D 496 6.69 -31.37 12.54
CA ALA D 496 5.30 -31.48 12.94
C ALA D 496 5.10 -30.73 14.26
N GLY D 497 3.94 -30.94 14.88
CA GLY D 497 3.47 -30.12 15.97
C GLY D 497 2.48 -29.07 15.48
N GLU D 498 1.71 -28.51 16.42
CA GLU D 498 0.56 -27.69 16.05
C GLU D 498 0.92 -26.47 15.19
N ALA D 499 2.15 -25.98 15.30
CA ALA D 499 2.56 -24.86 14.46
C ALA D 499 2.44 -25.19 12.98
N LEU D 500 2.66 -26.45 12.62
CA LEU D 500 2.58 -26.92 11.23
C LEU D 500 1.15 -27.34 10.90
N SER D 501 0.23 -26.39 11.08
CA SER D 501 -1.18 -26.59 10.78
C SER D 501 -1.81 -25.22 10.59
N VAL D 502 -3.08 -25.21 10.18
CA VAL D 502 -3.88 -24.01 10.12
C VAL D 502 -4.92 -23.97 11.25
N ARG D 503 -4.69 -24.77 12.30
CA ARG D 503 -5.49 -24.77 13.52
C ARG D 503 -4.56 -24.57 14.71
N HIS D 504 -3.82 -23.47 14.67
CA HIS D 504 -2.93 -23.11 15.76
C HIS D 504 -3.69 -23.04 17.07
N ALA D 505 -3.05 -23.49 18.14
CA ALA D 505 -3.60 -23.45 19.48
C ALA D 505 -4.78 -24.40 19.64
N TRP D 506 -4.85 -25.44 18.80
CA TRP D 506 -5.82 -26.51 18.94
C TRP D 506 -5.15 -27.86 18.86
N VAL D 507 -5.71 -28.83 19.59
CA VAL D 507 -5.26 -30.21 19.47
C VAL D 507 -5.35 -30.69 18.04
N VAL D 508 -6.43 -30.32 17.31
CA VAL D 508 -6.56 -30.81 15.94
C VAL D 508 -5.39 -30.35 15.09
N GLY D 509 -4.82 -29.17 15.39
CA GLY D 509 -3.66 -28.73 14.64
C GLY D 509 -2.48 -29.68 14.80
N ALA D 510 -2.24 -30.13 16.03
CA ALA D 510 -1.20 -31.12 16.28
C ALA D 510 -1.50 -32.43 15.55
N LEU D 511 -2.76 -32.88 15.58
CA LEU D 511 -3.11 -34.11 14.88
C LEU D 511 -2.90 -33.97 13.38
N ASP D 512 -3.33 -32.85 12.79
CA ASP D 512 -3.13 -32.63 11.37
C ASP D 512 -1.64 -32.67 11.01
N SER D 513 -0.80 -32.05 11.83
CA SER D 513 0.64 -32.01 11.55
C SER D 513 1.24 -33.41 11.57
N ALA D 514 0.73 -34.27 12.45
CA ALA D 514 1.21 -35.64 12.52
C ALA D 514 0.78 -36.45 11.31
N TRP D 515 -0.48 -36.27 10.87
CA TRP D 515 -0.93 -36.89 9.63
C TRP D 515 -0.01 -36.53 8.47
N ARG D 516 0.32 -35.25 8.33
CA ARG D 516 1.16 -34.83 7.20
C ARG D 516 2.57 -35.38 7.34
N ALA D 517 3.10 -35.45 8.57
CA ALA D 517 4.45 -35.97 8.77
C ALA D 517 4.53 -37.47 8.44
N VAL D 518 3.55 -38.25 8.90
CA VAL D 518 3.54 -39.67 8.57
C VAL D 518 3.28 -39.87 7.08
N TYR D 519 2.41 -39.04 6.49
CA TYR D 519 2.19 -39.10 5.06
C TYR D 519 3.49 -38.94 4.29
N ASN D 520 4.26 -37.90 4.61
CA ASN D 520 5.51 -37.68 3.90
C ASN D 520 6.49 -38.83 4.14
N TYR D 521 6.56 -39.31 5.38
CA TYR D 521 7.42 -40.44 5.70
C TYR D 521 7.05 -41.65 4.86
N LEU D 522 5.77 -42.03 4.83
CA LEU D 522 5.35 -43.18 4.04
C LEU D 522 5.59 -42.94 2.56
N TYR D 523 5.33 -41.72 2.11
CA TYR D 523 5.51 -41.40 0.69
C TYR D 523 6.93 -41.70 0.23
N VAL D 524 7.93 -41.36 1.05
CA VAL D 524 9.30 -41.54 0.60
C VAL D 524 9.91 -42.89 0.94
N THR D 525 9.34 -43.65 1.88
CA THR D 525 9.93 -44.93 2.28
C THR D 525 9.10 -46.15 1.91
N ASP D 526 7.76 -46.08 1.98
CA ASP D 526 6.91 -47.24 1.71
C ASP D 526 5.56 -46.77 1.20
N PRO D 527 5.50 -46.26 -0.03
CA PRO D 527 4.22 -45.75 -0.54
C PRO D 527 3.15 -46.83 -0.68
N ALA D 528 3.54 -48.11 -0.69
CA ALA D 528 2.51 -49.16 -0.77
C ALA D 528 1.61 -49.15 0.46
N LYS D 529 2.03 -48.51 1.54
CA LYS D 529 1.21 -48.41 2.74
C LYS D 529 0.23 -47.23 2.69
N LEU D 530 0.28 -46.40 1.66
CA LEU D 530 -0.62 -45.24 1.64
C LEU D 530 -2.09 -45.64 1.64
N PRO D 531 -2.54 -46.63 0.85
CA PRO D 531 -3.98 -46.97 0.89
C PRO D 531 -4.48 -47.30 2.30
N LYS D 532 -3.74 -48.13 3.05
CA LYS D 532 -4.18 -48.44 4.40
C LYS D 532 -4.13 -47.22 5.29
N PHE D 533 -3.10 -46.38 5.14
CA PHE D 533 -3.01 -45.12 5.88
C PHE D 533 -4.23 -44.25 5.60
N PHE D 534 -4.61 -44.10 4.33
CA PHE D 534 -5.80 -43.32 4.00
C PHE D 534 -7.05 -43.92 4.62
N GLU D 535 -7.19 -45.26 4.56
CA GLU D 535 -8.39 -45.91 5.09
C GLU D 535 -8.52 -45.68 6.59
N LEU D 536 -7.42 -45.81 7.33
CA LEU D 536 -7.50 -45.72 8.78
C LEU D 536 -7.52 -44.28 9.28
N TRP D 537 -6.80 -43.37 8.63
CA TRP D 537 -6.54 -42.05 9.19
C TRP D 537 -6.96 -40.92 8.27
N GLY D 538 -7.61 -41.21 7.16
CA GLY D 538 -8.18 -40.20 6.30
C GLY D 538 -7.33 -39.95 5.07
N LYS D 539 -8.02 -39.61 3.96
CA LYS D 539 -7.37 -39.34 2.68
C LYS D 539 -6.68 -37.98 2.67
N ASN D 540 -7.09 -37.08 3.56
CA ASN D 540 -6.58 -35.72 3.64
C ASN D 540 -6.49 -35.31 5.10
N ALA D 541 -5.56 -34.41 5.40
CA ALA D 541 -5.47 -33.89 6.76
C ALA D 541 -6.75 -33.13 7.14
N GLU D 542 -7.14 -32.15 6.31
CA GLU D 542 -8.18 -31.18 6.63
C GLU D 542 -9.48 -31.35 5.84
N TRP D 543 -9.41 -31.64 4.54
CA TRP D 543 -10.62 -31.79 3.74
C TRP D 543 -11.61 -32.73 4.42
N PHE D 544 -12.88 -32.33 4.45
CA PHE D 544 -13.90 -33.06 5.20
C PHE D 544 -14.13 -34.45 4.60
N GLU D 545 -14.62 -35.35 5.45
CA GLU D 545 -15.01 -36.68 5.01
C GLU D 545 -16.46 -36.68 4.54
PA FDA E . 13.59 14.21 -22.69
O1A FDA E . 12.25 14.07 -22.05
O2A FDA E . 14.29 12.99 -23.20
O5B FDA E . 14.58 14.95 -21.68
C5B FDA E . 14.08 15.92 -20.72
C4B FDA E . 14.90 15.80 -19.45
O4B FDA E . 14.41 16.73 -18.45
C3B FDA E . 14.87 14.42 -18.76
O3B FDA E . 16.18 13.96 -18.45
C2B FDA E . 14.04 14.65 -17.49
O2B FDA E . 14.42 13.83 -16.41
C1B FDA E . 14.38 16.11 -17.18
N9A FDA E . 13.42 16.84 -16.38
C8A FDA E . 12.05 16.71 -16.37
N7A FDA E . 11.47 17.54 -15.55
C5A FDA E . 12.51 18.27 -14.98
C6A FDA E . 12.55 19.31 -14.04
N6A FDA E . 11.47 19.84 -13.47
N1A FDA E . 13.77 19.81 -13.70
C2A FDA E . 14.85 19.28 -14.28
N3A FDA E . 14.94 18.30 -15.18
C4A FDA E . 13.72 17.84 -15.49
N1 FDA E . 12.75 8.65 -31.18
C2 FDA E . 13.50 8.08 -32.17
O2 FDA E . 14.34 8.73 -32.77
N3 FDA E . 13.24 6.75 -32.47
C4 FDA E . 12.29 5.97 -31.84
O4 FDA E . 12.16 4.80 -32.16
C4X FDA E . 11.51 6.60 -30.85
N5 FDA E . 10.51 5.93 -30.20
C5X FDA E . 9.94 6.44 -29.05
C6 FDA E . 9.08 5.67 -28.28
C7 FDA E . 8.58 6.15 -27.10
C7M FDA E . 7.66 5.29 -26.27
C8 FDA E . 8.94 7.47 -26.67
C8M FDA E . 8.40 8.04 -25.38
C9 FDA E . 9.78 8.23 -27.44
C9A FDA E . 10.28 7.73 -28.64
N10 FDA E . 11.09 8.53 -29.50
C10 FDA E . 11.78 7.95 -30.52
C1' FDA E . 11.22 9.99 -29.27
C2' FDA E . 12.48 10.36 -28.48
O2' FDA E . 12.66 9.45 -27.42
C3' FDA E . 12.29 11.77 -27.93
O3' FDA E . 11.76 12.64 -28.95
C4' FDA E . 13.55 12.42 -27.37
O4' FDA E . 14.30 11.47 -26.61
C5' FDA E . 13.21 13.58 -26.47
O5' FDA E . 14.41 14.25 -25.99
P FDA E . 14.28 15.64 -25.20
O1P FDA E . 15.67 16.00 -24.80
O2P FDA E . 13.44 16.60 -25.98
O3P FDA E . 13.43 15.24 -23.90
H51A FDA E . 14.16 16.84 -21.08
H52A FDA E . 13.13 15.74 -20.52
H4B FDA E . 15.83 16.03 -19.66
H3B FDA E . 14.40 13.77 -19.35
HO3A FDA E . 16.61 13.86 -19.17
H2B FDA E . 13.09 14.54 -17.70
HO2A FDA E . 14.33 13.03 -16.64
H1B FDA E . 15.23 16.14 -16.70
H8A FDA E . 11.55 16.06 -16.91
H61A FDA E . 11.55 20.51 -12.87
H62A FDA E . 10.65 19.53 -13.70
H2A FDA E . 15.70 19.66 -14.00
HN1 FDA E . 12.90 9.51 -30.99
HN3 FDA E . 13.74 6.38 -33.11
HN5 FDA E . 10.22 5.15 -30.54
H6 FDA E . 8.84 4.78 -28.57
HM71 FDA E . 6.71 5.53 -26.46
HM72 FDA E . 7.84 5.43 -25.31
HM73 FDA E . 7.80 4.33 -26.49
HM81 FDA E . 8.98 7.76 -24.63
HM82 FDA E . 7.48 7.70 -25.22
HM83 FDA E . 8.38 9.03 -25.43
H9 FDA E . 10.02 9.12 -27.15
H1'1 FDA E . 11.23 10.46 -30.14
H1'2 FDA E . 10.42 10.30 -28.77
H2' FDA E . 13.28 10.31 -29.06
HO2' FDA E . 13.40 9.61 -27.04
H3' FDA E . 11.62 11.70 -27.20
H4' FDA E . 14.12 12.71 -28.12
HO4' FDA E . 15.05 11.78 -26.38
H5'1 FDA E . 12.68 13.27 -25.70
H5'2 FDA E . 12.66 14.24 -26.97
OH ALY F . 2.56 10.00 -32.47
CH ALY F . 3.47 10.68 -32.96
CH3 ALY F . 3.58 12.22 -32.89
NZ ALY F . 4.46 10.08 -33.63
CE ALY F . 4.59 8.64 -33.83
CD ALY F . 5.74 8.34 -34.75
CG ALY F . 6.62 7.17 -34.35
CB ALY F . 6.98 7.08 -32.88
CA ALY F . 8.36 6.50 -32.63
N ALY F . 9.40 7.32 -33.25
C ALY F . 8.48 5.10 -33.23
O ALY F . 9.33 4.88 -34.09
OXT ALY F . 7.68 4.27 -32.78
H2 ALY F . 10.21 6.97 -33.17
HH31 ALY F . 4.39 12.57 -33.29
HH32 ALY F . 3.57 12.57 -31.99
HH33 ALY F . 2.86 12.69 -33.34
HZ ALY F . 5.07 10.57 -33.98
HE3 ALY F . 3.77 8.28 -34.18
HE2 ALY F . 4.73 8.21 -32.96
HD3 ALY F . 6.30 9.14 -34.82
HD2 ALY F . 5.39 8.18 -35.65
HG3 ALY F . 7.43 7.22 -34.88
HG2 ALY F . 6.17 6.36 -34.63
HB3 ALY F . 6.33 6.55 -32.41
HB2 ALY F . 6.94 7.97 -32.47
HA ALY F . 8.43 6.44 -31.67
H ALY F . 9.10 7.89 -33.83
S SO4 G . -1.11 -7.04 -46.32
O1 SO4 G . -0.95 -7.96 -47.50
O2 SO4 G . -0.91 -5.63 -46.79
O3 SO4 G . -0.11 -7.32 -45.25
O4 SO4 G . -2.46 -7.21 -45.70
S SO4 H . 23.98 35.24 -5.67
O1 SO4 H . 23.97 36.49 -6.48
O2 SO4 H . 23.74 34.05 -6.55
O3 SO4 H . 25.32 35.03 -5.03
O4 SO4 H . 22.89 35.32 -4.63
S SO4 I . -2.35 -3.08 -47.88
O1 SO4 I . -0.89 -2.85 -47.62
O2 SO4 I . -2.49 -3.81 -49.19
O3 SO4 I . -2.93 -3.90 -46.77
O4 SO4 I . -3.10 -1.78 -47.94
S SO4 J . 5.60 37.45 -15.66
O1 SO4 J . 7.04 37.48 -16.05
O2 SO4 J . 5.03 38.84 -15.72
O3 SO4 J . 4.81 36.56 -16.58
O4 SO4 J . 5.54 36.92 -14.27
S SO4 K . 13.56 -3.74 -43.00
O1 SO4 K . 13.65 -2.97 -44.28
O2 SO4 K . 12.14 -4.14 -42.77
O3 SO4 K . 14.43 -4.96 -43.10
O4 SO4 K . 14.04 -2.88 -41.88
S SO4 L . -8.58 -19.56 -34.28
O1 SO4 L . -7.45 -19.77 -35.25
O2 SO4 L . -9.83 -19.23 -35.03
O3 SO4 L . -8.81 -20.82 -33.49
O4 SO4 L . -8.22 -18.44 -33.36
S SO4 M . 4.72 -26.83 -24.57
O1 SO4 M . 5.84 -26.61 -25.54
O2 SO4 M . 3.45 -27.09 -25.34
O3 SO4 M . 5.05 -28.02 -23.71
O4 SO4 M . 4.54 -25.62 -23.70
S SO4 N . -6.91 -23.99 -35.98
O1 SO4 N . -6.13 -22.83 -36.54
O2 SO4 N . -8.30 -23.55 -35.67
O3 SO4 N . -6.95 -25.10 -36.98
O4 SO4 N . -6.23 -24.47 -34.74
S SO4 O . 18.43 48.65 -17.53
O1 SO4 O . 19.26 49.27 -18.62
O2 SO4 O . 16.99 48.66 -17.93
O3 SO4 O . 18.89 47.25 -17.32
O4 SO4 O . 18.61 49.41 -16.25
C1 PGR P . 12.03 8.17 -17.59
C2 PGR P . 12.72 7.85 -16.27
C3 PGR P . 13.07 6.36 -16.21
O1 PGR P . 11.33 9.38 -17.47
O2 PGR P . 13.88 8.63 -16.05
H11 PGR P . 12.71 8.22 -18.29
H12 PGR P . 11.45 7.43 -17.82
H2 PGR P . 12.11 8.07 -15.56
H31 PGR P . 12.29 5.81 -16.42
H32 PGR P . 13.36 6.11 -15.31
H33 PGR P . 13.77 6.14 -16.83
HO1 PGR P . 11.54 9.88 -18.14
HO2 PGR P . 14.05 8.63 -15.21
C1 PGO Q . 20.64 28.28 -48.38
C2 PGO Q . 21.01 27.53 -47.11
C3 PGO Q . 21.17 28.46 -45.93
O1 PGO Q . 19.27 28.14 -48.60
O2 PGO Q . 22.18 26.79 -47.35
H11 PGO Q . 20.89 29.21 -48.28
H12 PGO Q . 21.17 27.93 -49.12
H2 PGO Q . 20.27 26.92 -46.94
H31 PGO Q . 20.73 28.10 -45.15
H32 PGO Q . 20.79 29.33 -46.12
H33 PGO Q . 22.11 28.60 -45.72
HO1 PGO Q . 19.16 27.87 -49.40
HO2 PGO Q . 22.04 26.28 -48.01
C1 PGR R . 0.54 1.32 -32.67
C2 PGR R . 2.00 1.43 -33.11
C3 PGR R . 2.82 1.51 -31.83
O1 PGR R . 0.42 0.21 -31.82
O2 PGR R . 2.42 0.40 -33.97
H11 PGR R . 0.29 2.14 -32.23
H12 PGR R . -0.02 1.24 -33.46
H2 PGR R . 2.12 2.21 -33.67
H31 PGR R . 3.02 0.61 -31.49
H32 PGR R . 2.34 1.99 -31.13
H33 PGR R . 3.66 1.96 -31.98
HO1 PGR R . -0.41 0.01 -31.77
HO2 PGR R . 2.26 0.65 -34.76
C1 PGO S . 5.85 4.81 -15.65
C2 PGO S . 6.04 5.20 -14.19
C3 PGO S . 7.00 6.38 -14.06
O1 PGO S . 5.00 3.71 -15.79
O2 PGO S . 6.49 4.11 -13.43
H11 PGO S . 5.52 5.58 -16.12
H12 PGO S . 6.74 4.61 -16.02
H2 PGO S . 5.15 5.45 -13.89
H31 PGO S . 6.53 7.17 -13.75
H32 PGO S . 7.70 6.18 -13.43
H33 PGO S . 7.41 6.59 -14.91
HO1 PGO S . 5.46 3.01 -15.69
HO2 PGO S . 6.39 4.29 -12.61
C1 PGR T . 2.20 35.48 -32.46
C2 PGR T . 0.69 35.34 -32.58
C3 PGR T . -0.06 36.64 -32.53
O1 PGR T . 2.75 34.19 -32.33
O2 PGR T . 0.37 34.57 -33.74
H11 PGR T . 2.54 35.93 -33.25
H12 PGR T . 2.41 36.05 -31.70
H2 PGR T . 0.37 34.85 -31.80
H31 PGR T . -0.90 36.59 -33.02
H32 PGR T . 0.47 37.37 -32.92
H33 PGR T . -0.27 36.90 -31.62
HO1 PGR T . 2.84 34.03 -31.49
HO2 PGR T . -0.35 34.87 -34.06
PA FDA U . -19.57 2.11 -13.01
O1A FDA U . -18.19 2.23 -13.56
O2A FDA U . -20.01 3.04 -11.93
O5B FDA U . -19.80 0.62 -12.48
C5B FDA U . -19.15 -0.53 -13.07
C4B FDA U . -18.88 -1.54 -11.97
O4B FDA U . -18.19 -2.69 -12.54
C3B FDA U . -17.99 -1.05 -10.82
O3B FDA U . -18.58 -1.38 -9.57
C2B FDA U . -16.68 -1.81 -11.03
O2B FDA U . -15.96 -2.11 -9.84
C1B FDA U . -17.17 -3.10 -11.67
N9A FDA U . -16.20 -3.83 -12.45
C8A FDA U . -15.19 -3.32 -13.22
N7A FDA U . -14.49 -4.26 -13.82
C5A FDA U . -15.08 -5.45 -13.41
C6A FDA U . -14.81 -6.80 -13.69
N6A FDA U . -13.83 -7.19 -14.51
N1A FDA U . -15.59 -7.73 -13.11
C2A FDA U . -16.57 -7.33 -12.31
N3A FDA U . -16.94 -6.09 -11.97
C4A FDA U . -16.13 -5.19 -12.56
N1 FDA U . -22.78 11.77 -13.02
C2 FDA U . -23.74 12.59 -12.50
O2 FDA U . -24.93 12.29 -12.59
N3 FDA U . -23.32 13.74 -11.87
C4 FDA U . -21.99 14.13 -11.77
O4 FDA U . -21.70 15.16 -11.17
C4X FDA U . -21.03 13.29 -12.33
N5 FDA U . -19.70 13.61 -12.32
C5X FDA U . -18.73 12.68 -12.61
C6 FDA U . -17.40 12.94 -12.35
C7 FDA U . -16.43 12.00 -12.56
C7M FDA U . -14.99 12.31 -12.25
C8 FDA U . -16.83 10.70 -13.04
C8M FDA U . -15.78 9.63 -13.27
C9 FDA U . -18.15 10.45 -13.29
C9A FDA U . -19.12 11.43 -13.09
N10 FDA U . -20.49 11.21 -13.41
C10 FDA U . -21.44 12.09 -12.94
C1' FDA U . -20.89 10.02 -14.20
C2' FDA U . -21.36 8.85 -13.35
O2' FDA U . -20.52 8.71 -12.23
C3' FDA U . -21.31 7.59 -14.22
O3' FDA U . -21.89 7.86 -15.51
C4' FDA U . -22.01 6.37 -13.61
O4' FDA U . -21.71 6.34 -12.21
C5' FDA U . -21.56 5.09 -14.26
O5' FDA U . -22.32 3.95 -13.76
P FDA U . -22.13 2.52 -14.47
O1P FDA U . -22.94 1.52 -13.73
O2P FDA U . -22.36 2.68 -15.94
O3P FDA U . -20.57 2.24 -14.26
H51A FDA U . -18.30 -0.25 -13.50
H52A FDA U . -19.73 -0.93 -13.77
H4B FDA U . -19.75 -1.84 -11.61
H3B FDA U . -17.83 -0.08 -10.90
HO3A FDA U . -19.33 -0.98 -9.51
H2B FDA U . -16.12 -1.26 -11.63
HO2A FDA U . -15.62 -1.41 -9.54
H1B FDA U . -17.49 -3.70 -10.96
H8A FDA U . -15.00 -2.37 -13.33
H61A FDA U . -13.30 -6.58 -14.90
H62A FDA U . -13.69 -8.07 -14.65
H2A FDA U . -17.11 -8.04 -11.91
HN1 FDA U . -23.05 11.01 -13.42
HN3 FDA U . -23.94 14.28 -11.52
HN5 FDA U . -19.47 14.46 -12.11
H6 FDA U . -17.14 13.82 -12.01
HM71 FDA U . -14.88 13.29 -12.14
HM72 FDA U . -14.72 11.86 -11.42
HM73 FDA U . -14.41 12.00 -12.99
HM81 FDA U . -15.61 9.15 -12.43
HM82 FDA U . -16.10 9.00 -13.96
HM83 FDA U . -14.94 10.05 -13.58
H9 FDA U . -18.40 9.57 -13.62
H1'1 FDA U . -20.10 9.73 -14.74
H1'2 FDA U . -21.61 10.28 -14.82
H2' FDA U . -22.28 9.00 -13.00
HO2' FDA U . -20.88 8.22 -11.65
H3' FDA U . -20.36 7.36 -14.35
H4' FDA U . -22.99 6.44 -13.72
HO4' FDA U . -22.14 5.73 -11.82
H5'1 FDA U . -20.60 4.94 -14.08
H5'2 FDA U . -21.69 5.15 -15.25
OH ALY V . -16.91 14.61 -20.93
CH ALY V . -18.08 14.27 -21.05
CH3 ALY V . -18.59 13.20 -22.07
NZ ALY V . -19.00 14.87 -20.28
CE ALY V . -18.69 15.88 -19.27
CD ALY V . -19.96 16.47 -18.69
CG ALY V . -19.94 16.73 -17.19
CB ALY V . -19.29 15.66 -16.34
CA ALY V . -19.94 15.50 -14.97
N ALY V . -21.31 15.03 -15.10
C ALY V . -19.98 16.82 -14.19
O ALY V . -21.06 17.25 -13.76
OXT ALY V . -18.88 17.38 -13.99
H2 ALY V . -21.53 15.22 -14.27
HH31 ALY V . -19.51 12.92 -21.91
HH32 ALY V . -18.08 12.38 -22.04
HH33 ALY V . -18.56 13.49 -22.98
HZ ALY V . -19.82 14.64 -20.37
HE3 ALY V . -18.16 16.59 -19.68
HE2 ALY V . -18.15 15.48 -18.57
HD3 ALY V . -20.70 15.87 -18.88
HD2 ALY V . -20.15 17.30 -19.15
HG3 ALY V . -20.85 16.88 -16.90
HG2 ALY V . -19.48 17.58 -17.05
HB3 ALY V . -18.35 15.85 -16.21
HB2 ALY V . -19.33 14.80 -16.79
HA ALY V . -19.35 14.89 -14.49
H ALY V . -21.56 14.91 -15.92
S SO4 W . -17.73 37.21 -17.38
O1 SO4 W . -16.33 37.52 -17.82
O2 SO4 W . -18.53 36.68 -18.53
O3 SO4 W . -17.68 36.15 -16.31
O4 SO4 W . -18.40 38.46 -16.90
S SO4 X . -19.34 35.71 -21.24
O1 SO4 X . -19.97 37.03 -21.58
O2 SO4 X . -20.10 35.07 -20.10
O3 SO4 X . -19.34 34.81 -22.43
O4 SO4 X . -17.92 35.94 -20.83
S SO4 Y . -16.81 -15.93 -31.06
O1 SO4 Y . -16.68 -14.45 -31.27
O2 SO4 Y . -16.58 -16.64 -32.35
O3 SO4 Y . -18.19 -16.27 -30.57
O4 SO4 Y . -15.81 -16.37 -30.03
S SO4 Z . -27.13 27.66 -8.75
O1 SO4 Z . -27.91 27.73 -10.02
O2 SO4 Z . -27.79 28.49 -7.70
O3 SO4 Z . -27.07 26.23 -8.31
O4 SO4 Z . -25.76 28.23 -8.98
S SO4 AA . -8.55 35.10 7.63
O1 SO4 AA . -8.27 35.07 6.15
O2 SO4 AA . -9.54 36.18 7.92
O3 SO4 AA . -9.11 33.79 8.06
O4 SO4 AA . -7.27 35.37 8.38
S SO4 BA . -26.78 -10.49 -0.45
O1 SO4 BA . -25.75 -10.91 -1.44
O2 SO4 BA . -28.15 -10.65 -1.05
O3 SO4 BA . -26.68 -11.37 0.77
O4 SO4 BA . -26.56 -9.07 -0.05
S SO4 CA . -1.91 39.84 -9.21
O1 SO4 CA . -2.45 39.82 -10.61
O2 SO4 CA . -3.02 40.28 -8.28
O3 SO4 CA . -1.44 38.46 -8.85
O4 SO4 CA . -0.78 40.81 -9.08
S SO4 DA . -2.23 42.84 -5.72
O1 SO4 DA . -1.45 42.94 -7.00
O2 SO4 DA . -3.65 42.49 -6.03
O3 SO4 DA . -1.62 41.78 -4.85
O4 SO4 DA . -2.18 44.16 -5.02
S SO4 EA . -10.76 43.95 -19.18
O1 SO4 EA . -10.15 45.12 -19.88
O2 SO4 EA . -12.23 43.93 -19.44
O3 SO4 EA . -10.14 42.68 -19.68
O4 SO4 EA . -10.49 44.09 -17.71
S SO4 FA . -2.42 34.05 8.58
O1 SO4 FA . -1.30 34.92 8.11
O2 SO4 FA . -3.74 34.73 8.36
O3 SO4 FA . -2.37 32.75 7.82
O4 SO4 FA . -2.25 33.75 10.05
S SO4 GA . 5.06 32.61 0.21
O1 SO4 GA . 4.83 32.61 -1.27
O2 SO4 GA . 3.77 32.40 0.95
O3 SO4 GA . 6.00 31.49 0.57
O4 SO4 GA . 5.66 33.93 0.61
S SO4 HA . -7.67 5.79 -0.87
O1 SO4 HA . -7.38 4.35 -1.20
O2 SO4 HA . -6.42 6.59 -1.10
O3 SO4 HA . -8.75 6.24 -1.81
O4 SO4 HA . -8.07 5.96 0.57
C1 PGO IA . -44.55 6.76 -28.31
C2 PGO IA . -44.90 6.07 -27.01
C3 PGO IA . -46.40 5.88 -26.87
O1 PGO IA . -44.70 8.15 -28.16
O2 PGO IA . -44.37 6.86 -25.98
H11 PGO IA . -45.12 6.41 -29.02
H12 PGO IA . -43.63 6.52 -28.55
H2 PGO IA . -44.49 5.19 -27.02
H31 PGO IA . -46.66 4.96 -27.06
H32 PGO IA . -46.69 6.09 -25.97
H33 PGO IA . -46.88 6.46 -27.49
HO1 PGO IA . -45.08 8.45 -28.87
HO2 PGO IA . -44.72 6.59 -25.24
C1 PGR JA . -12.90 21.47 -16.57
C2 PGR JA . -14.24 21.24 -15.87
C3 PGR JA . -14.03 20.20 -14.78
O1 PGR JA . -11.94 21.86 -15.62
O2 PGR JA . -14.82 22.43 -15.40
H11 PGR JA . -13.02 22.15 -17.25
H12 PGR JA . -12.64 20.66 -17.02
H2 PGR JA . -14.89 20.91 -16.51
H31 PGR JA . -14.84 19.68 -14.64
H32 PGR JA . -13.32 19.59 -15.02
H33 PGR JA . -13.79 20.61 -13.94
HO1 PGR JA . -11.24 22.11 -16.04
HO2 PGR JA . -14.97 22.94 -16.07
C1 PGR KA . -24.84 -1.83 -37.96
C2 PGR KA . -23.79 -1.37 -38.95
C3 PGR KA . -23.75 -2.23 -40.20
O1 PGR KA . -24.29 -1.77 -36.67
O2 PGR KA . -23.95 0.00 -39.26
H11 PGR KA . -25.12 -2.73 -38.19
H12 PGR KA . -25.62 -1.27 -38.05
H2 PGR KA . -22.93 -1.46 -38.52
H31 PGR KA . -23.23 -1.81 -40.90
H32 PGR KA . -24.65 -2.36 -40.55
H33 PGR KA . -23.38 -3.10 -40.01
HO1 PGR KA . -24.60 -1.08 -36.28
HO2 PGR KA . -24.31 0.39 -38.60
PA FDA LA . 12.12 3.05 35.71
O1A FDA LA . 11.39 1.77 35.43
O2A FDA LA . 13.59 3.12 35.50
O5B FDA LA . 11.80 3.52 37.20
C5B FDA LA . 10.52 3.21 37.81
C4B FDA LA . 10.75 2.96 39.29
O4B FDA LA . 9.48 2.60 39.92
C3B FDA LA . 11.73 1.85 39.65
O3B FDA LA . 12.69 2.29 40.62
C2B FDA LA . 10.82 0.74 40.20
O2B FDA LA . 11.46 -0.07 41.18
C1B FDA LA . 9.69 1.53 40.84
N9A FDA LA . 8.43 0.86 41.00
C8A FDA LA . 7.84 -0.07 40.19
N7A FDA LA . 6.67 -0.46 40.63
C5A FDA LA . 6.47 0.27 41.80
C6A FDA LA . 5.42 0.31 42.73
N6A FDA LA . 4.31 -0.41 42.63
N1A FDA LA . 5.56 1.15 43.79
C2A FDA LA . 6.68 1.87 43.89
N3A FDA LA . 7.72 1.93 43.07
C4A FDA LA . 7.56 1.08 42.03
N1 FDA LA . 18.26 4.34 27.64
C2 FDA LA . 19.34 5.06 27.18
O2 FDA LA . 19.37 6.27 27.28
N3 FDA LA . 20.34 4.35 26.58
C4 FDA LA . 20.35 2.97 26.41
O4 FDA LA . 21.32 2.43 25.88
C4X FDA LA . 19.24 2.26 26.87
N5 FDA LA . 19.14 0.91 26.71
C5X FDA LA . 18.19 0.17 27.40
C6 FDA LA . 18.25 -1.21 27.40
C7 FDA LA . 17.35 -1.94 28.13
C7M FDA LA . 17.44 -3.45 28.13
C8 FDA LA . 16.33 -1.27 28.88
C8M FDA LA . 15.33 -2.05 29.68
C9 FDA LA . 16.28 0.10 28.86
C9A FDA LA . 17.20 0.85 28.12
N10 FDA LA . 17.13 2.26 28.04
C10 FDA LA . 18.20 2.97 27.52
C1' FDA LA . 15.93 2.97 28.50
C2' FDA LA . 16.10 3.56 29.89
O2' FDA LA . 16.73 2.64 30.75
C3' FDA LA . 14.70 3.86 30.43
O3' FDA LA . 13.90 4.56 29.45
C4' FDA LA . 14.67 4.68 31.72
O4' FDA LA . 15.67 4.25 32.62
C5' FDA LA . 13.32 4.58 32.40
O5' FDA LA . 13.25 5.43 33.56
P FDA LA . 11.84 5.64 34.29
O1P FDA LA . 12.11 6.53 35.46
O2P FDA LA . 10.82 5.99 33.27
O3P FDA LA . 11.45 4.17 34.79
H51A FDA LA . 9.89 3.96 37.69
H52A FDA LA . 10.14 2.40 37.40
H4B FDA LA . 11.05 3.82 39.69
H3B FDA LA . 12.20 1.53 38.84
HO3A FDA LA . 13.15 2.89 40.27
H2B FDA LA . 10.50 0.19 39.45
HO2A FDA LA . 12.12 -0.45 40.83
H1B FDA LA . 9.98 1.83 41.74
H8A FDA LA . 8.24 -0.43 39.37
H61A FDA LA . 4.20 -0.96 41.94
H62A FDA LA . 3.67 -0.34 43.27
H2A FDA LA . 6.73 2.46 44.67
HN1 FDA LA . 17.59 4.79 28.04
HN3 FDA LA . 21.05 4.81 26.26
HN5 FDA LA . 19.71 0.50 26.15
H6 FDA LA . 18.94 -1.67 26.90
HM71 FDA LA . 16.53 -3.84 28.14
HM72 FDA LA . 17.90 -3.75 27.31
HM73 FDA LA . 17.93 -3.76 28.93
HM81 FDA LA . 14.97 -2.79 29.13
HM82 FDA LA . 15.75 -2.42 30.49
HM83 FDA LA . 14.58 -1.46 29.95
H9 FDA LA . 15.58 0.56 29.37
H1'1 FDA LA . 15.16 2.34 28.51
H1'2 FDA LA . 15.72 3.70 27.87
H2' FDA LA . 16.68 4.36 29.89
HO2' FDA LA . 16.96 3.02 31.46
H3' FDA LA . 14.28 2.98 30.58
H4' FDA LA . 14.87 5.63 31.48
HO4' FDA LA . 15.72 4.76 33.29
H5'1 FDA LA . 12.61 4.83 31.75
H5'2 FDA LA . 13.16 3.64 32.67
OH ALY MA . 12.13 -0.84 21.07
CH ALY MA . 12.11 0.38 21.26
CH3 ALY MA . 10.83 1.20 21.57
NZ ALY MA . 13.25 1.09 21.21
CE ALY MA . 14.57 0.53 20.95
CD ALY MA . 15.63 1.61 20.82
CG ALY MA . 16.97 1.30 21.46
CB ALY MA . 16.92 0.64 22.83
CA ALY MA . 18.08 1.09 23.71
N ALY MA . 18.01 2.53 23.94
C ALY MA . 19.42 0.78 23.07
O ALY MA . 20.23 1.69 22.86
OXT ALY MA . 19.61 -0.41 22.77
H2 ALY MA . 18.79 2.85 24.23
HH31 ALY MA . 11.01 2.13 21.81
HH32 ALY MA . 10.31 0.85 22.31
HH33 ALY MA . 10.21 1.25 20.83
HZ ALY MA . 13.21 1.94 21.35
HE3 ALY MA . 14.54 0.00 20.14
HE2 ALY MA . 14.81 -0.07 21.67
HD3 ALY MA . 15.27 2.44 21.20
HD2 ALY MA . 15.77 1.79 19.88
HG3 ALY MA . 17.46 2.14 21.53
HG2 ALY MA . 17.47 0.74 20.85
HB3 ALY MA . 16.95 -0.33 22.74
HB2 ALY MA . 16.08 0.84 23.28
HA ALY MA . 18.00 0.57 24.52
H ALY MA . 17.35 2.92 23.56
S SO4 NA . 24.02 -2.67 3.83
O1 SO4 NA . 25.07 -2.56 2.76
O2 SO4 NA . 22.72 -2.12 3.31
O3 SO4 NA . 23.84 -4.11 4.19
O4 SO4 NA . 24.45 -1.89 5.04
S SO4 OA . -13.04 6.30 39.75
O1 SO4 OA . -12.48 5.95 38.41
O2 SO4 OA . -13.75 7.61 39.65
O3 SO4 OA . -14.00 5.24 40.19
O4 SO4 OA . -11.92 6.41 40.74
S SO4 PA . 45.44 2.40 34.15
O1 SO4 PA . 44.40 2.04 35.17
O2 SO4 PA . 44.92 3.44 33.21
O3 SO4 PA . 46.66 2.92 34.85
O4 SO4 PA . 45.82 1.18 33.37
S SO4 QA . 31.40 5.04 16.54
O1 SO4 QA . 31.05 6.31 15.81
O2 SO4 QA . 30.96 3.85 15.73
O3 SO4 QA . 32.88 4.98 16.76
O4 SO4 QA . 30.72 5.04 17.88
S SO4 RA . 27.71 -4.78 5.25
O1 SO4 RA . 28.82 -4.37 4.35
O2 SO4 RA . 26.50 -3.97 4.91
O3 SO4 RA . 27.41 -6.24 5.06
O4 SO4 RA . 28.05 -4.58 6.70
S SO4 SA . 31.57 -22.75 9.35
O1 SO4 SA . 32.67 -21.90 8.79
O2 SO4 SA . 30.30 -21.95 9.45
O3 SO4 SA . 31.33 -23.92 8.44
O4 SO4 SA . 31.96 -23.24 10.72
S SO4 TA . 36.13 -22.45 8.20
O1 SO4 TA . 36.75 -21.11 7.94
O2 SO4 TA . 35.37 -22.88 6.97
O3 SO4 TA . 37.21 -23.46 8.49
O4 SO4 TA . 35.21 -22.37 9.37
S SO4 UA . 34.27 -28.45 21.02
O1 SO4 UA . 33.37 -28.45 19.82
O2 SO4 UA . 33.50 -28.79 22.25
O3 SO4 UA . 35.37 -29.46 20.83
O4 SO4 UA . 34.89 -27.10 21.17
S SO4 VA . 36.71 12.33 24.68
O1 SO4 VA . 37.25 11.77 23.40
O2 SO4 VA . 35.32 12.82 24.45
O3 SO4 VA . 36.73 11.26 25.72
O4 SO4 VA . 37.55 13.48 25.16
S SO4 WA . -2.44 4.13 57.80
O1 SO4 WA . -1.98 2.77 58.27
O2 SO4 WA . -2.94 4.93 58.95
O3 SO4 WA . -3.53 3.97 56.77
O4 SO4 WA . -1.26 4.83 57.18
S SO4 XA . 44.55 -17.32 21.34
O1 SO4 XA . 45.62 -16.78 20.43
O2 SO4 XA . 43.20 -17.09 20.75
O3 SO4 XA . 44.75 -18.80 21.52
O4 SO4 XA . 44.64 -16.63 22.67
S SO4 YA . 43.05 -22.86 23.63
O1 SO4 YA . 42.73 -23.41 22.27
O2 SO4 YA . 41.80 -22.85 24.45
O3 SO4 YA . 44.08 -23.71 24.30
O4 SO4 YA . 43.60 -21.47 23.48
S SO4 ZA . 26.65 -12.36 41.92
O1 SO4 ZA . 26.96 -12.26 40.45
O2 SO4 ZA . 25.29 -12.97 42.11
O3 SO4 ZA . 27.67 -13.25 42.57
O4 SO4 ZA . 26.69 -11.00 42.55
S SO4 AB . -16.27 21.30 47.28
O1 SO4 AB . -16.13 20.19 46.29
O2 SO4 AB . -17.13 22.37 46.70
O3 SO4 AB . -16.91 20.76 48.53
O4 SO4 AB . -14.92 21.86 47.60
C1 PGR BB . 15.39 -4.05 38.10
C2 PGR BB . 15.73 -4.43 39.55
C3 PGR BB . 17.21 -4.78 39.66
O1 PGR BB . 14.00 -3.88 37.95
O2 PGR BB . 15.37 -3.42 40.47
H11 PGR BB . 15.74 -4.74 37.52
H12 PGR BB . 15.88 -3.24 37.88
H2 PGR BB . 15.18 -5.20 39.77
H31 PGR BB . 17.41 -5.08 40.56
H32 PGR BB . 17.44 -5.49 39.05
H33 PGR BB . 17.76 -4.00 39.46
HO1 PGR BB . 13.87 -3.35 37.30
HO2 PGR BB . 14.84 -3.76 41.04
C1 PGR CB . 18.39 -6.49 18.32
C2 PGR CB . 19.21 -5.40 18.99
C3 PGR CB . 19.41 -5.81 20.45
O1 PGR CB . 18.98 -7.73 18.62
O2 PGR CB . 20.43 -5.15 18.34
H11 PGR CB . 18.38 -6.31 17.36
H12 PGR CB . 17.48 -6.43 18.61
H2 PGR CB . 18.75 -4.55 18.95
H31 PGR CB . 20.27 -6.25 20.57
H32 PGR CB . 18.72 -6.43 20.73
H33 PGR CB . 19.37 -5.04 21.04
HO1 PGR CB . 18.61 -8.31 18.13
HO2 PGR CB . 20.25 -4.85 17.55
C1 PGR DB . -8.77 12.57 23.77
C2 PGR DB . -9.36 11.49 22.86
C3 PGR DB . -10.87 11.47 22.93
O1 PGR DB . -7.63 12.05 24.43
O2 PGR DB . -8.89 11.62 21.53
H11 PGR DB . -8.53 13.34 23.22
H12 PGR DB . -9.44 12.86 24.39
H2 PGR DB . -9.05 10.63 23.18
H31 PGR DB . -11.18 10.93 23.68
H32 PGR DB . -11.25 11.10 22.12
H33 PGR DB . -11.23 12.37 23.05
HO1 PGR DB . -6.94 12.23 23.97
HO2 PGR DB . -8.05 11.50 21.53
C1 PGO EB . 14.37 -10.89 35.44
C2 PGO EB . 14.42 -10.80 36.95
C3 PGO EB . 14.48 -12.14 37.65
O1 PGO EB . 15.40 -11.74 34.97
O2 PGO EB . 13.29 -10.07 37.37
H11 PGO EB . 13.50 -11.22 35.17
H12 PGO EB . 14.47 -10.00 35.07
H2 PGO EB . 15.25 -10.35 37.13
H31 PGO EB . 15.40 -12.42 37.82
H32 PGO EB . 14.06 -12.84 37.10
H33 PGO EB . 14.01 -12.11 38.49
HO1 PGO EB . 15.03 -12.34 34.50
HO2 PGO EB . 13.23 -10.15 38.22
PA FDA FB . 3.43 -30.12 22.83
O1A FDA FB . 4.19 -28.89 23.21
O2A FDA FB . 2.18 -30.46 23.56
O5B FDA FB . 4.41 -31.39 22.90
C5B FDA FB . 5.82 -31.23 22.63
C4B FDA FB . 6.58 -32.19 23.53
O4B FDA FB . 8.01 -32.02 23.31
C3B FDA FB . 6.38 -32.00 25.03
O3B FDA FB . 6.09 -33.24 25.67
C2B FDA FB . 7.70 -31.41 25.52
O2B FDA FB . 8.05 -31.74 26.84
C1B FDA FB . 8.69 -32.04 24.55
N9A FDA FB . 9.94 -31.35 24.37
C8A FDA FB . 10.17 -30.00 24.40
N7A FDA FB . 11.44 -29.71 24.18
C5A FDA FB . 12.06 -30.94 24.00
C6A FDA FB . 13.39 -31.32 23.73
N6A FDA FB . 14.38 -30.45 23.57
N1A FDA FB . 13.65 -32.64 23.60
C2A FDA FB . 12.65 -33.51 23.75
N3A FDA FB . 11.36 -33.28 24.00
C4A FDA FB . 11.14 -31.96 24.11
N1 FDA FB . -6.28 -27.09 22.23
C2 FDA FB . -7.58 -27.57 22.19
O2 FDA FB . -7.89 -28.45 21.41
N3 FDA FB . -8.48 -27.00 23.05
C4 FDA FB . -8.18 -25.98 23.95
O4 FDA FB . -9.07 -25.56 24.70
C4X FDA FB . -6.87 -25.51 23.96
N5 FDA FB . -6.49 -24.50 24.79
C5X FDA FB . -5.17 -24.19 25.01
C6 FDA FB . -4.80 -23.33 26.03
C7 FDA FB . -3.49 -23.07 26.30
C7M FDA FB . -3.11 -22.12 27.40
C8 FDA FB . -2.48 -23.72 25.52
C8M FDA FB . -1.01 -23.46 25.78
C9 FDA FB . -2.84 -24.58 24.51
C9A FDA FB . -4.19 -24.83 24.23
N10 FDA FB . -4.60 -25.67 23.17
C10 FDA FB . -5.92 -26.09 23.10
C1' FDA FB . -3.63 -26.11 22.15
C2' FDA FB . -3.12 -27.52 22.39
O2' FDA FB . -2.81 -27.76 23.73
C3' FDA FB . -1.83 -27.68 21.56
O3' FDA FB . -2.01 -27.21 20.23
C4' FDA FB . -1.26 -29.11 21.51
O4' FDA FB . -1.35 -29.69 22.81
C5' FDA FB . 0.18 -29.10 21.05
O5' FDA FB . 0.65 -30.46 20.89
P FDA FB . 2.08 -30.70 20.23
O1P FDA FB . 2.35 -32.16 20.23
O2P FDA FB . 2.18 -29.90 18.96
O3P FDA FB . 3.07 -30.00 21.27
H51A FDA FB . 6.02 -31.43 21.68
H52A FDA FB . 6.11 -30.30 22.82
H4B FDA FB . 6.34 -33.11 23.27
H3B FDA FB . 5.65 -31.35 25.19
HO3A FDA FB . 5.36 -33.52 25.38
H2B FDA FB . 7.67 -30.43 25.42
HO2A FDA FB . 7.45 -31.48 27.37
H1B FDA FB . 8.88 -32.97 24.85
H8A FDA FB . 9.50 -29.32 24.55
H61A FDA FB . 14.22 -29.56 23.64
H62A FDA FB . 15.21 -30.75 23.40
H2A FDA FB . 12.89 -34.45 23.65
HN1 FDA FB . -5.68 -27.47 21.66
HN3 FDA FB . -9.32 -27.32 23.02
HN5 FDA FB . -7.13 -24.00 25.19
H6 FDA FB . -5.50 -22.88 26.55
HM71 FDA FB . -2.65 -21.34 27.03
HM72 FDA FB . -3.93 -21.83 27.88
HM73 FDA FB . -2.52 -22.58 28.05
HM81 FDA FB . -0.90 -22.53 26.11
HM82 FDA FB . -0.49 -23.59 24.96
HM83 FDA FB . -0.69 -24.08 26.49
H9 FDA FB . -2.16 -25.03 23.98
H1'1 FDA FB . -2.86 -25.49 22.17
H1'2 FDA FB . -4.04 -26.05 21.26
H2' FDA FB . -3.82 -28.18 22.14
HO2' FDA FB . -2.79 -28.59 23.87
H3' FDA FB . -1.15 -27.11 21.99
H4' FDA FB . -1.79 -29.66 20.88
HO4' FDA FB . -1.11 -30.49 22.78
H5'1 FDA FB . 0.74 -28.63 21.71
H5'2 FDA FB . 0.26 -28.62 20.19
OH ALY GB . -4.13 -17.37 19.54
CH ALY GB . -4.34 -18.28 18.74
CH3 ALY GB . -3.43 -18.60 17.51
NZ ALY GB . -5.43 -19.05 18.91
CE ALY GB . -6.38 -18.87 20.01
CD ALY GB . -7.59 -19.77 19.86
CG ALY GB . -8.11 -20.44 21.12
CB ALY GB . -7.10 -21.03 22.08
CA ALY GB . -7.64 -22.27 22.80
N ALY GB . -7.93 -23.33 21.83
C ALY GB . -8.89 -21.94 23.59
O ALY GB . -9.92 -22.60 23.29
OXT ALY GB . -8.87 -21.06 24.44
H2 ALY GB . -8.29 -24.09 22.11
HH31 ALY GB . -3.69 -19.41 17.04
HH32 ALY GB . -2.50 -18.75 17.75
HH33 ALY GB . -3.41 -17.91 16.85
HZ ALY GB . -5.59 -19.68 18.34
HE3 ALY GB . -6.65 -17.95 20.05
HE2 ALY GB . -5.92 -19.07 20.84
HD3 ALY GB . -7.37 -20.46 19.21
HD2 ALY GB . -8.30 -19.25 19.46
HG3 ALY GB . -8.73 -21.13 20.84
HG2 ALY GB . -8.65 -19.77 21.59
HB3 ALY GB . -6.84 -20.38 22.75
HB2 ALY GB . -6.28 -21.26 21.61
HA ALY GB . -6.95 -22.54 23.43
H ALY GB . -7.24 -23.68 21.47
S SO4 HB . -23.61 -8.45 25.25
O1 SO4 HB . -22.84 -8.55 23.97
O2 SO4 HB . -25.06 -8.18 24.96
O3 SO4 HB . -23.46 -9.73 26.01
O4 SO4 HB . -23.06 -7.33 26.08
S SO4 IB . -18.29 9.95 14.47
O1 SO4 IB . -18.91 8.88 13.64
O2 SO4 IB . -19.30 11.03 14.70
O3 SO4 IB . -17.86 9.35 15.78
O4 SO4 IB . -17.10 10.52 13.76
S SO4 JB . -22.15 -7.66 20.33
O1 SO4 JB . -22.64 -6.81 19.21
O2 SO4 JB . -22.10 -6.87 21.59
O3 SO4 JB . -23.08 -8.83 20.49
O4 SO4 JB . -20.78 -8.15 19.99
S SO4 KB . 23.83 -27.99 7.46
O1 SO4 KB . 24.77 -27.54 6.38
O2 SO4 KB . 22.72 -27.00 7.60
O3 SO4 KB . 23.29 -29.35 7.10
O4 SO4 KB . 24.57 -28.12 8.77
S SO4 LB . -22.86 -23.27 25.14
O1 SO4 LB . -22.28 -22.24 24.21
O2 SO4 LB . -24.10 -23.84 24.53
O3 SO4 LB . -21.87 -24.36 25.38
O4 SO4 LB . -23.20 -22.61 26.45
S SO4 MB . -19.31 -0.77 41.25
O1 SO4 MB . -19.22 0.62 41.81
O2 SO4 MB . -18.51 -0.86 39.98
O3 SO4 MB . -18.74 -1.72 42.25
O4 SO4 MB . -20.75 -1.11 40.97
S SO4 NB . -23.59 -1.23 44.14
O1 SO4 NB . -24.26 -1.91 42.97
O2 SO4 NB . -24.24 0.09 44.39
O3 SO4 NB . -23.73 -2.09 45.36
O4 SO4 NB . -22.14 -1.05 43.83
S SO4 OB . -13.12 -5.53 51.66
O1 SO4 OB . -11.65 -5.27 51.66
O2 SO4 OB . -13.79 -4.77 50.55
O3 SO4 OB . -13.34 -6.99 51.46
O4 SO4 OB . -13.71 -5.12 52.98
S SO4 PB . -24.69 -35.37 26.85
O1 SO4 PB . -23.61 -35.85 25.93
O2 SO4 PB . -25.17 -34.01 26.41
O3 SO4 PB . -25.82 -36.35 26.79
O4 SO4 PB . -24.18 -35.29 28.26
S SO4 QB . 26.29 -43.59 -0.79
O1 SO4 QB . 26.86 -44.53 -1.80
O2 SO4 QB . 25.74 -42.38 -1.49
O3 SO4 QB . 25.20 -44.28 -0.01
O4 SO4 QB . 27.38 -43.17 0.16
S SO4 RB . -19.61 -13.77 54.23
O1 SO4 RB . -18.22 -14.30 54.10
O2 SO4 RB . -19.71 -12.45 53.52
O3 SO4 RB . -20.59 -14.73 53.62
O4 SO4 RB . -19.92 -13.58 55.69
S SO4 SB . -23.30 -17.13 50.39
O1 SO4 SB . -22.67 -16.29 49.32
O2 SO4 SB . -24.76 -17.27 50.09
O3 SO4 SB . -22.66 -18.49 50.42
O4 SO4 SB . -23.10 -16.46 51.71
S SO4 TB . -4.13 -5.52 44.20
O1 SO4 TB . -4.13 -4.91 42.84
O2 SO4 TB . -5.41 -6.29 44.39
O3 SO4 TB . -2.93 -6.43 44.38
O4 SO4 TB . -4.07 -4.41 45.20
C1 PGO UB . -10.27 -35.68 -3.47
C2 PGO UB . -9.62 -36.62 -2.48
C3 PGO UB . -10.57 -37.04 -1.37
O1 PGO UB . -11.30 -34.96 -2.82
O2 PGO UB . -8.45 -36.01 -1.97
H11 PGO UB . -10.61 -36.19 -4.22
H12 PGO UB . -9.59 -35.07 -3.83
H2 PGO UB . -9.38 -37.40 -2.99
H31 PGO UB . -10.80 -36.28 -0.81
H32 PGO UB . -11.40 -37.40 -1.74
H33 PGO UB . -10.17 -37.73 -0.82
HO1 PGO UB . -11.74 -34.56 -3.43
HO2 PGO UB . -7.91 -36.63 -1.74
C1 PGR VB . -8.47 -13.78 26.19
C2 PGR VB . -9.23 -15.09 26.01
C3 PGR VB . -8.67 -16.11 27.01
O1 PGR VB . -8.73 -13.25 27.46
O2 PGR VB . -10.63 -14.92 26.12
H11 PGR VB . -8.73 -13.17 25.48
H12 PGR VB . -7.52 -13.95 26.06
H2 PGR VB . -9.10 -15.43 25.11
H31 PGR VB . -9.32 -16.29 27.71
H32 PGR VB . -8.46 -16.94 26.57
H33 PGR VB . -7.86 -15.78 27.43
HO1 PGR VB . -8.75 -12.40 27.40
HO2 PGR VB . -10.94 -14.96 25.34
C1 PGR WB . 10.01 -21.89 -0.83
C2 PGR WB . 10.17 -20.37 -0.89
C3 PGR WB . 10.98 -19.94 -2.09
O1 PGR WB . 9.37 -22.21 0.38
O2 PGR WB . 8.90 -19.76 -0.82
H11 PGR WB . 9.49 -22.18 -1.60
H12 PGR WB . 10.87 -22.31 -0.91
H2 PGR WB . 10.68 -20.08 -0.13
H31 PGR WB . 10.57 -19.17 -2.52
H32 PGR WB . 11.88 -19.67 -1.82
H33 PGR WB . 11.05 -20.65 -2.74
HO1 PGR WB . 8.53 -22.26 0.24
HO2 PGR WB . 8.46 -20.14 -0.19
#